data_1WIE
#
_entry.id   1WIE
#
_entity_poly.entity_id   1
_entity_poly.type   'polypeptide(L)'
_entity_poly.pdbx_seq_one_letter_code
;GSSGSSGTSKQRYSGKVHLCVARYSYNPFDGPNENPEAELPLTAGKYLYVYGDMDEDGFYEGELLDGQRGLVPSNFVDFV
QDNESRLASTSGPSSG
;
_entity_poly.pdbx_strand_id   A
#
# COMPACT_ATOMS: atom_id res chain seq x y z
N GLY A 1 -12.46 7.68 10.96
CA GLY A 1 -11.67 7.84 9.75
C GLY A 1 -12.56 7.84 8.51
N SER A 2 -11.93 7.73 7.36
CA SER A 2 -12.65 7.72 6.10
C SER A 2 -13.55 8.95 6.00
N SER A 3 -12.96 10.03 5.52
CA SER A 3 -13.70 11.28 5.37
C SER A 3 -14.48 11.27 4.06
N GLY A 4 -13.76 11.00 2.97
CA GLY A 4 -14.38 10.96 1.66
C GLY A 4 -14.06 12.22 0.86
N SER A 5 -14.91 12.51 -0.11
CA SER A 5 -14.72 13.67 -0.94
C SER A 5 -13.55 13.46 -1.90
N SER A 6 -12.36 13.41 -1.32
CA SER A 6 -11.15 13.21 -2.10
C SER A 6 -10.92 14.41 -3.01
N GLY A 7 -9.67 14.55 -3.45
CA GLY A 7 -9.30 15.64 -4.33
C GLY A 7 -7.88 15.46 -4.85
N THR A 8 -6.95 15.31 -3.93
CA THR A 8 -5.55 15.13 -4.28
C THR A 8 -4.76 14.60 -3.09
N SER A 9 -3.72 13.84 -3.40
CA SER A 9 -2.87 13.26 -2.36
C SER A 9 -2.44 14.36 -1.38
N LYS A 10 -3.05 14.33 -0.20
CA LYS A 10 -2.73 15.31 0.82
C LYS A 10 -1.48 14.86 1.58
N GLN A 11 -1.63 13.77 2.32
CA GLN A 11 -0.53 13.23 3.08
C GLN A 11 -0.41 11.72 2.87
N ARG A 12 0.82 11.26 2.75
CA ARG A 12 1.08 9.84 2.53
C ARG A 12 1.32 9.14 3.87
N TYR A 13 0.49 9.48 4.85
CA TYR A 13 0.61 8.89 6.17
C TYR A 13 -0.59 9.27 7.04
N SER A 14 -1.78 9.05 6.48
CA SER A 14 -3.01 9.36 7.19
C SER A 14 -4.21 9.16 6.27
N GLY A 15 -3.99 9.44 5.00
CA GLY A 15 -5.04 9.29 4.01
C GLY A 15 -5.49 7.84 3.89
N LYS A 16 -6.59 7.64 3.17
CA LYS A 16 -7.13 6.31 2.97
C LYS A 16 -5.97 5.33 2.73
N VAL A 17 -6.22 4.07 3.05
CA VAL A 17 -5.22 3.03 2.87
C VAL A 17 -5.75 1.98 1.90
N HIS A 18 -4.82 1.33 1.23
CA HIS A 18 -5.17 0.29 0.28
C HIS A 18 -4.54 -1.04 0.69
N LEU A 19 -5.31 -2.10 0.52
CA LEU A 19 -4.84 -3.43 0.87
C LEU A 19 -4.31 -4.13 -0.39
N CYS A 20 -3.04 -4.47 -0.35
CA CYS A 20 -2.39 -5.14 -1.47
C CYS A 20 -1.89 -6.49 -0.98
N VAL A 21 -1.69 -7.39 -1.95
CA VAL A 21 -1.21 -8.72 -1.64
C VAL A 21 0.06 -9.00 -2.44
N ALA A 22 1.17 -9.04 -1.73
CA ALA A 22 2.46 -9.28 -2.36
C ALA A 22 2.28 -10.30 -3.50
N ARG A 23 2.68 -9.88 -4.69
CA ARG A 23 2.57 -10.75 -5.85
C ARG A 23 3.76 -11.70 -5.93
N TYR A 24 4.88 -11.26 -5.36
CA TYR A 24 6.08 -12.07 -5.36
C TYR A 24 6.95 -11.76 -4.13
N SER A 25 7.25 -12.80 -3.38
CA SER A 25 8.07 -12.66 -2.18
C SER A 25 9.25 -11.74 -2.48
N TYR A 26 9.32 -10.66 -1.71
CA TYR A 26 10.39 -9.70 -1.87
C TYR A 26 11.10 -9.43 -0.54
N ASN A 27 12.38 -9.07 -0.64
CA ASN A 27 13.17 -8.79 0.54
C ASN A 27 14.18 -7.69 0.23
N PRO A 28 13.98 -6.52 0.88
CA PRO A 28 14.87 -5.38 0.68
C PRO A 28 16.21 -5.60 1.39
N PHE A 29 16.15 -6.33 2.49
CA PHE A 29 17.35 -6.62 3.26
C PHE A 29 18.05 -7.87 2.73
N ASP A 30 17.92 -8.09 1.44
CA ASP A 30 18.54 -9.24 0.79
C ASP A 30 19.64 -8.76 -0.15
N GLY A 31 19.60 -7.47 -0.46
CA GLY A 31 20.57 -6.88 -1.35
C GLY A 31 21.46 -5.87 -0.60
N PRO A 32 22.35 -5.20 -1.37
CA PRO A 32 23.25 -4.21 -0.80
C PRO A 32 22.51 -2.92 -0.46
N ASN A 33 21.21 -2.92 -0.76
CA ASN A 33 20.38 -1.76 -0.49
C ASN A 33 20.78 -1.15 0.85
N GLU A 34 21.23 0.10 0.79
CA GLU A 34 21.65 0.80 1.99
C GLU A 34 20.42 1.32 2.75
N ASN A 35 19.26 1.13 2.14
CA ASN A 35 18.02 1.57 2.76
C ASN A 35 16.95 0.48 2.58
N PRO A 36 17.26 -0.71 3.14
CA PRO A 36 16.34 -1.84 3.05
C PRO A 36 15.15 -1.66 3.98
N GLU A 37 15.43 -1.02 5.12
CA GLU A 37 14.39 -0.78 6.11
C GLU A 37 13.30 0.12 5.53
N ALA A 38 13.71 0.95 4.59
CA ALA A 38 12.78 1.86 3.94
C ALA A 38 11.64 1.07 3.31
N GLU A 39 12.02 0.03 2.58
CA GLU A 39 11.05 -0.82 1.91
C GLU A 39 10.48 -1.84 2.90
N LEU A 40 9.69 -2.76 2.36
CA LEU A 40 9.08 -3.80 3.18
C LEU A 40 9.24 -5.15 2.48
N PRO A 41 9.51 -6.20 3.31
CA PRO A 41 9.69 -7.54 2.79
C PRO A 41 8.34 -8.16 2.39
N LEU A 42 8.02 -8.01 1.12
CA LEU A 42 6.77 -8.54 0.60
C LEU A 42 6.84 -10.07 0.57
N THR A 43 5.70 -10.69 0.80
CA THR A 43 5.62 -12.14 0.81
C THR A 43 4.44 -12.61 -0.06
N ALA A 44 4.78 -13.11 -1.24
CA ALA A 44 3.78 -13.60 -2.16
C ALA A 44 2.62 -14.22 -1.36
N GLY A 45 1.46 -13.62 -1.51
CA GLY A 45 0.27 -14.10 -0.81
C GLY A 45 -0.09 -13.17 0.36
N LYS A 46 0.94 -12.79 1.10
CA LYS A 46 0.75 -11.92 2.25
C LYS A 46 0.10 -10.62 1.78
N TYR A 47 -0.43 -9.87 2.75
CA TYR A 47 -1.08 -8.61 2.45
C TYR A 47 -0.44 -7.47 3.24
N LEU A 48 -0.74 -6.25 2.81
CA LEU A 48 -0.20 -5.07 3.46
C LEU A 48 -1.14 -3.89 3.24
N TYR A 49 -0.96 -2.86 4.06
CA TYR A 49 -1.79 -1.68 3.96
C TYR A 49 -0.96 -0.46 3.56
N VAL A 50 -1.15 -0.03 2.32
CA VAL A 50 -0.42 1.12 1.80
C VAL A 50 -1.30 2.37 1.90
N TYR A 51 -0.87 3.28 2.75
CA TYR A 51 -1.61 4.52 2.95
C TYR A 51 -1.31 5.52 1.83
N GLY A 52 -2.36 6.24 1.44
CA GLY A 52 -2.24 7.22 0.37
C GLY A 52 -2.14 6.55 -0.99
N ASP A 53 -1.15 6.97 -1.77
CA ASP A 53 -0.94 6.42 -3.08
C ASP A 53 0.55 6.47 -3.43
N MET A 54 0.84 6.24 -4.70
CA MET A 54 2.21 6.26 -5.17
C MET A 54 3.02 7.35 -4.47
N ASP A 55 4.27 7.03 -4.18
CA ASP A 55 5.16 7.96 -3.52
C ASP A 55 5.92 8.78 -4.56
N GLU A 56 6.67 9.76 -4.07
CA GLU A 56 7.44 10.61 -4.96
C GLU A 56 8.45 9.79 -5.74
N ASP A 57 8.85 8.67 -5.15
CA ASP A 57 9.80 7.78 -5.78
C ASP A 57 9.06 6.79 -6.68
N GLY A 58 7.85 6.45 -6.26
CA GLY A 58 7.04 5.51 -7.02
C GLY A 58 6.84 4.21 -6.24
N PHE A 59 6.71 4.35 -4.94
CA PHE A 59 6.51 3.20 -4.07
C PHE A 59 5.27 3.37 -3.19
N TYR A 60 4.87 2.27 -2.58
CA TYR A 60 3.71 2.28 -1.71
C TYR A 60 4.11 2.08 -0.26
N GLU A 61 3.63 3.00 0.59
CA GLU A 61 3.93 2.93 2.01
C GLU A 61 3.11 1.82 2.68
N GLY A 62 3.28 0.61 2.16
CA GLY A 62 2.58 -0.54 2.69
C GLY A 62 2.93 -0.76 4.16
N GLU A 63 1.93 -1.16 4.94
CA GLU A 63 2.13 -1.41 6.35
C GLU A 63 1.93 -2.91 6.65
N LEU A 64 3.05 -3.61 6.72
CA LEU A 64 3.01 -5.04 6.99
C LEU A 64 1.99 -5.31 8.09
N LEU A 65 1.46 -6.52 8.07
CA LEU A 65 0.47 -6.92 9.05
C LEU A 65 1.10 -6.92 10.44
N ASP A 66 2.42 -6.91 10.45
CA ASP A 66 3.17 -6.90 11.70
C ASP A 66 3.29 -5.46 12.19
N GLY A 67 2.96 -4.54 11.31
CA GLY A 67 3.03 -3.12 11.65
C GLY A 67 4.21 -2.45 10.95
N GLN A 68 4.98 -3.27 10.23
CA GLN A 68 6.13 -2.77 9.50
C GLN A 68 5.70 -1.72 8.47
N ARG A 69 6.28 -0.54 8.59
CA ARG A 69 5.98 0.54 7.68
C ARG A 69 7.19 0.86 6.80
N GLY A 70 6.98 0.76 5.50
CA GLY A 70 8.04 1.04 4.54
C GLY A 70 7.50 1.12 3.12
N LEU A 71 8.41 1.33 2.18
CA LEU A 71 8.03 1.43 0.78
C LEU A 71 7.60 0.05 0.26
N VAL A 72 6.92 0.06 -0.87
CA VAL A 72 6.43 -1.17 -1.47
C VAL A 72 6.19 -0.94 -2.96
N PRO A 73 6.84 -1.80 -3.79
CA PRO A 73 6.70 -1.69 -5.23
C PRO A 73 5.34 -2.24 -5.68
N SER A 74 4.66 -1.44 -6.50
CA SER A 74 3.35 -1.82 -7.01
C SER A 74 3.50 -2.96 -8.02
N ASN A 75 4.75 -3.27 -8.33
CA ASN A 75 5.05 -4.33 -9.28
C ASN A 75 5.19 -5.66 -8.53
N PHE A 76 5.08 -5.57 -7.21
CA PHE A 76 5.20 -6.75 -6.37
C PHE A 76 4.01 -6.86 -5.42
N VAL A 77 3.04 -5.99 -5.64
CA VAL A 77 1.84 -5.99 -4.80
C VAL A 77 0.60 -6.03 -5.70
N ASP A 78 -0.42 -6.72 -5.21
CA ASP A 78 -1.66 -6.85 -5.95
C ASP A 78 -2.82 -6.35 -5.08
N PHE A 79 -3.34 -5.19 -5.45
CA PHE A 79 -4.44 -4.59 -4.71
C PHE A 79 -5.57 -5.61 -4.52
N VAL A 80 -5.48 -6.36 -3.44
CA VAL A 80 -6.48 -7.37 -3.13
C VAL A 80 -7.78 -6.67 -2.74
N GLN A 81 -8.86 -7.46 -2.71
CA GLN A 81 -10.16 -6.93 -2.37
C GLN A 81 -10.91 -7.92 -1.46
N ASP A 82 -11.52 -7.36 -0.42
CA ASP A 82 -12.26 -8.18 0.54
C ASP A 82 -13.45 -8.82 -0.18
N ASN A 83 -14.35 -7.98 -0.62
CA ASN A 83 -15.55 -8.44 -1.31
C ASN A 83 -15.98 -7.40 -2.34
N GLU A 84 -15.44 -7.51 -3.54
CA GLU A 84 -15.77 -6.58 -4.61
C GLU A 84 -17.27 -6.29 -4.62
N SER A 85 -18.05 -7.32 -4.91
CA SER A 85 -19.49 -7.19 -4.96
C SER A 85 -19.97 -6.32 -3.80
N ARG A 86 -20.36 -5.10 -4.13
CA ARG A 86 -20.84 -4.16 -3.13
C ARG A 86 -22.14 -3.50 -3.61
N LEU A 87 -22.06 -2.89 -4.79
CA LEU A 87 -23.21 -2.21 -5.36
C LEU A 87 -23.82 -3.11 -6.44
N ALA A 88 -25.00 -2.69 -6.90
CA ALA A 88 -25.71 -3.44 -7.93
C ALA A 88 -25.12 -3.09 -9.30
N SER A 89 -24.16 -2.18 -9.28
CA SER A 89 -23.51 -1.75 -10.51
C SER A 89 -24.52 -1.04 -11.41
N THR A 90 -24.10 0.11 -11.92
CA THR A 90 -24.96 0.90 -12.80
C THR A 90 -24.30 1.07 -14.17
N SER A 91 -22.99 1.24 -14.15
CA SER A 91 -22.23 1.41 -15.38
C SER A 91 -21.32 0.21 -15.61
N GLY A 92 -20.99 -0.02 -16.87
CA GLY A 92 -20.13 -1.13 -17.23
C GLY A 92 -18.75 -0.63 -17.69
N PRO A 93 -17.85 -1.61 -18.00
CA PRO A 93 -16.51 -1.27 -18.44
C PRO A 93 -16.53 -0.79 -19.89
N SER A 94 -15.35 -0.40 -20.37
CA SER A 94 -15.21 0.09 -21.72
C SER A 94 -14.28 -0.82 -22.51
N SER A 95 -14.37 -0.71 -23.83
CA SER A 95 -13.55 -1.53 -24.71
C SER A 95 -12.09 -1.04 -24.66
N GLY A 96 -11.18 -2.00 -24.69
CA GLY A 96 -9.77 -1.68 -24.64
C GLY A 96 -9.03 -2.63 -23.68
N GLY A 1 -13.20 6.42 -13.94
CA GLY A 1 -13.50 6.37 -15.38
C GLY A 1 -12.46 5.52 -16.11
N SER A 2 -11.29 6.09 -16.29
CA SER A 2 -10.21 5.39 -16.98
C SER A 2 -9.45 4.51 -16.00
N SER A 3 -8.91 5.15 -14.97
CA SER A 3 -8.16 4.44 -13.95
C SER A 3 -7.95 5.34 -12.73
N GLY A 4 -8.63 4.97 -11.64
CA GLY A 4 -8.53 5.73 -10.41
C GLY A 4 -9.59 6.82 -10.35
N SER A 5 -9.52 7.62 -9.29
CA SER A 5 -10.45 8.71 -9.11
C SER A 5 -9.71 10.03 -8.91
N SER A 6 -8.88 10.04 -7.87
CA SER A 6 -8.10 11.22 -7.55
C SER A 6 -6.93 10.86 -6.64
N GLY A 7 -5.74 11.26 -7.06
CA GLY A 7 -4.53 10.98 -6.31
C GLY A 7 -3.92 12.27 -5.76
N THR A 8 -4.23 12.54 -4.50
CA THR A 8 -3.71 13.74 -3.84
C THR A 8 -3.40 13.44 -2.38
N SER A 9 -2.28 13.96 -1.93
CA SER A 9 -1.85 13.77 -0.55
C SER A 9 -2.35 14.93 0.32
N LYS A 10 -3.19 14.58 1.28
CA LYS A 10 -3.74 15.58 2.18
C LYS A 10 -2.77 15.82 3.34
N GLN A 11 -2.53 14.76 4.09
CA GLN A 11 -1.63 14.84 5.23
C GLN A 11 -0.68 13.64 5.23
N ARG A 12 0.58 13.93 5.56
CA ARG A 12 1.59 12.89 5.60
C ARG A 12 1.08 11.68 6.40
N TYR A 13 1.27 10.51 5.81
CA TYR A 13 0.83 9.28 6.45
C TYR A 13 -0.56 9.44 7.05
N SER A 14 -1.47 9.92 6.24
CA SER A 14 -2.84 10.13 6.68
C SER A 14 -3.81 9.89 5.51
N GLY A 15 -3.33 9.16 4.52
CA GLY A 15 -4.13 8.85 3.36
C GLY A 15 -5.03 7.64 3.61
N LYS A 16 -5.55 7.08 2.52
CA LYS A 16 -6.42 5.92 2.61
C LYS A 16 -5.57 4.65 2.53
N VAL A 17 -5.96 3.67 3.34
CA VAL A 17 -5.25 2.41 3.38
C VAL A 17 -5.75 1.52 2.23
N HIS A 18 -4.79 0.99 1.48
CA HIS A 18 -5.11 0.13 0.36
C HIS A 18 -4.50 -1.26 0.58
N LEU A 19 -5.38 -2.21 0.85
CA LEU A 19 -4.94 -3.58 1.09
C LEU A 19 -4.39 -4.17 -0.21
N CYS A 20 -3.13 -4.54 -0.17
CA CYS A 20 -2.48 -5.12 -1.34
C CYS A 20 -1.93 -6.50 -0.95
N VAL A 21 -1.79 -7.35 -1.96
CA VAL A 21 -1.28 -8.69 -1.74
C VAL A 21 0.00 -8.89 -2.56
N ALA A 22 1.10 -9.07 -1.86
CA ALA A 22 2.38 -9.26 -2.50
C ALA A 22 2.21 -10.24 -3.67
N ARG A 23 2.73 -9.84 -4.82
CA ARG A 23 2.65 -10.66 -6.01
C ARG A 23 3.83 -11.61 -6.09
N TYR A 24 4.94 -11.18 -5.49
CA TYR A 24 6.15 -11.98 -5.48
C TYR A 24 6.99 -11.69 -4.24
N SER A 25 7.36 -12.77 -3.56
CA SER A 25 8.15 -12.64 -2.35
C SER A 25 9.36 -11.75 -2.61
N TYR A 26 9.42 -10.65 -1.87
CA TYR A 26 10.52 -9.71 -2.02
C TYR A 26 11.16 -9.39 -0.67
N ASN A 27 12.47 -9.18 -0.71
CA ASN A 27 13.21 -8.86 0.51
C ASN A 27 14.22 -7.77 0.21
N PRO A 28 14.02 -6.60 0.89
CA PRO A 28 14.91 -5.47 0.70
C PRO A 28 16.24 -5.69 1.42
N PHE A 29 16.17 -6.44 2.52
CA PHE A 29 17.35 -6.73 3.30
C PHE A 29 18.09 -7.95 2.74
N ASP A 30 17.96 -8.12 1.44
CA ASP A 30 18.61 -9.24 0.76
C ASP A 30 19.73 -8.70 -0.13
N GLY A 31 19.55 -7.47 -0.58
CA GLY A 31 20.53 -6.83 -1.44
C GLY A 31 21.40 -5.85 -0.65
N PRO A 32 22.33 -5.18 -1.39
CA PRO A 32 23.22 -4.22 -0.77
C PRO A 32 22.49 -2.91 -0.45
N ASN A 33 21.21 -2.90 -0.79
CA ASN A 33 20.39 -1.72 -0.55
C ASN A 33 20.81 -1.07 0.78
N GLU A 34 21.20 0.19 0.69
CA GLU A 34 21.61 0.93 1.86
C GLU A 34 20.39 1.42 2.64
N ASN A 35 19.22 1.19 2.06
CA ASN A 35 17.98 1.61 2.68
C ASN A 35 16.93 0.51 2.51
N PRO A 36 17.27 -0.70 3.06
CA PRO A 36 16.37 -1.84 2.99
C PRO A 36 15.20 -1.68 3.95
N GLU A 37 15.49 -1.07 5.09
CA GLU A 37 14.47 -0.86 6.11
C GLU A 37 13.35 0.03 5.56
N ALA A 38 13.73 0.90 4.65
CA ALA A 38 12.77 1.82 4.03
C ALA A 38 11.65 1.00 3.38
N GLU A 39 12.07 0.00 2.62
CA GLU A 39 11.11 -0.86 1.94
C GLU A 39 10.54 -1.91 2.91
N LEU A 40 9.75 -2.81 2.36
CA LEU A 40 9.14 -3.86 3.16
C LEU A 40 9.30 -5.20 2.45
N PRO A 41 9.54 -6.26 3.26
CA PRO A 41 9.71 -7.59 2.72
C PRO A 41 8.38 -8.19 2.28
N LEU A 42 8.08 -8.03 1.00
CA LEU A 42 6.84 -8.54 0.45
C LEU A 42 6.88 -10.07 0.45
N THR A 43 5.70 -10.67 0.53
CA THR A 43 5.58 -12.11 0.55
C THR A 43 4.37 -12.56 -0.28
N ALA A 44 4.67 -13.06 -1.48
CA ALA A 44 3.62 -13.52 -2.38
C ALA A 44 2.49 -14.14 -1.55
N GLY A 45 1.32 -13.52 -1.64
CA GLY A 45 0.17 -14.00 -0.90
C GLY A 45 -0.15 -13.10 0.28
N LYS A 46 0.90 -12.76 1.03
CA LYS A 46 0.74 -11.91 2.19
C LYS A 46 0.04 -10.61 1.78
N TYR A 47 -0.40 -9.87 2.78
CA TYR A 47 -1.09 -8.61 2.54
C TYR A 47 -0.47 -7.48 3.35
N LEU A 48 -0.80 -6.25 2.95
CA LEU A 48 -0.28 -5.08 3.63
C LEU A 48 -1.21 -3.90 3.36
N TYR A 49 -1.08 -2.88 4.20
CA TYR A 49 -1.89 -1.69 4.06
C TYR A 49 -1.04 -0.48 3.66
N VAL A 50 -1.23 -0.06 2.42
CA VAL A 50 -0.49 1.08 1.89
C VAL A 50 -1.37 2.32 1.94
N TYR A 51 -0.92 3.29 2.71
CA TYR A 51 -1.66 4.54 2.85
C TYR A 51 -1.33 5.49 1.69
N GLY A 52 -2.36 6.21 1.28
CA GLY A 52 -2.22 7.17 0.18
C GLY A 52 -1.93 6.45 -1.13
N ASP A 53 -1.26 7.16 -2.04
CA ASP A 53 -0.93 6.60 -3.33
C ASP A 53 0.59 6.58 -3.49
N MET A 54 1.02 6.20 -4.69
CA MET A 54 2.44 6.13 -4.98
C MET A 54 3.18 7.37 -4.45
N ASP A 55 4.41 7.15 -4.05
CA ASP A 55 5.23 8.22 -3.52
C ASP A 55 5.91 8.96 -4.68
N GLU A 56 6.92 9.75 -4.33
CA GLU A 56 7.66 10.50 -5.33
C GLU A 56 8.62 9.58 -6.09
N ASP A 57 9.02 8.52 -5.41
CA ASP A 57 9.93 7.56 -6.02
C ASP A 57 9.12 6.51 -6.80
N GLY A 58 7.89 6.31 -6.37
CA GLY A 58 7.02 5.35 -7.02
C GLY A 58 6.89 4.08 -6.19
N PHE A 59 6.67 4.27 -4.90
CA PHE A 59 6.52 3.15 -3.99
C PHE A 59 5.30 3.34 -3.09
N TYR A 60 4.87 2.22 -2.50
CA TYR A 60 3.72 2.25 -1.61
C TYR A 60 4.15 2.09 -0.15
N GLU A 61 3.61 2.97 0.69
CA GLU A 61 3.92 2.94 2.10
C GLU A 61 3.13 1.83 2.81
N GLY A 62 3.24 0.63 2.26
CA GLY A 62 2.55 -0.51 2.81
C GLY A 62 2.87 -0.67 4.30
N GLU A 63 1.87 -1.13 5.04
CA GLU A 63 2.03 -1.34 6.47
C GLU A 63 1.86 -2.82 6.82
N LEU A 64 2.98 -3.52 6.88
CA LEU A 64 2.96 -4.94 7.20
C LEU A 64 1.92 -5.19 8.30
N LEU A 65 1.31 -6.36 8.23
CA LEU A 65 0.30 -6.75 9.20
C LEU A 65 0.90 -6.65 10.60
N ASP A 66 2.21 -6.71 10.66
CA ASP A 66 2.92 -6.63 11.93
C ASP A 66 2.96 -5.18 12.39
N GLY A 67 2.95 -4.28 11.41
CA GLY A 67 2.98 -2.86 11.71
C GLY A 67 4.15 -2.18 10.99
N GLN A 68 4.96 -2.99 10.34
CA GLN A 68 6.10 -2.48 9.61
C GLN A 68 5.66 -1.47 8.56
N ARG A 69 6.20 -0.27 8.69
CA ARG A 69 5.87 0.80 7.75
C ARG A 69 7.08 1.13 6.87
N GLY A 70 6.95 0.79 5.60
CA GLY A 70 8.02 1.05 4.65
C GLY A 70 7.47 1.16 3.22
N LEU A 71 8.39 1.26 2.27
CA LEU A 71 8.01 1.37 0.88
C LEU A 71 7.58 0.00 0.36
N VAL A 72 6.88 0.02 -0.78
CA VAL A 72 6.41 -1.21 -1.38
C VAL A 72 6.18 -0.98 -2.88
N PRO A 73 6.86 -1.80 -3.71
CA PRO A 73 6.74 -1.70 -5.15
C PRO A 73 5.41 -2.27 -5.63
N SER A 74 4.69 -1.47 -6.39
CA SER A 74 3.41 -1.87 -6.93
C SER A 74 3.58 -3.01 -7.92
N ASN A 75 4.84 -3.25 -8.28
CA ASN A 75 5.16 -4.31 -9.22
C ASN A 75 5.33 -5.62 -8.47
N PHE A 76 5.15 -5.54 -7.16
CA PHE A 76 5.28 -6.72 -6.32
C PHE A 76 4.08 -6.85 -5.36
N VAL A 77 3.03 -6.12 -5.70
CA VAL A 77 1.82 -6.14 -4.89
C VAL A 77 0.60 -6.14 -5.80
N ASP A 78 -0.48 -6.74 -5.31
CA ASP A 78 -1.72 -6.81 -6.07
C ASP A 78 -2.87 -6.32 -5.20
N PHE A 79 -3.36 -5.13 -5.53
CA PHE A 79 -4.46 -4.54 -4.79
C PHE A 79 -5.59 -5.55 -4.60
N VAL A 80 -5.52 -6.26 -3.48
CA VAL A 80 -6.53 -7.25 -3.16
C VAL A 80 -7.82 -6.55 -2.75
N GLN A 81 -8.91 -7.32 -2.74
CA GLN A 81 -10.20 -6.78 -2.36
C GLN A 81 -10.29 -6.60 -0.85
N ASP A 82 -11.47 -6.84 -0.32
CA ASP A 82 -11.70 -6.71 1.12
C ASP A 82 -12.01 -5.25 1.43
N ASN A 83 -11.21 -4.36 0.86
CA ASN A 83 -11.39 -2.93 1.08
C ASN A 83 -10.68 -2.16 -0.03
N GLU A 84 -11.46 -1.88 -1.08
CA GLU A 84 -10.93 -1.14 -2.21
C GLU A 84 -10.90 0.36 -1.91
N SER A 85 -12.08 0.90 -1.66
CA SER A 85 -12.20 2.32 -1.35
C SER A 85 -13.60 2.62 -0.80
N ARG A 86 -13.63 3.50 0.19
CA ARG A 86 -14.88 3.88 0.82
C ARG A 86 -15.38 5.21 0.25
N LEU A 87 -14.51 6.20 0.33
CA LEU A 87 -14.84 7.53 -0.17
C LEU A 87 -14.26 7.69 -1.57
N ALA A 88 -14.92 8.54 -2.36
CA ALA A 88 -14.48 8.80 -3.72
C ALA A 88 -14.55 10.30 -3.99
N SER A 89 -14.19 10.66 -5.21
CA SER A 89 -14.19 12.06 -5.62
C SER A 89 -13.61 12.21 -7.03
N THR A 90 -14.13 13.19 -7.75
CA THR A 90 -13.67 13.44 -9.11
C THR A 90 -14.13 14.82 -9.56
N SER A 91 -13.28 15.45 -10.37
CA SER A 91 -13.58 16.77 -10.89
C SER A 91 -12.72 17.06 -12.12
N GLY A 92 -13.19 17.99 -12.94
CA GLY A 92 -12.48 18.37 -14.15
C GLY A 92 -12.66 19.86 -14.45
N PRO A 93 -11.66 20.66 -14.01
CA PRO A 93 -11.71 22.09 -14.24
C PRO A 93 -11.39 22.44 -15.69
N SER A 94 -11.66 23.67 -16.05
CA SER A 94 -11.40 24.14 -17.41
C SER A 94 -11.60 25.65 -17.48
N SER A 95 -11.20 26.21 -18.62
CA SER A 95 -11.33 27.64 -18.83
C SER A 95 -12.80 28.05 -18.83
N GLY A 96 -13.55 27.44 -19.74
CA GLY A 96 -14.97 27.72 -19.84
C GLY A 96 -15.71 26.56 -20.53
N GLY A 1 -25.04 18.90 4.18
CA GLY A 1 -23.81 18.72 4.94
C GLY A 1 -22.59 18.94 4.05
N SER A 2 -22.45 20.17 3.58
CA SER A 2 -21.33 20.52 2.72
C SER A 2 -20.08 20.80 3.58
N SER A 3 -19.22 19.81 3.64
CA SER A 3 -17.99 19.93 4.41
C SER A 3 -17.03 18.79 4.06
N GLY A 4 -15.77 19.15 3.88
CA GLY A 4 -14.76 18.16 3.54
C GLY A 4 -13.37 18.82 3.48
N SER A 5 -12.35 17.97 3.68
CA SER A 5 -10.98 18.45 3.65
C SER A 5 -10.22 17.81 2.49
N SER A 6 -9.28 18.56 1.95
CA SER A 6 -8.48 18.07 0.83
C SER A 6 -7.25 18.95 0.65
N GLY A 7 -6.15 18.31 0.27
CA GLY A 7 -4.90 19.02 0.05
C GLY A 7 -3.90 18.15 -0.70
N THR A 8 -2.79 18.77 -1.07
CA THR A 8 -1.74 18.06 -1.78
C THR A 8 -0.88 17.25 -0.80
N SER A 9 -1.24 15.98 -0.68
CA SER A 9 -0.53 15.09 0.21
C SER A 9 -0.29 15.77 1.56
N LYS A 10 -1.29 15.63 2.43
CA LYS A 10 -1.21 16.24 3.76
C LYS A 10 -0.24 15.43 4.61
N GLN A 11 -0.59 14.16 4.82
CA GLN A 11 0.25 13.28 5.62
C GLN A 11 0.43 11.94 4.91
N ARG A 12 1.65 11.43 4.99
CA ARG A 12 1.97 10.15 4.36
C ARG A 12 1.79 9.02 5.36
N TYR A 13 0.76 9.13 6.17
CA TYR A 13 0.47 8.12 7.18
C TYR A 13 -0.83 8.43 7.92
N SER A 14 -1.91 8.53 7.15
CA SER A 14 -3.22 8.82 7.71
C SER A 14 -4.29 8.73 6.63
N GLY A 15 -3.93 9.21 5.44
CA GLY A 15 -4.85 9.18 4.32
C GLY A 15 -5.35 7.76 4.05
N LYS A 16 -6.40 7.68 3.24
CA LYS A 16 -6.98 6.40 2.89
C LYS A 16 -5.86 5.36 2.69
N VAL A 17 -6.20 4.11 2.95
CA VAL A 17 -5.23 3.04 2.80
C VAL A 17 -5.76 2.02 1.78
N HIS A 18 -4.86 1.18 1.30
CA HIS A 18 -5.22 0.16 0.33
C HIS A 18 -4.55 -1.16 0.70
N LEU A 19 -5.33 -2.23 0.62
CA LEU A 19 -4.83 -3.55 0.94
C LEU A 19 -4.30 -4.21 -0.34
N CYS A 20 -3.01 -4.51 -0.32
CA CYS A 20 -2.36 -5.15 -1.45
C CYS A 20 -1.82 -6.50 -1.01
N VAL A 21 -1.79 -7.44 -1.95
CA VAL A 21 -1.30 -8.77 -1.67
C VAL A 21 -0.03 -9.02 -2.46
N ALA A 22 1.08 -9.09 -1.74
CA ALA A 22 2.38 -9.32 -2.37
C ALA A 22 2.21 -10.33 -3.51
N ARG A 23 2.70 -9.94 -4.68
CA ARG A 23 2.61 -10.80 -5.85
C ARG A 23 3.80 -11.76 -5.89
N TYR A 24 4.92 -11.30 -5.35
CA TYR A 24 6.12 -12.10 -5.31
C TYR A 24 6.97 -11.77 -4.08
N SER A 25 7.42 -12.83 -3.42
CA SER A 25 8.24 -12.66 -2.22
C SER A 25 9.43 -11.75 -2.53
N TYR A 26 9.48 -10.64 -1.80
CA TYR A 26 10.55 -9.68 -1.98
C TYR A 26 11.22 -9.34 -0.64
N ASN A 27 12.53 -9.18 -0.69
CA ASN A 27 13.29 -8.86 0.50
C ASN A 27 14.29 -7.74 0.19
N PRO A 28 14.06 -6.57 0.84
CA PRO A 28 14.92 -5.42 0.64
C PRO A 28 16.26 -5.61 1.35
N PHE A 29 16.23 -6.35 2.44
CA PHE A 29 17.42 -6.61 3.22
C PHE A 29 18.16 -7.84 2.68
N ASP A 30 18.05 -8.04 1.38
CA ASP A 30 18.70 -9.17 0.74
C ASP A 30 19.80 -8.65 -0.19
N GLY A 31 19.72 -7.38 -0.51
CA GLY A 31 20.70 -6.75 -1.39
C GLY A 31 21.56 -5.76 -0.62
N PRO A 32 22.46 -5.07 -1.37
CA PRO A 32 23.35 -4.10 -0.76
C PRO A 32 22.61 -2.82 -0.41
N ASN A 33 21.32 -2.81 -0.73
CA ASN A 33 20.49 -1.65 -0.46
C ASN A 33 20.87 -1.06 0.91
N GLU A 34 21.28 0.20 0.87
CA GLU A 34 21.67 0.89 2.08
C GLU A 34 20.44 1.38 2.84
N ASN A 35 19.29 1.18 2.23
CA ASN A 35 18.03 1.60 2.83
C ASN A 35 16.99 0.50 2.62
N PRO A 36 17.28 -0.70 3.17
CA PRO A 36 16.39 -1.83 3.05
C PRO A 36 15.19 -1.67 3.99
N GLU A 37 15.44 -1.05 5.12
CA GLU A 37 14.39 -0.82 6.11
C GLU A 37 13.30 0.06 5.52
N ALA A 38 13.71 0.92 4.59
CA ALA A 38 12.77 1.83 3.95
C ALA A 38 11.65 1.02 3.30
N GLU A 39 12.04 -0.01 2.58
CA GLU A 39 11.09 -0.87 1.90
C GLU A 39 10.53 -1.92 2.88
N LEU A 40 9.76 -2.84 2.32
CA LEU A 40 9.17 -3.90 3.12
C LEU A 40 9.34 -5.24 2.41
N PRO A 41 9.59 -6.30 3.22
CA PRO A 41 9.77 -7.63 2.68
C PRO A 41 8.45 -8.24 2.23
N LEU A 42 8.13 -8.03 0.97
CA LEU A 42 6.89 -8.55 0.41
C LEU A 42 6.93 -10.08 0.43
N THR A 43 5.75 -10.67 0.59
CA THR A 43 5.64 -12.12 0.63
C THR A 43 4.44 -12.59 -0.21
N ALA A 44 4.75 -13.11 -1.39
CA ALA A 44 3.72 -13.59 -2.29
C ALA A 44 2.58 -14.19 -1.47
N GLY A 45 1.40 -13.58 -1.61
CA GLY A 45 0.23 -14.06 -0.88
C GLY A 45 -0.08 -13.14 0.29
N LYS A 46 0.96 -12.78 1.02
CA LYS A 46 0.81 -11.91 2.17
C LYS A 46 0.14 -10.60 1.73
N TYR A 47 -0.40 -9.89 2.72
CA TYR A 47 -1.06 -8.63 2.44
C TYR A 47 -0.38 -7.48 3.19
N LEU A 48 -0.81 -6.27 2.87
CA LEU A 48 -0.26 -5.08 3.49
C LEU A 48 -1.18 -3.89 3.22
N TYR A 49 -1.07 -2.89 4.09
CA TYR A 49 -1.88 -1.69 3.96
C TYR A 49 -1.03 -0.50 3.55
N VAL A 50 -1.23 -0.07 2.30
CA VAL A 50 -0.49 1.07 1.78
C VAL A 50 -1.33 2.34 1.91
N TYR A 51 -0.91 3.20 2.82
CA TYR A 51 -1.61 4.45 3.05
C TYR A 51 -1.32 5.46 1.94
N GLY A 52 -2.33 6.25 1.62
CA GLY A 52 -2.20 7.27 0.59
C GLY A 52 -1.97 6.61 -0.78
N ASP A 53 -1.05 7.20 -1.53
CA ASP A 53 -0.74 6.70 -2.86
C ASP A 53 0.79 6.54 -2.99
N MET A 54 1.21 6.18 -4.19
CA MET A 54 2.63 5.99 -4.46
C MET A 54 3.45 7.12 -3.85
N ASP A 55 4.74 6.85 -3.67
CA ASP A 55 5.64 7.83 -3.10
C ASP A 55 6.37 8.56 -4.24
N GLU A 56 7.12 9.58 -3.85
CA GLU A 56 7.86 10.37 -4.82
C GLU A 56 8.93 9.50 -5.49
N ASP A 57 9.16 8.34 -4.92
CA ASP A 57 10.15 7.42 -5.44
C ASP A 57 9.47 6.45 -6.41
N GLY A 58 8.20 6.17 -6.13
CA GLY A 58 7.44 5.27 -6.97
C GLY A 58 7.13 3.96 -6.22
N PHE A 59 6.87 4.10 -4.93
CA PHE A 59 6.56 2.95 -4.10
C PHE A 59 5.32 3.21 -3.24
N TYR A 60 4.78 2.13 -2.70
CA TYR A 60 3.61 2.23 -1.85
C TYR A 60 3.98 2.05 -0.37
N GLU A 61 3.55 3.01 0.43
CA GLU A 61 3.82 2.97 1.86
C GLU A 61 3.02 1.85 2.53
N GLY A 62 3.29 0.63 2.07
CA GLY A 62 2.60 -0.53 2.62
C GLY A 62 2.93 -0.72 4.10
N GLU A 63 1.92 -1.15 4.85
CA GLU A 63 2.09 -1.38 6.27
C GLU A 63 1.90 -2.87 6.60
N LEU A 64 3.01 -3.56 6.69
CA LEU A 64 2.98 -4.99 6.99
C LEU A 64 1.96 -5.25 8.09
N LEU A 65 1.35 -6.42 8.03
CA LEU A 65 0.34 -6.81 9.01
C LEU A 65 0.96 -6.75 10.41
N ASP A 66 2.29 -6.74 10.45
CA ASP A 66 3.00 -6.70 11.70
C ASP A 66 3.08 -5.24 12.19
N GLY A 67 2.81 -4.33 11.26
CA GLY A 67 2.85 -2.92 11.57
C GLY A 67 4.04 -2.25 10.89
N GLN A 68 4.85 -3.06 10.23
CA GLN A 68 6.03 -2.56 9.54
C GLN A 68 5.62 -1.55 8.48
N ARG A 69 6.16 -0.34 8.61
CA ARG A 69 5.85 0.72 7.66
C ARG A 69 7.08 1.01 6.79
N GLY A 70 6.93 0.70 5.51
CA GLY A 70 8.00 0.91 4.56
C GLY A 70 7.46 1.00 3.13
N LEU A 71 8.38 1.20 2.19
CA LEU A 71 8.02 1.31 0.79
C LEU A 71 7.56 -0.07 0.28
N VAL A 72 6.82 -0.05 -0.82
CA VAL A 72 6.33 -1.28 -1.41
C VAL A 72 6.10 -1.06 -2.90
N PRO A 73 6.83 -1.87 -3.72
CA PRO A 73 6.71 -1.78 -5.16
C PRO A 73 5.40 -2.40 -5.66
N SER A 74 4.55 -1.55 -6.22
CA SER A 74 3.27 -2.00 -6.73
C SER A 74 3.47 -3.14 -7.72
N ASN A 75 4.69 -3.22 -8.24
CA ASN A 75 5.03 -4.27 -9.20
C ASN A 75 5.14 -5.60 -8.47
N PHE A 76 5.02 -5.54 -7.15
CA PHE A 76 5.11 -6.73 -6.33
C PHE A 76 3.92 -6.82 -5.37
N VAL A 77 2.88 -6.08 -5.69
CA VAL A 77 1.68 -6.07 -4.87
C VAL A 77 0.45 -6.12 -5.77
N ASP A 78 -0.64 -6.65 -5.21
CA ASP A 78 -1.88 -6.77 -5.95
C ASP A 78 -3.04 -6.30 -5.06
N PHE A 79 -3.55 -5.12 -5.40
CA PHE A 79 -4.65 -4.55 -4.64
C PHE A 79 -5.75 -5.59 -4.41
N VAL A 80 -5.66 -6.26 -3.28
CA VAL A 80 -6.64 -7.29 -2.93
C VAL A 80 -7.90 -6.61 -2.38
N GLN A 81 -8.95 -7.40 -2.26
CA GLN A 81 -10.21 -6.90 -1.76
C GLN A 81 -10.62 -7.67 -0.49
N ASP A 82 -11.84 -8.19 -0.52
CA ASP A 82 -12.37 -8.94 0.60
C ASP A 82 -12.61 -7.99 1.77
N ASN A 83 -11.51 -7.44 2.28
CA ASN A 83 -11.58 -6.52 3.40
C ASN A 83 -12.23 -5.21 2.94
N GLU A 84 -13.47 -5.32 2.50
CA GLU A 84 -14.20 -4.15 2.03
C GLU A 84 -14.36 -3.13 3.16
N SER A 85 -14.57 -3.65 4.36
CA SER A 85 -14.74 -2.80 5.52
C SER A 85 -13.39 -2.56 6.20
N ARG A 86 -12.46 -2.07 5.41
CA ARG A 86 -11.12 -1.78 5.91
C ARG A 86 -11.09 -0.42 6.61
N LEU A 87 -11.99 0.44 6.18
CA LEU A 87 -12.08 1.77 6.75
C LEU A 87 -12.04 1.67 8.28
N ALA A 88 -11.90 2.83 8.91
CA ALA A 88 -11.84 2.89 10.36
C ALA A 88 -12.71 4.04 10.86
N SER A 89 -13.09 3.95 12.12
CA SER A 89 -13.92 4.97 12.74
C SER A 89 -13.08 6.20 13.07
N THR A 90 -13.36 7.29 12.36
CA THR A 90 -12.64 8.54 12.56
C THR A 90 -13.23 9.64 11.69
N SER A 91 -13.52 9.28 10.45
CA SER A 91 -14.08 10.23 9.50
C SER A 91 -15.43 9.74 9.01
N GLY A 92 -16.15 10.63 8.34
CA GLY A 92 -17.46 10.29 7.82
C GLY A 92 -18.23 11.56 7.41
N PRO A 93 -18.09 11.93 6.11
CA PRO A 93 -18.76 13.11 5.59
C PRO A 93 -20.25 12.84 5.39
N SER A 94 -20.53 11.74 4.71
CA SER A 94 -21.91 11.36 4.44
C SER A 94 -21.96 9.92 3.91
N SER A 95 -21.25 9.71 2.82
CA SER A 95 -21.21 8.39 2.20
C SER A 95 -19.98 8.27 1.31
N GLY A 96 -19.43 7.06 1.27
CA GLY A 96 -18.25 6.80 0.45
C GLY A 96 -18.19 5.33 0.05
N GLY A 1 -14.38 10.87 18.26
CA GLY A 1 -13.36 11.74 17.70
C GLY A 1 -13.96 12.71 16.68
N SER A 2 -13.19 13.73 16.36
CA SER A 2 -13.63 14.73 15.41
C SER A 2 -12.43 15.55 14.92
N SER A 3 -12.43 15.83 13.62
CA SER A 3 -11.36 16.60 13.02
C SER A 3 -11.73 16.99 11.59
N GLY A 4 -10.94 17.89 11.03
CA GLY A 4 -11.17 18.36 9.67
C GLY A 4 -9.87 18.43 8.87
N SER A 5 -9.80 19.42 8.00
CA SER A 5 -8.62 19.60 7.18
C SER A 5 -8.41 18.38 6.29
N SER A 6 -7.63 18.58 5.23
CA SER A 6 -7.35 17.50 4.30
C SER A 6 -6.33 17.97 3.27
N GLY A 7 -6.71 18.98 2.51
CA GLY A 7 -5.84 19.53 1.48
C GLY A 7 -5.46 18.46 0.46
N THR A 8 -4.67 18.88 -0.52
CA THR A 8 -4.23 17.96 -1.56
C THR A 8 -3.24 16.95 -1.00
N SER A 9 -2.75 17.25 0.20
CA SER A 9 -1.80 16.37 0.85
C SER A 9 -1.39 16.96 2.20
N LYS A 10 -1.64 16.20 3.25
CA LYS A 10 -1.31 16.64 4.59
C LYS A 10 -0.09 15.85 5.09
N GLN A 11 -0.27 14.55 5.19
CA GLN A 11 0.80 13.68 5.65
C GLN A 11 0.95 12.47 4.72
N ARG A 12 1.88 11.60 5.06
CA ARG A 12 2.13 10.41 4.27
C ARG A 12 1.94 9.16 5.12
N TYR A 13 0.93 9.20 5.98
CA TYR A 13 0.63 8.08 6.85
C TYR A 13 -0.64 8.33 7.65
N SER A 14 -1.73 8.55 6.92
CA SER A 14 -3.02 8.80 7.56
C SER A 14 -4.14 8.63 6.53
N GLY A 15 -3.89 9.15 5.34
CA GLY A 15 -4.87 9.07 4.27
C GLY A 15 -5.34 7.63 4.06
N LYS A 16 -6.39 7.49 3.28
CA LYS A 16 -6.95 6.18 2.99
C LYS A 16 -5.81 5.19 2.79
N VAL A 17 -6.11 3.92 3.06
CA VAL A 17 -5.12 2.87 2.91
C VAL A 17 -5.66 1.81 1.94
N HIS A 18 -4.73 1.20 1.21
CA HIS A 18 -5.09 0.17 0.25
C HIS A 18 -4.48 -1.16 0.68
N LEU A 19 -5.30 -2.21 0.56
CA LEU A 19 -4.85 -3.54 0.93
C LEU A 19 -4.34 -4.27 -0.31
N CYS A 20 -3.04 -4.46 -0.35
CA CYS A 20 -2.41 -5.14 -1.47
C CYS A 20 -1.92 -6.51 -0.99
N VAL A 21 -1.69 -7.39 -1.96
CA VAL A 21 -1.22 -8.73 -1.66
C VAL A 21 0.06 -9.01 -2.44
N ALA A 22 1.16 -9.05 -1.71
CA ALA A 22 2.46 -9.30 -2.33
C ALA A 22 2.28 -10.31 -3.46
N ARG A 23 2.70 -9.90 -4.65
CA ARG A 23 2.61 -10.76 -5.82
C ARG A 23 3.80 -11.72 -5.88
N TYR A 24 4.92 -11.25 -5.36
CA TYR A 24 6.14 -12.05 -5.35
C TYR A 24 6.98 -11.75 -4.11
N SER A 25 7.35 -12.81 -3.41
CA SER A 25 8.16 -12.68 -2.21
C SER A 25 9.36 -11.77 -2.49
N TYR A 26 9.41 -10.68 -1.75
CA TYR A 26 10.50 -9.73 -1.90
C TYR A 26 11.12 -9.38 -0.54
N ASN A 27 12.44 -9.22 -0.56
CA ASN A 27 13.16 -8.89 0.66
C ASN A 27 14.19 -7.80 0.36
N PRO A 28 13.99 -6.62 1.01
CA PRO A 28 14.90 -5.50 0.82
C PRO A 28 16.22 -5.72 1.55
N PHE A 29 16.12 -6.43 2.66
CA PHE A 29 17.30 -6.73 3.47
C PHE A 29 18.03 -7.97 2.94
N ASP A 30 17.91 -8.17 1.63
CA ASP A 30 18.56 -9.30 0.99
C ASP A 30 19.68 -8.80 0.07
N GLY A 31 19.50 -7.57 -0.40
CA GLY A 31 20.49 -6.96 -1.28
C GLY A 31 21.37 -5.97 -0.52
N PRO A 32 22.30 -5.34 -1.27
CA PRO A 32 23.21 -4.37 -0.68
C PRO A 32 22.49 -3.05 -0.40
N ASN A 33 21.21 -3.03 -0.74
CA ASN A 33 20.41 -1.83 -0.52
C ASN A 33 20.83 -1.17 0.79
N GLU A 34 21.25 0.08 0.68
CA GLU A 34 21.66 0.83 1.84
C GLU A 34 20.45 1.36 2.61
N ASN A 35 19.29 1.15 2.01
CA ASN A 35 18.04 1.59 2.63
C ASN A 35 16.98 0.50 2.47
N PRO A 36 17.30 -0.69 3.06
CA PRO A 36 16.38 -1.83 2.99
C PRO A 36 15.21 -1.63 3.95
N GLU A 37 15.50 -1.01 5.08
CA GLU A 37 14.48 -0.76 6.08
C GLU A 37 13.37 0.12 5.50
N ALA A 38 13.77 0.98 4.57
CA ALA A 38 12.82 1.88 3.93
C ALA A 38 11.69 1.05 3.30
N GLU A 39 12.08 0.03 2.57
CA GLU A 39 11.12 -0.84 1.92
C GLU A 39 10.56 -1.86 2.91
N LEU A 40 9.74 -2.76 2.39
CA LEU A 40 9.13 -3.79 3.21
C LEU A 40 9.29 -5.14 2.52
N PRO A 41 9.52 -6.19 3.36
CA PRO A 41 9.69 -7.53 2.85
C PRO A 41 8.35 -8.14 2.43
N LEU A 42 8.06 -8.01 1.14
CA LEU A 42 6.82 -8.53 0.60
C LEU A 42 6.87 -10.06 0.58
N THR A 43 5.72 -10.67 0.80
CA THR A 43 5.63 -12.12 0.82
C THR A 43 4.47 -12.58 -0.06
N ALA A 44 4.83 -13.08 -1.24
CA ALA A 44 3.82 -13.55 -2.18
C ALA A 44 2.67 -14.19 -1.41
N GLY A 45 1.49 -13.58 -1.56
CA GLY A 45 0.31 -14.06 -0.90
C GLY A 45 -0.06 -13.16 0.29
N LYS A 46 0.95 -12.78 1.04
CA LYS A 46 0.75 -11.93 2.20
C LYS A 46 0.10 -10.62 1.75
N TYR A 47 -0.47 -9.91 2.71
CA TYR A 47 -1.13 -8.65 2.44
C TYR A 47 -0.52 -7.51 3.26
N LEU A 48 -0.67 -6.31 2.74
CA LEU A 48 -0.14 -5.13 3.42
C LEU A 48 -1.09 -3.95 3.21
N TYR A 49 -0.90 -2.92 4.02
CA TYR A 49 -1.74 -1.74 3.93
C TYR A 49 -0.90 -0.51 3.55
N VAL A 50 -1.09 -0.08 2.31
CA VAL A 50 -0.38 1.07 1.80
C VAL A 50 -1.25 2.32 1.93
N TYR A 51 -0.83 3.22 2.81
CA TYR A 51 -1.55 4.46 3.04
C TYR A 51 -1.27 5.47 1.93
N GLY A 52 -2.33 6.17 1.53
CA GLY A 52 -2.21 7.16 0.49
C GLY A 52 -1.85 6.53 -0.86
N ASP A 53 -1.76 7.36 -1.87
CA ASP A 53 -1.42 6.89 -3.21
C ASP A 53 0.10 6.71 -3.31
N MET A 54 0.54 6.42 -4.52
CA MET A 54 1.96 6.22 -4.77
C MET A 54 2.80 7.24 -4.01
N ASP A 55 4.05 6.88 -3.76
CA ASP A 55 4.96 7.75 -3.05
C ASP A 55 5.60 8.73 -4.03
N GLU A 56 6.54 9.52 -3.51
CA GLU A 56 7.23 10.50 -4.33
C GLU A 56 8.01 9.80 -5.45
N ASP A 57 8.50 8.62 -5.13
CA ASP A 57 9.27 7.84 -6.09
C ASP A 57 8.31 6.96 -6.90
N GLY A 58 7.21 6.60 -6.25
CA GLY A 58 6.21 5.75 -6.89
C GLY A 58 5.92 4.51 -6.03
N PHE A 59 6.73 4.34 -4.99
CA PHE A 59 6.57 3.21 -4.10
C PHE A 59 5.34 3.39 -3.19
N TYR A 60 4.92 2.29 -2.60
CA TYR A 60 3.76 2.32 -1.72
C TYR A 60 4.18 2.13 -0.26
N GLU A 61 3.67 3.01 0.58
CA GLU A 61 3.98 2.95 2.01
C GLU A 61 3.20 1.82 2.68
N GLY A 62 3.34 0.64 2.10
CA GLY A 62 2.66 -0.54 2.64
C GLY A 62 3.02 -0.75 4.11
N GLU A 63 2.02 -1.17 4.87
CA GLU A 63 2.20 -1.42 6.29
C GLU A 63 2.02 -2.90 6.60
N LEU A 64 3.14 -3.60 6.71
CA LEU A 64 3.11 -5.03 7.00
C LEU A 64 2.02 -5.31 8.04
N LEU A 65 1.51 -6.53 8.01
CA LEU A 65 0.47 -6.94 8.94
C LEU A 65 1.03 -6.90 10.36
N ASP A 66 2.34 -6.83 10.45
CA ASP A 66 3.01 -6.79 11.73
C ASP A 66 3.09 -5.34 12.23
N GLY A 67 2.95 -4.43 11.27
CA GLY A 67 3.01 -3.01 11.59
C GLY A 67 4.18 -2.33 10.88
N GLN A 68 5.02 -3.16 10.26
CA GLN A 68 6.18 -2.66 9.55
C GLN A 68 5.75 -1.65 8.48
N ARG A 69 6.31 -0.45 8.59
CA ARG A 69 6.00 0.60 7.64
C ARG A 69 7.22 0.92 6.77
N GLY A 70 7.01 0.82 5.47
CA GLY A 70 8.08 1.10 4.52
C GLY A 70 7.53 1.19 3.10
N LEU A 71 8.45 1.34 2.15
CA LEU A 71 8.08 1.44 0.75
C LEU A 71 7.64 0.06 0.24
N VAL A 72 6.94 0.09 -0.89
CA VAL A 72 6.47 -1.15 -1.49
C VAL A 72 6.21 -0.92 -2.98
N PRO A 73 6.87 -1.77 -3.81
CA PRO A 73 6.73 -1.67 -5.25
C PRO A 73 5.37 -2.22 -5.71
N SER A 74 4.70 -1.42 -6.53
CA SER A 74 3.40 -1.81 -7.04
C SER A 74 3.54 -2.97 -8.03
N ASN A 75 4.80 -3.27 -8.34
CA ASN A 75 5.09 -4.35 -9.26
C ASN A 75 5.25 -5.67 -8.48
N PHE A 76 5.06 -5.56 -7.18
CA PHE A 76 5.18 -6.73 -6.32
C PHE A 76 4.00 -6.81 -5.34
N VAL A 77 2.98 -6.02 -5.65
CA VAL A 77 1.78 -6.00 -4.82
C VAL A 77 0.55 -6.03 -5.71
N ASP A 78 -0.44 -6.83 -5.29
CA ASP A 78 -1.67 -6.95 -6.04
C ASP A 78 -2.83 -6.43 -5.19
N PHE A 79 -3.34 -5.27 -5.58
CA PHE A 79 -4.44 -4.65 -4.87
C PHE A 79 -5.58 -5.64 -4.68
N VAL A 80 -5.78 -6.04 -3.43
CA VAL A 80 -6.84 -6.98 -3.10
C VAL A 80 -8.20 -6.29 -3.24
N GLN A 81 -9.10 -6.64 -2.33
CA GLN A 81 -10.43 -6.06 -2.34
C GLN A 81 -10.86 -5.70 -0.92
N ASP A 82 -11.84 -6.46 -0.42
CA ASP A 82 -12.35 -6.24 0.92
C ASP A 82 -13.27 -5.02 0.92
N ASN A 83 -12.71 -3.89 0.48
CA ASN A 83 -13.46 -2.65 0.43
C ASN A 83 -12.61 -1.56 -0.22
N GLU A 84 -12.76 -1.43 -1.53
CA GLU A 84 -12.01 -0.44 -2.27
C GLU A 84 -12.54 0.97 -1.97
N SER A 85 -13.79 1.19 -2.37
CA SER A 85 -14.42 2.48 -2.15
C SER A 85 -15.86 2.44 -2.65
N ARG A 86 -16.75 3.02 -1.87
CA ARG A 86 -18.16 3.06 -2.22
C ARG A 86 -18.33 3.57 -3.66
N LEU A 87 -17.70 4.70 -3.93
CA LEU A 87 -17.78 5.30 -5.25
C LEU A 87 -16.40 5.24 -5.91
N ALA A 88 -16.42 5.22 -7.23
CA ALA A 88 -15.18 5.17 -8.00
C ALA A 88 -15.49 5.33 -9.48
N SER A 89 -14.43 5.44 -10.27
CA SER A 89 -14.58 5.59 -11.71
C SER A 89 -14.59 4.22 -12.38
N THR A 90 -15.50 4.07 -13.33
CA THR A 90 -15.62 2.82 -14.06
C THR A 90 -16.54 2.98 -15.27
N SER A 91 -16.23 2.24 -16.32
CA SER A 91 -17.02 2.29 -17.54
C SER A 91 -18.51 2.20 -17.21
N GLY A 92 -19.27 3.15 -17.75
CA GLY A 92 -20.69 3.18 -17.52
C GLY A 92 -21.41 2.06 -18.29
N PRO A 93 -21.78 2.38 -19.55
CA PRO A 93 -22.46 1.41 -20.40
C PRO A 93 -21.49 0.36 -20.93
N SER A 94 -22.05 -0.76 -21.35
CA SER A 94 -21.24 -1.85 -21.87
C SER A 94 -20.60 -1.44 -23.20
N SER A 95 -19.60 -2.21 -23.61
CA SER A 95 -18.91 -1.94 -24.85
C SER A 95 -17.84 -3.00 -25.10
N GLY A 96 -17.97 -3.69 -26.23
CA GLY A 96 -17.02 -4.72 -26.59
C GLY A 96 -15.85 -4.14 -27.38
N GLY A 1 -18.76 24.68 -0.33
CA GLY A 1 -18.03 23.70 -1.11
C GLY A 1 -17.98 22.34 -0.41
N SER A 2 -16.78 21.90 -0.11
CA SER A 2 -16.59 20.62 0.57
C SER A 2 -17.31 19.52 -0.20
N SER A 3 -16.53 18.77 -0.97
CA SER A 3 -17.09 17.68 -1.75
C SER A 3 -16.15 16.47 -1.72
N GLY A 4 -14.93 16.70 -2.16
CA GLY A 4 -13.92 15.65 -2.18
C GLY A 4 -12.98 15.82 -3.37
N SER A 5 -12.26 14.75 -3.67
CA SER A 5 -11.32 14.76 -4.79
C SER A 5 -10.28 15.85 -4.56
N SER A 6 -9.06 15.42 -4.27
CA SER A 6 -7.96 16.34 -4.04
C SER A 6 -6.80 16.01 -4.97
N GLY A 7 -6.02 17.04 -5.28
CA GLY A 7 -4.87 16.87 -6.15
C GLY A 7 -3.59 16.73 -5.33
N THR A 8 -3.29 17.76 -4.56
CA THR A 8 -2.10 17.76 -3.73
C THR A 8 -2.34 16.94 -2.46
N SER A 9 -1.87 15.69 -2.50
CA SER A 9 -2.02 14.80 -1.37
C SER A 9 -1.76 15.55 -0.07
N LYS A 10 -2.83 15.73 0.70
CA LYS A 10 -2.73 16.43 1.97
C LYS A 10 -1.44 16.01 2.68
N GLN A 11 -1.40 14.75 3.08
CA GLN A 11 -0.24 14.21 3.77
C GLN A 11 0.15 12.85 3.18
N ARG A 12 1.45 12.65 3.06
CA ARG A 12 1.96 11.40 2.51
C ARG A 12 2.13 10.36 3.62
N TYR A 13 1.02 10.05 4.26
CA TYR A 13 1.03 9.08 5.35
C TYR A 13 -0.37 8.89 5.94
N SER A 14 -1.11 10.00 5.99
CA SER A 14 -2.46 9.97 6.52
C SER A 14 -3.47 9.77 5.38
N GLY A 15 -2.98 9.18 4.31
CA GLY A 15 -3.82 8.91 3.15
C GLY A 15 -4.69 7.67 3.37
N LYS A 16 -5.69 7.54 2.52
CA LYS A 16 -6.61 6.40 2.61
C LYS A 16 -5.78 5.11 2.70
N VAL A 17 -6.49 4.03 3.00
CA VAL A 17 -5.85 2.73 3.13
C VAL A 17 -6.08 1.92 1.85
N HIS A 18 -5.18 0.98 1.62
CA HIS A 18 -5.28 0.13 0.44
C HIS A 18 -4.64 -1.22 0.73
N LEU A 19 -5.48 -2.25 0.76
CA LEU A 19 -5.01 -3.60 1.02
C LEU A 19 -4.39 -4.18 -0.26
N CYS A 20 -3.10 -4.48 -0.17
CA CYS A 20 -2.39 -5.04 -1.30
C CYS A 20 -1.82 -6.39 -0.88
N VAL A 21 -1.73 -7.29 -1.86
CA VAL A 21 -1.20 -8.62 -1.61
C VAL A 21 0.06 -8.83 -2.45
N ALA A 22 1.16 -9.07 -1.75
CA ALA A 22 2.44 -9.28 -2.41
C ALA A 22 2.25 -10.30 -3.55
N ARG A 23 2.74 -9.91 -4.72
CA ARG A 23 2.63 -10.77 -5.89
C ARG A 23 3.84 -11.72 -5.97
N TYR A 24 4.95 -11.26 -5.42
CA TYR A 24 6.17 -12.05 -5.43
C TYR A 24 7.02 -11.74 -4.19
N SER A 25 7.43 -12.80 -3.51
CA SER A 25 8.24 -12.66 -2.31
C SER A 25 9.44 -11.77 -2.61
N TYR A 26 9.53 -10.68 -1.84
CA TYR A 26 10.62 -9.74 -2.00
C TYR A 26 11.24 -9.37 -0.65
N ASN A 27 12.54 -9.17 -0.66
CA ASN A 27 13.26 -8.81 0.55
C ASN A 27 14.26 -7.69 0.23
N PRO A 28 14.06 -6.54 0.90
CA PRO A 28 14.94 -5.39 0.69
C PRO A 28 16.28 -5.60 1.40
N PHE A 29 16.22 -6.34 2.50
CA PHE A 29 17.42 -6.62 3.27
C PHE A 29 18.14 -7.87 2.75
N ASP A 30 18.05 -8.05 1.43
CA ASP A 30 18.69 -9.20 0.80
C ASP A 30 19.83 -8.71 -0.09
N GLY A 31 19.70 -7.48 -0.56
CA GLY A 31 20.71 -6.89 -1.42
C GLY A 31 21.63 -5.97 -0.62
N PRO A 32 22.59 -5.36 -1.36
CA PRO A 32 23.55 -4.45 -0.73
C PRO A 32 22.89 -3.10 -0.42
N ASN A 33 21.61 -3.01 -0.74
CA ASN A 33 20.86 -1.79 -0.50
C ASN A 33 21.33 -1.16 0.81
N GLU A 34 21.21 0.15 0.88
CA GLU A 34 21.62 0.89 2.07
C GLU A 34 20.39 1.39 2.83
N ASN A 35 19.24 1.20 2.21
CA ASN A 35 17.98 1.63 2.81
C ASN A 35 16.93 0.54 2.61
N PRO A 36 17.24 -0.66 3.17
CA PRO A 36 16.33 -1.80 3.06
C PRO A 36 15.14 -1.63 4.01
N GLU A 37 15.41 -1.01 5.14
CA GLU A 37 14.37 -0.79 6.14
C GLU A 37 13.27 0.11 5.56
N ALA A 38 13.67 0.95 4.62
CA ALA A 38 12.72 1.86 3.98
C ALA A 38 11.61 1.04 3.33
N GLU A 39 12.01 0.00 2.61
CA GLU A 39 11.06 -0.86 1.93
C GLU A 39 10.51 -1.90 2.89
N LEU A 40 9.75 -2.83 2.34
CA LEU A 40 9.15 -3.89 3.14
C LEU A 40 9.35 -5.23 2.43
N PRO A 41 9.58 -6.29 3.25
CA PRO A 41 9.79 -7.63 2.71
C PRO A 41 8.46 -8.24 2.25
N LEU A 42 8.16 -8.04 0.97
CA LEU A 42 6.94 -8.56 0.40
C LEU A 42 6.98 -10.09 0.42
N THR A 43 5.81 -10.68 0.54
CA THR A 43 5.70 -12.13 0.58
C THR A 43 4.47 -12.59 -0.21
N ALA A 44 4.74 -13.10 -1.42
CA ALA A 44 3.67 -13.58 -2.28
C ALA A 44 2.54 -14.15 -1.42
N GLY A 45 1.39 -13.48 -1.49
CA GLY A 45 0.23 -13.91 -0.73
C GLY A 45 -0.04 -12.96 0.44
N LYS A 46 1.05 -12.61 1.13
CA LYS A 46 0.94 -11.71 2.27
C LYS A 46 0.27 -10.41 1.83
N TYR A 47 -0.47 -9.81 2.77
CA TYR A 47 -1.16 -8.57 2.49
C TYR A 47 -0.47 -7.39 3.16
N LEU A 48 -0.92 -6.20 2.81
CA LEU A 48 -0.35 -4.98 3.36
C LEU A 48 -1.29 -3.80 3.08
N TYR A 49 -1.15 -2.76 3.89
CA TYR A 49 -1.97 -1.57 3.73
C TYR A 49 -1.12 -0.37 3.33
N VAL A 50 -1.48 0.21 2.20
CA VAL A 50 -0.75 1.38 1.70
C VAL A 50 -1.50 2.65 2.13
N TYR A 51 -0.85 3.41 2.99
CA TYR A 51 -1.43 4.66 3.47
C TYR A 51 -1.10 5.81 2.53
N GLY A 52 -1.96 5.99 1.54
CA GLY A 52 -1.78 7.06 0.58
C GLY A 52 -1.50 6.49 -0.83
N ASP A 53 -1.26 7.39 -1.76
CA ASP A 53 -0.98 7.00 -3.13
C ASP A 53 0.50 6.64 -3.26
N MET A 54 0.93 6.46 -4.51
CA MET A 54 2.30 6.12 -4.79
C MET A 54 3.25 7.22 -4.29
N ASP A 55 4.51 6.83 -4.08
CA ASP A 55 5.50 7.76 -3.60
C ASP A 55 6.16 8.45 -4.80
N GLU A 56 7.00 9.44 -4.51
CA GLU A 56 7.69 10.18 -5.54
C GLU A 56 8.48 9.23 -6.44
N ASP A 57 8.88 8.10 -5.86
CA ASP A 57 9.65 7.11 -6.58
C ASP A 57 8.68 6.12 -7.24
N GLY A 58 7.46 6.10 -6.71
CA GLY A 58 6.43 5.20 -7.24
C GLY A 58 6.26 3.98 -6.33
N PHE A 59 6.60 4.17 -5.06
CA PHE A 59 6.49 3.10 -4.09
C PHE A 59 5.25 3.28 -3.21
N TYR A 60 4.83 2.19 -2.60
CA TYR A 60 3.66 2.21 -1.73
C TYR A 60 4.06 2.04 -0.26
N GLU A 61 3.52 2.91 0.57
CA GLU A 61 3.81 2.86 1.99
C GLU A 61 2.99 1.76 2.67
N GLY A 62 3.20 0.55 2.22
CA GLY A 62 2.50 -0.60 2.78
C GLY A 62 2.79 -0.76 4.27
N GLU A 63 1.78 -1.19 5.00
CA GLU A 63 1.91 -1.39 6.43
C GLU A 63 1.75 -2.88 6.78
N LEU A 64 2.86 -3.59 6.74
CA LEU A 64 2.85 -5.01 7.06
C LEU A 64 1.89 -5.27 8.22
N LEU A 65 1.24 -6.42 8.16
CA LEU A 65 0.30 -6.80 9.20
C LEU A 65 1.01 -6.80 10.56
N ASP A 66 2.33 -6.85 10.49
CA ASP A 66 3.14 -6.85 11.70
C ASP A 66 3.33 -5.41 12.20
N GLY A 67 2.85 -4.48 11.39
CA GLY A 67 2.95 -3.07 11.74
C GLY A 67 4.15 -2.42 11.06
N GLN A 68 4.79 -3.20 10.19
CA GLN A 68 5.96 -2.71 9.47
C GLN A 68 5.55 -1.68 8.43
N ARG A 69 6.11 -0.49 8.56
CA ARG A 69 5.81 0.60 7.65
C ARG A 69 7.04 0.91 6.77
N GLY A 70 6.88 0.68 5.48
CA GLY A 70 7.96 0.92 4.54
C GLY A 70 7.42 1.03 3.11
N LEU A 71 8.34 1.23 2.18
CA LEU A 71 7.97 1.35 0.78
C LEU A 71 7.60 -0.03 0.24
N VAL A 72 6.85 -0.01 -0.86
CA VAL A 72 6.41 -1.25 -1.49
C VAL A 72 6.15 -1.00 -2.97
N PRO A 73 6.83 -1.82 -3.82
CA PRO A 73 6.67 -1.70 -5.26
C PRO A 73 5.34 -2.26 -5.72
N SER A 74 4.65 -1.49 -6.54
CA SER A 74 3.35 -1.91 -7.06
C SER A 74 3.54 -3.02 -8.08
N ASN A 75 4.80 -3.33 -8.36
CA ASN A 75 5.12 -4.38 -9.32
C ASN A 75 5.28 -5.70 -8.58
N PHE A 76 5.14 -5.64 -7.26
CA PHE A 76 5.26 -6.82 -6.43
C PHE A 76 4.07 -6.94 -5.48
N VAL A 77 3.08 -6.10 -5.69
CA VAL A 77 1.89 -6.10 -4.86
C VAL A 77 0.65 -6.16 -5.75
N ASP A 78 -0.44 -6.64 -5.17
CA ASP A 78 -1.69 -6.75 -5.91
C ASP A 78 -2.83 -6.27 -5.01
N PHE A 79 -3.37 -5.11 -5.37
CA PHE A 79 -4.47 -4.53 -4.61
C PHE A 79 -5.60 -5.54 -4.41
N VAL A 80 -5.48 -6.31 -3.33
CA VAL A 80 -6.48 -7.31 -3.02
C VAL A 80 -7.78 -6.62 -2.60
N GLN A 81 -8.85 -7.41 -2.58
CA GLN A 81 -10.15 -6.89 -2.19
C GLN A 81 -10.86 -7.87 -1.26
N ASP A 82 -11.45 -7.32 -0.20
CA ASP A 82 -12.15 -8.14 0.77
C ASP A 82 -13.25 -8.93 0.05
N ASN A 83 -14.34 -8.24 -0.25
CA ASN A 83 -15.46 -8.86 -0.92
C ASN A 83 -16.67 -7.91 -0.90
N GLU A 84 -16.80 -7.16 -1.97
CA GLU A 84 -17.90 -6.21 -2.08
C GLU A 84 -17.85 -5.20 -0.93
N SER A 85 -16.70 -5.19 -0.25
CA SER A 85 -16.52 -4.27 0.86
C SER A 85 -16.61 -2.83 0.38
N ARG A 86 -15.91 -1.95 1.10
CA ARG A 86 -15.91 -0.54 0.75
C ARG A 86 -15.35 -0.34 -0.66
N LEU A 87 -14.38 -1.17 -1.01
CA LEU A 87 -13.76 -1.10 -2.32
C LEU A 87 -14.49 -2.04 -3.27
N ALA A 88 -14.15 -1.93 -4.55
CA ALA A 88 -14.76 -2.76 -5.57
C ALA A 88 -14.39 -2.22 -6.96
N SER A 89 -14.92 -2.88 -7.97
CA SER A 89 -14.66 -2.48 -9.34
C SER A 89 -15.94 -1.98 -10.00
N THR A 90 -16.11 -0.66 -9.97
CA THR A 90 -17.29 -0.04 -10.56
C THR A 90 -17.02 1.43 -10.86
N SER A 91 -17.61 1.89 -11.95
CA SER A 91 -17.45 3.28 -12.36
C SER A 91 -17.83 4.22 -11.20
N GLY A 92 -16.99 5.22 -10.99
CA GLY A 92 -17.21 6.18 -9.92
C GLY A 92 -17.89 7.44 -10.46
N PRO A 93 -17.03 8.37 -10.95
CA PRO A 93 -17.53 9.63 -11.50
C PRO A 93 -18.14 9.42 -12.89
N SER A 94 -19.33 9.97 -13.07
CA SER A 94 -20.03 9.85 -14.33
C SER A 94 -19.20 10.48 -15.45
N SER A 95 -19.46 10.03 -16.66
CA SER A 95 -18.75 10.55 -17.83
C SER A 95 -19.41 10.04 -19.11
N GLY A 96 -20.13 10.94 -19.76
CA GLY A 96 -20.82 10.59 -20.99
C GLY A 96 -22.33 10.65 -20.81
N GLY A 1 -19.57 15.90 11.86
CA GLY A 1 -18.48 14.94 12.04
C GLY A 1 -17.97 14.45 10.68
N SER A 2 -17.94 13.13 10.54
CA SER A 2 -17.48 12.52 9.30
C SER A 2 -15.96 12.67 9.17
N SER A 3 -15.54 13.91 9.00
CA SER A 3 -14.11 14.20 8.86
C SER A 3 -13.50 13.32 7.77
N GLY A 4 -13.50 13.85 6.56
CA GLY A 4 -12.95 13.13 5.43
C GLY A 4 -13.32 13.80 4.11
N SER A 5 -12.35 14.53 3.56
CA SER A 5 -12.58 15.23 2.30
C SER A 5 -11.32 15.15 1.44
N SER A 6 -11.30 14.15 0.55
CA SER A 6 -10.17 13.96 -0.33
C SER A 6 -9.82 15.26 -1.04
N GLY A 7 -8.58 15.35 -1.50
CA GLY A 7 -8.11 16.53 -2.20
C GLY A 7 -7.10 17.30 -1.34
N THR A 8 -7.62 18.02 -0.36
CA THR A 8 -6.78 18.80 0.52
C THR A 8 -6.05 17.88 1.51
N SER A 9 -4.78 17.63 1.20
CA SER A 9 -3.96 16.77 2.04
C SER A 9 -3.80 17.40 3.43
N LYS A 10 -4.17 16.63 4.44
CA LYS A 10 -4.06 17.10 5.81
C LYS A 10 -2.75 16.62 6.42
N GLN A 11 -2.63 15.30 6.50
CA GLN A 11 -1.43 14.69 7.05
C GLN A 11 -0.70 13.89 5.98
N ARG A 12 0.35 13.20 6.41
CA ARG A 12 1.15 12.40 5.50
C ARG A 12 1.25 10.96 6.01
N TYR A 13 0.33 10.62 6.91
CA TYR A 13 0.32 9.29 7.48
C TYR A 13 -1.02 9.00 8.16
N SER A 14 -2.08 9.55 7.57
CA SER A 14 -3.42 9.36 8.10
C SER A 14 -4.45 9.37 6.97
N GLY A 15 -3.95 9.10 5.77
CA GLY A 15 -4.81 9.06 4.60
C GLY A 15 -5.55 7.73 4.51
N LYS A 16 -6.15 7.50 3.35
CA LYS A 16 -6.89 6.28 3.12
C LYS A 16 -5.93 5.10 3.07
N VAL A 17 -6.48 3.91 3.32
CA VAL A 17 -5.68 2.70 3.30
C VAL A 17 -5.99 1.91 2.03
N HIS A 18 -5.08 1.00 1.70
CA HIS A 18 -5.24 0.17 0.52
C HIS A 18 -4.62 -1.20 0.77
N LEU A 19 -5.48 -2.21 0.80
CA LEU A 19 -5.03 -3.57 1.03
C LEU A 19 -4.42 -4.12 -0.26
N CYS A 20 -3.15 -4.47 -0.17
CA CYS A 20 -2.43 -5.01 -1.31
C CYS A 20 -1.88 -6.39 -0.93
N VAL A 21 -1.80 -7.25 -1.93
CA VAL A 21 -1.29 -8.59 -1.71
C VAL A 21 -0.02 -8.81 -2.55
N ALA A 22 1.06 -9.10 -1.84
CA ALA A 22 2.34 -9.32 -2.50
C ALA A 22 2.16 -10.34 -3.63
N ARG A 23 2.78 -10.04 -4.76
CA ARG A 23 2.70 -10.92 -5.92
C ARG A 23 3.88 -11.90 -5.92
N TYR A 24 5.00 -11.43 -5.41
CA TYR A 24 6.20 -12.25 -5.35
C TYR A 24 7.05 -11.90 -4.12
N SER A 25 7.43 -12.93 -3.40
CA SER A 25 8.24 -12.75 -2.20
C SER A 25 9.38 -11.76 -2.49
N TYR A 26 9.43 -10.71 -1.68
CA TYR A 26 10.45 -9.70 -1.84
C TYR A 26 11.33 -9.61 -0.59
N ASN A 27 12.57 -9.18 -0.80
CA ASN A 27 13.51 -9.04 0.29
C ASN A 27 14.45 -7.86 0.01
N PRO A 28 14.10 -6.69 0.63
CA PRO A 28 14.90 -5.50 0.45
C PRO A 28 16.20 -5.58 1.26
N PHE A 29 16.19 -6.47 2.23
CA PHE A 29 17.36 -6.67 3.08
C PHE A 29 18.21 -7.85 2.59
N ASP A 30 18.17 -8.07 1.29
CA ASP A 30 18.92 -9.15 0.69
C ASP A 30 20.09 -8.57 -0.11
N GLY A 31 19.87 -7.37 -0.62
CA GLY A 31 20.90 -6.70 -1.41
C GLY A 31 21.67 -5.70 -0.55
N PRO A 32 22.62 -4.99 -1.22
CA PRO A 32 23.43 -4.00 -0.53
C PRO A 32 22.63 -2.72 -0.26
N ASN A 33 21.37 -2.76 -0.66
CA ASN A 33 20.48 -1.62 -0.46
C ASN A 33 20.79 -0.97 0.89
N GLU A 34 21.23 0.28 0.81
CA GLU A 34 21.57 1.02 2.02
C GLU A 34 20.30 1.50 2.72
N ASN A 35 19.16 1.21 2.10
CA ASN A 35 17.88 1.59 2.64
C ASN A 35 16.89 0.44 2.51
N PRO A 36 17.26 -0.70 3.16
CA PRO A 36 16.41 -1.89 3.11
C PRO A 36 15.18 -1.72 4.01
N GLU A 37 15.41 -1.16 5.18
CA GLU A 37 14.34 -0.94 6.14
C GLU A 37 13.28 -0.01 5.54
N ALA A 38 13.71 0.78 4.57
CA ALA A 38 12.81 1.70 3.90
C ALA A 38 11.65 0.92 3.27
N GLU A 39 12.02 -0.12 2.55
CA GLU A 39 11.03 -0.96 1.89
C GLU A 39 10.48 -2.01 2.86
N LEU A 40 9.65 -2.89 2.34
CA LEU A 40 9.06 -3.94 3.14
C LEU A 40 9.21 -5.28 2.42
N PRO A 41 9.60 -6.32 3.20
CA PRO A 41 9.79 -7.65 2.66
C PRO A 41 8.45 -8.32 2.39
N LEU A 42 7.97 -8.14 1.16
CA LEU A 42 6.71 -8.73 0.75
C LEU A 42 6.79 -10.25 0.88
N THR A 43 5.67 -10.90 0.58
CA THR A 43 5.61 -12.35 0.64
C THR A 43 4.42 -12.87 -0.18
N ALA A 44 4.69 -13.13 -1.45
CA ALA A 44 3.67 -13.63 -2.34
C ALA A 44 2.50 -14.18 -1.52
N GLY A 45 1.36 -13.53 -1.66
CA GLY A 45 0.16 -13.95 -0.94
C GLY A 45 -0.11 -13.02 0.25
N LYS A 46 0.96 -12.67 0.95
CA LYS A 46 0.85 -11.79 2.09
C LYS A 46 0.07 -10.54 1.70
N TYR A 47 -0.47 -9.87 2.71
CA TYR A 47 -1.23 -8.66 2.49
C TYR A 47 -0.65 -7.49 3.28
N LEU A 48 -0.80 -6.29 2.71
CA LEU A 48 -0.31 -5.09 3.35
C LEU A 48 -1.26 -3.94 3.07
N TYR A 49 -1.08 -2.86 3.83
CA TYR A 49 -1.92 -1.69 3.67
C TYR A 49 -1.08 -0.47 3.29
N VAL A 50 -1.43 0.12 2.15
CA VAL A 50 -0.73 1.29 1.65
C VAL A 50 -1.51 2.54 2.02
N TYR A 51 -0.91 3.34 2.89
CA TYR A 51 -1.54 4.57 3.35
C TYR A 51 -1.16 5.74 2.42
N GLY A 52 -2.07 6.04 1.50
CA GLY A 52 -1.85 7.13 0.57
C GLY A 52 -1.60 6.60 -0.84
N ASP A 53 -1.17 7.49 -1.72
CA ASP A 53 -0.90 7.12 -3.10
C ASP A 53 0.59 6.83 -3.26
N MET A 54 1.00 6.63 -4.50
CA MET A 54 2.39 6.35 -4.80
C MET A 54 3.32 7.35 -4.12
N ASP A 55 4.57 6.95 -3.95
CA ASP A 55 5.56 7.80 -3.31
C ASP A 55 6.33 8.55 -4.39
N GLU A 56 7.16 9.48 -3.95
CA GLU A 56 7.97 10.28 -4.86
C GLU A 56 8.84 9.36 -5.72
N ASP A 57 9.16 8.20 -5.16
CA ASP A 57 9.98 7.24 -5.87
C ASP A 57 9.09 6.31 -6.70
N GLY A 58 7.81 6.31 -6.35
CA GLY A 58 6.85 5.48 -7.05
C GLY A 58 6.60 4.17 -6.29
N PHE A 59 6.78 4.24 -4.98
CA PHE A 59 6.57 3.07 -4.14
C PHE A 59 5.33 3.24 -3.26
N TYR A 60 4.93 2.13 -2.65
CA TYR A 60 3.77 2.15 -1.78
C TYR A 60 4.16 1.96 -0.31
N GLU A 61 3.73 2.89 0.52
CA GLU A 61 4.03 2.83 1.94
C GLU A 61 3.17 1.77 2.63
N GLY A 62 3.36 0.53 2.21
CA GLY A 62 2.60 -0.58 2.78
C GLY A 62 2.85 -0.70 4.28
N GLU A 63 1.84 -1.19 4.97
CA GLU A 63 1.94 -1.37 6.41
C GLU A 63 1.80 -2.85 6.78
N LEU A 64 2.94 -3.52 6.86
CA LEU A 64 2.95 -4.93 7.20
C LEU A 64 1.91 -5.20 8.29
N LEU A 65 1.37 -6.41 8.25
CA LEU A 65 0.36 -6.80 9.22
C LEU A 65 0.92 -6.63 10.63
N ASP A 66 2.25 -6.67 10.71
CA ASP A 66 2.92 -6.52 11.98
C ASP A 66 2.93 -5.04 12.39
N GLY A 67 2.79 -4.19 11.39
CA GLY A 67 2.78 -2.76 11.61
C GLY A 67 3.98 -2.08 10.96
N GLN A 68 4.78 -2.90 10.28
CA GLN A 68 5.96 -2.40 9.60
C GLN A 68 5.56 -1.41 8.50
N ARG A 69 6.13 -0.22 8.58
CA ARG A 69 5.83 0.82 7.60
C ARG A 69 7.06 1.07 6.72
N GLY A 70 6.94 0.69 5.47
CA GLY A 70 8.03 0.87 4.51
C GLY A 70 7.50 0.96 3.08
N LEU A 71 8.42 1.19 2.16
CA LEU A 71 8.05 1.29 0.76
C LEU A 71 7.64 -0.09 0.23
N VAL A 72 6.95 -0.07 -0.90
CA VAL A 72 6.50 -1.31 -1.51
C VAL A 72 6.25 -1.08 -3.01
N PRO A 73 6.89 -1.95 -3.83
CA PRO A 73 6.75 -1.84 -5.27
C PRO A 73 5.38 -2.36 -5.73
N SER A 74 4.73 -1.55 -6.56
CA SER A 74 3.42 -1.92 -7.07
C SER A 74 3.55 -3.05 -8.09
N ASN A 75 4.80 -3.41 -8.37
CA ASN A 75 5.08 -4.48 -9.32
C ASN A 75 5.17 -5.81 -8.57
N PHE A 76 5.19 -5.71 -7.25
CA PHE A 76 5.28 -6.89 -6.41
C PHE A 76 4.07 -7.00 -5.49
N VAL A 77 3.12 -6.10 -5.69
CA VAL A 77 1.92 -6.08 -4.88
C VAL A 77 0.70 -6.13 -5.81
N ASP A 78 -0.42 -6.58 -5.25
CA ASP A 78 -1.65 -6.68 -6.00
C ASP A 78 -2.82 -6.20 -5.13
N PHE A 79 -3.32 -5.02 -5.44
CA PHE A 79 -4.43 -4.44 -4.71
C PHE A 79 -5.56 -5.46 -4.54
N VAL A 80 -5.50 -6.19 -3.43
CA VAL A 80 -6.51 -7.20 -3.15
C VAL A 80 -7.80 -6.51 -2.71
N GLN A 81 -8.87 -7.29 -2.69
CA GLN A 81 -10.17 -6.76 -2.29
C GLN A 81 -10.90 -7.76 -1.40
N ASP A 82 -11.45 -7.24 -0.31
CA ASP A 82 -12.18 -8.07 0.63
C ASP A 82 -13.64 -8.15 0.22
N ASN A 83 -14.24 -6.98 0.05
CA ASN A 83 -15.64 -6.90 -0.35
C ASN A 83 -15.93 -5.52 -0.93
N GLU A 84 -15.77 -5.40 -2.23
CA GLU A 84 -16.01 -4.14 -2.91
C GLU A 84 -17.30 -3.50 -2.39
N SER A 85 -18.40 -4.23 -2.54
CA SER A 85 -19.68 -3.73 -2.09
C SER A 85 -20.07 -2.48 -2.87
N ARG A 86 -21.12 -2.60 -3.65
CA ARG A 86 -21.60 -1.48 -4.46
C ARG A 86 -22.19 -0.40 -3.56
N LEU A 87 -22.73 -0.84 -2.43
CA LEU A 87 -23.34 0.08 -1.48
C LEU A 87 -22.32 1.17 -1.12
N ALA A 88 -22.85 2.36 -0.87
CA ALA A 88 -22.00 3.49 -0.52
C ALA A 88 -21.12 3.86 -1.71
N SER A 89 -20.40 4.96 -1.57
CA SER A 89 -19.53 5.43 -2.62
C SER A 89 -18.81 4.24 -3.28
N THR A 90 -18.88 4.23 -4.60
CA THR A 90 -18.25 3.16 -5.37
C THR A 90 -18.02 3.60 -6.82
N SER A 91 -16.93 3.12 -7.38
CA SER A 91 -16.57 3.45 -8.75
C SER A 91 -15.73 2.33 -9.37
N GLY A 92 -16.11 1.93 -10.56
CA GLY A 92 -15.40 0.88 -11.27
C GLY A 92 -16.25 -0.39 -11.34
N PRO A 93 -15.58 -1.50 -11.77
CA PRO A 93 -16.25 -2.78 -11.90
C PRO A 93 -16.49 -3.42 -10.52
N SER A 94 -17.61 -4.11 -10.40
CA SER A 94 -17.96 -4.76 -9.15
C SER A 94 -19.20 -5.62 -9.34
N SER A 95 -19.43 -6.50 -8.39
CA SER A 95 -20.58 -7.38 -8.43
C SER A 95 -20.64 -8.09 -9.79
N GLY A 96 -19.92 -9.21 -9.87
CA GLY A 96 -19.87 -9.98 -11.09
C GLY A 96 -18.88 -11.15 -10.97
N GLY A 1 -12.92 1.86 -10.36
CA GLY A 1 -12.04 1.93 -9.20
C GLY A 1 -11.22 3.21 -9.20
N SER A 2 -10.00 3.09 -9.72
CA SER A 2 -9.12 4.24 -9.80
C SER A 2 -8.71 4.68 -8.39
N SER A 3 -7.58 5.36 -8.31
CA SER A 3 -7.07 5.84 -7.04
C SER A 3 -6.52 7.26 -7.19
N GLY A 4 -6.45 7.96 -6.06
CA GLY A 4 -5.95 9.32 -6.06
C GLY A 4 -4.43 9.36 -6.26
N SER A 5 -3.85 10.51 -5.95
CA SER A 5 -2.42 10.68 -6.09
C SER A 5 -1.93 11.74 -5.10
N SER A 6 -0.67 11.60 -4.71
CA SER A 6 -0.07 12.54 -3.77
C SER A 6 1.45 12.46 -3.86
N GLY A 7 2.10 13.44 -3.25
CA GLY A 7 3.56 13.49 -3.25
C GLY A 7 4.10 13.75 -1.84
N THR A 8 5.30 13.27 -1.60
CA THR A 8 5.94 13.45 -0.31
C THR A 8 5.21 12.63 0.76
N SER A 9 5.94 12.34 1.83
CA SER A 9 5.38 11.57 2.93
C SER A 9 5.24 12.45 4.17
N LYS A 10 4.02 12.93 4.39
CA LYS A 10 3.74 13.78 5.53
C LYS A 10 3.43 12.91 6.75
N GLN A 11 2.33 12.19 6.64
CA GLN A 11 1.91 11.32 7.73
C GLN A 11 1.52 9.93 7.17
N ARG A 12 1.91 8.91 7.92
CA ARG A 12 1.63 7.55 7.52
C ARG A 12 0.29 7.10 8.11
N TYR A 13 -0.65 8.03 8.13
CA TYR A 13 -1.98 7.74 8.67
C TYR A 13 -2.90 8.95 8.51
N SER A 14 -2.97 9.45 7.29
CA SER A 14 -3.81 10.60 7.00
C SER A 14 -4.72 10.29 5.81
N GLY A 15 -4.14 9.66 4.80
CA GLY A 15 -4.88 9.31 3.60
C GLY A 15 -5.34 7.86 3.66
N LYS A 16 -6.48 7.61 3.00
CA LYS A 16 -7.04 6.26 2.98
C LYS A 16 -5.92 5.24 2.74
N VAL A 17 -6.20 4.01 3.12
CA VAL A 17 -5.23 2.94 2.96
C VAL A 17 -5.77 1.92 1.95
N HIS A 18 -4.84 1.22 1.32
CA HIS A 18 -5.21 0.22 0.33
C HIS A 18 -4.54 -1.11 0.69
N LEU A 19 -5.35 -2.17 0.69
CA LEU A 19 -4.86 -3.49 1.00
C LEU A 19 -4.36 -4.17 -0.28
N CYS A 20 -3.07 -4.50 -0.27
CA CYS A 20 -2.47 -5.14 -1.41
C CYS A 20 -1.94 -6.51 -0.97
N VAL A 21 -1.81 -7.40 -1.94
CA VAL A 21 -1.32 -8.74 -1.67
C VAL A 21 0.01 -8.96 -2.38
N ALA A 22 1.07 -9.09 -1.58
CA ALA A 22 2.40 -9.30 -2.13
C ALA A 22 2.30 -10.15 -3.39
N ARG A 23 2.73 -9.55 -4.49
CA ARG A 23 2.69 -10.25 -5.78
C ARG A 23 3.81 -11.31 -5.83
N TYR A 24 5.01 -10.86 -5.51
CA TYR A 24 6.16 -11.74 -5.53
C TYR A 24 7.05 -11.52 -4.31
N SER A 25 7.33 -12.61 -3.61
CA SER A 25 8.16 -12.54 -2.42
C SER A 25 9.33 -11.59 -2.64
N TYR A 26 9.34 -10.51 -1.87
CA TYR A 26 10.39 -9.52 -1.98
C TYR A 26 11.01 -9.22 -0.61
N ASN A 27 12.31 -8.95 -0.64
CA ASN A 27 13.02 -8.66 0.60
C ASN A 27 14.12 -7.64 0.30
N PRO A 28 13.97 -6.44 0.94
CA PRO A 28 14.94 -5.37 0.75
C PRO A 28 16.24 -5.66 1.51
N PHE A 29 16.08 -6.40 2.61
CA PHE A 29 17.24 -6.75 3.43
C PHE A 29 17.92 -8.00 2.89
N ASP A 30 17.84 -8.18 1.58
CA ASP A 30 18.45 -9.33 0.94
C ASP A 30 19.65 -8.86 0.10
N GLY A 31 19.59 -7.60 -0.31
CA GLY A 31 20.65 -7.02 -1.11
C GLY A 31 21.53 -6.09 -0.28
N PRO A 32 22.58 -5.55 -0.94
CA PRO A 32 23.50 -4.65 -0.27
C PRO A 32 22.86 -3.27 -0.07
N ASN A 33 21.62 -3.15 -0.51
CA ASN A 33 20.89 -1.90 -0.39
C ASN A 33 21.32 -1.19 0.88
N GLU A 34 21.30 0.14 0.82
CA GLU A 34 21.68 0.94 1.97
C GLU A 34 20.44 1.45 2.70
N ASN A 35 19.29 1.25 2.07
CA ASN A 35 18.03 1.67 2.65
C ASN A 35 16.98 0.56 2.45
N PRO A 36 17.30 -0.62 3.02
CA PRO A 36 16.41 -1.77 2.91
C PRO A 36 15.21 -1.61 3.85
N GLU A 37 15.46 -0.97 4.98
CA GLU A 37 14.41 -0.75 5.97
C GLU A 37 13.30 0.13 5.37
N ALA A 38 13.71 0.98 4.45
CA ALA A 38 12.76 1.88 3.80
C ALA A 38 11.63 1.05 3.18
N GLU A 39 12.03 0.02 2.46
CA GLU A 39 11.05 -0.86 1.81
C GLU A 39 10.52 -1.89 2.81
N LEU A 40 9.67 -2.77 2.30
CA LEU A 40 9.09 -3.81 3.13
C LEU A 40 9.25 -5.16 2.43
N PRO A 41 9.53 -6.20 3.27
CA PRO A 41 9.72 -7.55 2.75
C PRO A 41 8.38 -8.17 2.36
N LEU A 42 8.02 -8.01 1.09
CA LEU A 42 6.78 -8.54 0.59
C LEU A 42 6.88 -10.07 0.52
N THR A 43 5.73 -10.72 0.73
CA THR A 43 5.68 -12.17 0.70
C THR A 43 4.52 -12.64 -0.17
N ALA A 44 4.86 -13.06 -1.38
CA ALA A 44 3.86 -13.54 -2.31
C ALA A 44 2.70 -14.19 -1.54
N GLY A 45 1.54 -13.58 -1.65
CA GLY A 45 0.36 -14.07 -0.97
C GLY A 45 -0.01 -13.19 0.22
N LYS A 46 1.02 -12.80 0.96
CA LYS A 46 0.82 -11.95 2.13
C LYS A 46 0.19 -10.64 1.69
N TYR A 47 -0.40 -9.95 2.66
CA TYR A 47 -1.05 -8.68 2.39
C TYR A 47 -0.37 -7.55 3.15
N LEU A 48 -0.80 -6.33 2.86
CA LEU A 48 -0.25 -5.16 3.51
C LEU A 48 -1.15 -3.95 3.25
N TYR A 49 -1.08 -2.98 4.15
CA TYR A 49 -1.88 -1.78 4.03
C TYR A 49 -1.03 -0.58 3.62
N VAL A 50 -1.21 -0.15 2.38
CA VAL A 50 -0.46 0.98 1.86
C VAL A 50 -1.30 2.25 2.01
N TYR A 51 -0.90 3.07 2.96
CA TYR A 51 -1.61 4.32 3.22
C TYR A 51 -1.34 5.33 2.11
N GLY A 52 -2.38 6.06 1.74
CA GLY A 52 -2.27 7.07 0.70
C GLY A 52 -2.01 6.42 -0.66
N ASP A 53 -1.25 7.12 -1.48
CA ASP A 53 -0.92 6.63 -2.80
C ASP A 53 0.61 6.53 -2.94
N MET A 54 1.03 6.14 -4.13
CA MET A 54 2.45 6.00 -4.41
C MET A 54 3.22 7.25 -3.95
N ASP A 55 4.51 7.05 -3.72
CA ASP A 55 5.37 8.14 -3.28
C ASP A 55 6.02 8.80 -4.50
N GLU A 56 6.70 9.90 -4.24
CA GLU A 56 7.38 10.63 -5.31
C GLU A 56 8.43 9.74 -5.97
N ASP A 57 8.74 8.64 -5.30
CA ASP A 57 9.73 7.71 -5.82
C ASP A 57 9.03 6.67 -6.70
N GLY A 58 7.79 6.38 -6.35
CA GLY A 58 7.01 5.41 -7.10
C GLY A 58 6.85 4.10 -6.32
N PHE A 59 6.61 4.25 -5.02
CA PHE A 59 6.44 3.10 -4.15
C PHE A 59 5.24 3.29 -3.21
N TYR A 60 4.82 2.19 -2.62
CA TYR A 60 3.69 2.22 -1.71
C TYR A 60 4.15 2.10 -0.26
N GLU A 61 3.54 2.91 0.59
CA GLU A 61 3.87 2.90 2.01
C GLU A 61 3.16 1.76 2.72
N GLY A 62 3.24 0.58 2.11
CA GLY A 62 2.60 -0.60 2.68
C GLY A 62 2.93 -0.74 4.17
N GLU A 63 1.95 -1.22 4.91
CA GLU A 63 2.11 -1.40 6.34
C GLU A 63 1.95 -2.88 6.71
N LEU A 64 3.08 -3.57 6.75
CA LEU A 64 3.07 -4.99 7.08
C LEU A 64 2.04 -5.23 8.20
N LEU A 65 1.42 -6.40 8.12
CA LEU A 65 0.41 -6.78 9.10
C LEU A 65 1.03 -6.67 10.51
N ASP A 66 2.34 -6.74 10.54
CA ASP A 66 3.07 -6.66 11.81
C ASP A 66 3.11 -5.21 12.27
N GLY A 67 3.00 -4.30 11.31
CA GLY A 67 3.03 -2.88 11.60
C GLY A 67 4.21 -2.21 10.91
N GLN A 68 4.98 -3.01 10.20
CA GLN A 68 6.14 -2.51 9.49
C GLN A 68 5.71 -1.53 8.39
N ARG A 69 6.24 -0.32 8.49
CA ARG A 69 5.91 0.72 7.51
C ARG A 69 7.13 1.01 6.63
N GLY A 70 6.97 0.75 5.34
CA GLY A 70 8.04 0.98 4.39
C GLY A 70 7.49 1.07 2.96
N LEU A 71 8.40 1.28 2.02
CA LEU A 71 8.03 1.39 0.63
C LEU A 71 7.59 0.02 0.12
N VAL A 72 6.90 0.04 -1.01
CA VAL A 72 6.40 -1.19 -1.62
C VAL A 72 6.13 -0.95 -3.10
N PRO A 73 6.81 -1.77 -3.95
CA PRO A 73 6.65 -1.65 -5.39
C PRO A 73 5.30 -2.24 -5.84
N SER A 74 4.59 -1.45 -6.62
CA SER A 74 3.30 -1.87 -7.12
C SER A 74 3.47 -3.05 -8.09
N ASN A 75 4.72 -3.29 -8.45
CA ASN A 75 5.02 -4.38 -9.37
C ASN A 75 5.22 -5.67 -8.58
N PHE A 76 5.08 -5.55 -7.26
CA PHE A 76 5.22 -6.70 -6.39
C PHE A 76 4.07 -6.78 -5.39
N VAL A 77 2.91 -6.30 -5.83
CA VAL A 77 1.72 -6.31 -5.00
C VAL A 77 0.48 -6.31 -5.89
N ASP A 78 -0.61 -6.83 -5.34
CA ASP A 78 -1.86 -6.89 -6.07
C ASP A 78 -2.99 -6.41 -5.16
N PHE A 79 -3.49 -5.21 -5.47
CA PHE A 79 -4.57 -4.64 -4.69
C PHE A 79 -5.69 -5.65 -4.46
N VAL A 80 -5.58 -6.36 -3.34
CA VAL A 80 -6.57 -7.36 -2.99
C VAL A 80 -7.85 -6.67 -2.53
N GLN A 81 -8.92 -7.46 -2.43
CA GLN A 81 -10.20 -6.93 -2.00
C GLN A 81 -10.92 -7.95 -1.12
N ASP A 82 -11.46 -7.46 -0.01
CA ASP A 82 -12.17 -8.31 0.92
C ASP A 82 -13.39 -8.92 0.22
N ASN A 83 -14.16 -8.05 -0.42
CA ASN A 83 -15.35 -8.49 -1.13
C ASN A 83 -15.68 -7.47 -2.23
N GLU A 84 -15.09 -7.71 -3.40
CA GLU A 84 -15.31 -6.83 -4.53
C GLU A 84 -16.77 -6.38 -4.58
N SER A 85 -17.64 -7.35 -4.84
CA SER A 85 -19.07 -7.07 -4.92
C SER A 85 -19.36 -6.15 -6.11
N ARG A 86 -19.98 -6.73 -7.12
CA ARG A 86 -20.32 -5.99 -8.32
C ARG A 86 -21.00 -4.67 -7.95
N LEU A 87 -22.16 -4.80 -7.31
CA LEU A 87 -22.92 -3.63 -6.90
C LEU A 87 -22.28 -3.04 -5.65
N ALA A 88 -22.85 -1.91 -5.22
CA ALA A 88 -22.35 -1.23 -4.04
C ALA A 88 -20.95 -0.69 -4.33
N SER A 89 -20.88 0.19 -5.31
CA SER A 89 -19.61 0.80 -5.69
C SER A 89 -19.84 1.84 -6.79
N THR A 90 -18.94 2.82 -6.82
CA THR A 90 -19.03 3.88 -7.81
C THR A 90 -17.79 4.75 -7.77
N SER A 91 -17.49 5.37 -8.90
CA SER A 91 -16.33 6.23 -9.00
C SER A 91 -16.57 7.32 -10.05
N GLY A 92 -16.11 8.52 -9.74
CA GLY A 92 -16.27 9.65 -10.65
C GLY A 92 -15.10 9.75 -11.62
N PRO A 93 -15.43 9.99 -12.91
CA PRO A 93 -14.41 10.10 -13.95
C PRO A 93 -13.68 11.45 -13.84
N SER A 94 -14.47 12.50 -13.83
CA SER A 94 -13.92 13.85 -13.75
C SER A 94 -13.03 14.13 -14.95
N SER A 95 -13.67 14.50 -16.05
CA SER A 95 -12.95 14.80 -17.27
C SER A 95 -11.83 13.78 -17.48
N GLY A 96 -12.16 12.70 -18.16
CA GLY A 96 -11.19 11.65 -18.43
C GLY A 96 -11.34 11.13 -19.86
N GLY A 1 -28.13 13.83 10.02
CA GLY A 1 -27.43 13.17 8.94
C GLY A 1 -25.95 13.59 8.92
N SER A 2 -25.10 12.61 8.63
CA SER A 2 -23.67 12.86 8.57
C SER A 2 -23.38 14.04 7.64
N SER A 3 -22.16 14.54 7.73
CA SER A 3 -21.74 15.65 6.89
C SER A 3 -21.25 15.14 5.54
N GLY A 4 -21.01 16.08 4.64
CA GLY A 4 -20.54 15.74 3.31
C GLY A 4 -19.10 15.22 3.35
N SER A 5 -18.19 16.04 2.85
CA SER A 5 -16.78 15.68 2.82
C SER A 5 -15.96 16.81 2.20
N SER A 6 -14.69 16.85 2.58
CA SER A 6 -13.78 17.87 2.07
C SER A 6 -12.38 17.64 2.60
N GLY A 7 -11.42 18.25 1.93
CA GLY A 7 -10.02 18.12 2.33
C GLY A 7 -9.14 17.74 1.13
N THR A 8 -7.99 18.39 1.06
CA THR A 8 -7.05 18.11 -0.02
C THR A 8 -5.81 17.41 0.51
N SER A 9 -5.66 17.45 1.83
CA SER A 9 -4.52 16.82 2.47
C SER A 9 -4.48 17.23 3.95
N LYS A 10 -4.59 16.22 4.81
CA LYS A 10 -4.56 16.45 6.25
C LYS A 10 -3.22 15.96 6.81
N GLN A 11 -2.99 14.67 6.64
CA GLN A 11 -1.76 14.06 7.13
C GLN A 11 -1.15 13.16 6.05
N ARG A 12 0.18 13.17 6.00
CA ARG A 12 0.89 12.35 5.03
C ARG A 12 1.20 10.97 5.61
N TYR A 13 0.38 10.58 6.59
CA TYR A 13 0.56 9.29 7.23
C TYR A 13 -0.72 8.85 7.94
N SER A 14 -1.85 9.29 7.37
CA SER A 14 -3.14 8.95 7.94
C SER A 14 -4.22 9.02 6.86
N GLY A 15 -3.78 8.85 5.61
CA GLY A 15 -4.70 8.90 4.49
C GLY A 15 -5.49 7.60 4.37
N LYS A 16 -6.14 7.44 3.23
CA LYS A 16 -6.94 6.26 2.98
C LYS A 16 -6.04 5.02 3.01
N VAL A 17 -6.67 3.87 3.12
CA VAL A 17 -5.94 2.61 3.17
C VAL A 17 -6.08 1.90 1.82
N HIS A 18 -5.17 0.96 1.59
CA HIS A 18 -5.18 0.20 0.34
C HIS A 18 -4.59 -1.18 0.59
N LEU A 19 -5.48 -2.16 0.74
CA LEU A 19 -5.06 -3.53 0.98
C LEU A 19 -4.46 -4.11 -0.31
N CYS A 20 -3.20 -4.49 -0.21
CA CYS A 20 -2.50 -5.05 -1.35
C CYS A 20 -1.95 -6.43 -0.95
N VAL A 21 -1.73 -7.25 -1.95
CA VAL A 21 -1.21 -8.59 -1.72
C VAL A 21 0.06 -8.78 -2.54
N ALA A 22 1.16 -9.03 -1.83
CA ALA A 22 2.44 -9.23 -2.48
C ALA A 22 2.27 -10.25 -3.61
N ARG A 23 2.81 -9.88 -4.77
CA ARG A 23 2.73 -10.74 -5.93
C ARG A 23 3.91 -11.71 -5.96
N TYR A 24 5.02 -11.27 -5.38
CA TYR A 24 6.22 -12.09 -5.33
C TYR A 24 7.04 -11.76 -4.08
N SER A 25 7.43 -12.82 -3.38
CA SER A 25 8.23 -12.66 -2.16
C SER A 25 9.44 -11.75 -2.45
N TYR A 26 9.47 -10.64 -1.74
CA TYR A 26 10.56 -9.68 -1.89
C TYR A 26 11.18 -9.33 -0.54
N ASN A 27 12.49 -9.16 -0.55
CA ASN A 27 13.21 -8.82 0.67
C ASN A 27 14.25 -7.75 0.35
N PRO A 28 14.06 -6.56 0.99
CA PRO A 28 14.96 -5.43 0.78
C PRO A 28 16.28 -5.66 1.52
N PHE A 29 16.18 -6.39 2.63
CA PHE A 29 17.37 -6.67 3.42
C PHE A 29 18.10 -7.91 2.89
N ASP A 30 17.97 -8.12 1.60
CA ASP A 30 18.62 -9.25 0.96
C ASP A 30 19.74 -8.75 0.04
N GLY A 31 19.56 -7.53 -0.44
CA GLY A 31 20.54 -6.93 -1.33
C GLY A 31 21.48 -6.00 -0.55
N PRO A 32 22.47 -5.44 -1.29
CA PRO A 32 23.44 -4.54 -0.69
C PRO A 32 22.82 -3.16 -0.42
N ASN A 33 21.54 -3.05 -0.77
CA ASN A 33 20.83 -1.81 -0.58
C ASN A 33 21.31 -1.14 0.71
N GLU A 34 21.22 0.18 0.73
CA GLU A 34 21.63 0.95 1.90
C GLU A 34 20.41 1.45 2.67
N ASN A 35 19.25 1.24 2.07
CA ASN A 35 18.00 1.68 2.69
C ASN A 35 16.95 0.57 2.53
N PRO A 36 17.28 -0.62 3.09
CA PRO A 36 16.38 -1.75 3.01
C PRO A 36 15.19 -1.59 3.98
N GLU A 37 15.48 -0.94 5.10
CA GLU A 37 14.45 -0.71 6.10
C GLU A 37 13.33 0.16 5.52
N ALA A 38 13.72 1.03 4.60
CA ALA A 38 12.77 1.92 3.96
C ALA A 38 11.64 1.08 3.32
N GLU A 39 12.06 0.07 2.59
CA GLU A 39 11.11 -0.81 1.92
C GLU A 39 10.56 -1.83 2.90
N LEU A 40 9.77 -2.76 2.37
CA LEU A 40 9.17 -3.81 3.18
C LEU A 40 9.34 -5.15 2.48
N PRO A 41 9.57 -6.21 3.31
CA PRO A 41 9.76 -7.55 2.79
C PRO A 41 8.41 -8.15 2.35
N LEU A 42 8.12 -7.98 1.06
CA LEU A 42 6.87 -8.50 0.51
C LEU A 42 6.91 -10.03 0.55
N THR A 43 5.72 -10.60 0.61
CA THR A 43 5.60 -12.06 0.65
C THR A 43 4.40 -12.51 -0.20
N ALA A 44 4.71 -13.01 -1.37
CA ALA A 44 3.69 -13.49 -2.28
C ALA A 44 2.54 -14.10 -1.48
N GLY A 45 1.39 -13.45 -1.56
CA GLY A 45 0.22 -13.91 -0.84
C GLY A 45 -0.11 -12.99 0.34
N LYS A 46 0.93 -12.64 1.07
CA LYS A 46 0.78 -11.76 2.22
C LYS A 46 0.01 -10.51 1.81
N TYR A 47 -0.56 -9.84 2.80
CA TYR A 47 -1.32 -8.63 2.55
C TYR A 47 -0.78 -7.47 3.38
N LEU A 48 -0.87 -6.27 2.80
CA LEU A 48 -0.40 -5.08 3.48
C LEU A 48 -1.44 -3.97 3.31
N TYR A 49 -1.04 -2.77 3.74
CA TYR A 49 -1.93 -1.62 3.63
C TYR A 49 -1.13 -0.36 3.28
N VAL A 50 -1.45 0.19 2.12
CA VAL A 50 -0.79 1.39 1.64
C VAL A 50 -1.55 2.63 2.13
N TYR A 51 -0.82 3.52 2.77
CA TYR A 51 -1.41 4.74 3.29
C TYR A 51 -1.13 5.92 2.38
N GLY A 52 -1.98 6.08 1.39
CA GLY A 52 -1.83 7.17 0.43
C GLY A 52 -1.83 6.64 -1.01
N ASP A 53 -1.16 7.39 -1.87
CA ASP A 53 -1.07 7.01 -3.27
C ASP A 53 0.39 6.71 -3.62
N MET A 54 0.70 6.86 -4.91
CA MET A 54 2.05 6.61 -5.39
C MET A 54 2.75 7.93 -5.75
N ASP A 55 3.71 8.30 -4.92
CA ASP A 55 4.46 9.53 -5.14
C ASP A 55 5.82 9.42 -4.43
N GLU A 56 6.20 8.19 -4.14
CA GLU A 56 7.47 7.95 -3.47
C GLU A 56 8.45 7.24 -4.42
N ASP A 57 8.44 7.69 -5.66
CA ASP A 57 9.31 7.13 -6.67
C ASP A 57 8.62 5.92 -7.33
N GLY A 58 7.37 5.71 -6.92
CA GLY A 58 6.60 4.60 -7.45
C GLY A 58 6.47 3.48 -6.43
N PHE A 59 6.44 3.87 -5.16
CA PHE A 59 6.33 2.91 -4.07
C PHE A 59 5.05 3.14 -3.27
N TYR A 60 4.69 2.13 -2.49
CA TYR A 60 3.50 2.21 -1.66
C TYR A 60 3.83 2.02 -0.19
N GLU A 61 3.43 2.98 0.61
CA GLU A 61 3.68 2.94 2.04
C GLU A 61 2.87 1.81 2.68
N GLY A 62 3.17 0.59 2.27
CA GLY A 62 2.49 -0.57 2.80
C GLY A 62 2.89 -0.85 4.24
N GLU A 63 1.90 -1.17 5.06
CA GLU A 63 2.13 -1.45 6.47
C GLU A 63 1.94 -2.94 6.74
N LEU A 64 3.05 -3.67 6.72
CA LEU A 64 3.02 -5.11 6.97
C LEU A 64 2.02 -5.40 8.09
N LEU A 65 1.48 -6.61 8.06
CA LEU A 65 0.51 -7.02 9.06
C LEU A 65 1.18 -7.02 10.44
N ASP A 66 2.51 -6.96 10.42
CA ASP A 66 3.28 -6.94 11.65
C ASP A 66 3.40 -5.50 12.16
N GLY A 67 3.03 -4.57 11.29
CA GLY A 67 3.10 -3.15 11.63
C GLY A 67 4.27 -2.48 10.94
N GLN A 68 5.05 -3.28 10.22
CA GLN A 68 6.20 -2.78 9.50
C GLN A 68 5.78 -1.71 8.49
N ARG A 69 6.33 -0.53 8.66
CA ARG A 69 6.01 0.58 7.77
C ARG A 69 7.22 0.90 6.88
N GLY A 70 7.00 0.76 5.58
CA GLY A 70 8.05 1.03 4.61
C GLY A 70 7.47 1.15 3.20
N LEU A 71 8.37 1.29 2.23
CA LEU A 71 7.97 1.41 0.85
C LEU A 71 7.61 0.03 0.30
N VAL A 72 6.88 0.04 -0.81
CA VAL A 72 6.46 -1.20 -1.44
C VAL A 72 6.25 -0.96 -2.94
N PRO A 73 6.92 -1.81 -3.76
CA PRO A 73 6.80 -1.70 -5.20
C PRO A 73 5.45 -2.24 -5.68
N SER A 74 4.78 -1.43 -6.49
CA SER A 74 3.49 -1.80 -7.03
C SER A 74 3.66 -2.92 -8.06
N ASN A 75 4.91 -3.24 -8.34
CA ASN A 75 5.22 -4.29 -9.31
C ASN A 75 5.35 -5.62 -8.57
N PHE A 76 5.17 -5.56 -7.26
CA PHE A 76 5.27 -6.75 -6.43
C PHE A 76 4.06 -6.87 -5.49
N VAL A 77 3.08 -6.00 -5.72
CA VAL A 77 1.89 -5.99 -4.91
C VAL A 77 0.66 -6.04 -5.82
N ASP A 78 -0.43 -6.53 -5.25
CA ASP A 78 -1.69 -6.63 -6.00
C ASP A 78 -2.84 -6.17 -5.11
N PHE A 79 -3.35 -4.99 -5.42
CA PHE A 79 -4.47 -4.43 -4.67
C PHE A 79 -5.59 -5.45 -4.51
N VAL A 80 -5.50 -6.22 -3.44
CA VAL A 80 -6.50 -7.24 -3.16
C VAL A 80 -7.79 -6.55 -2.69
N GLN A 81 -8.84 -7.36 -2.59
CA GLN A 81 -10.14 -6.85 -2.16
C GLN A 81 -10.52 -7.45 -0.81
N ASP A 82 -10.81 -6.58 0.14
CA ASP A 82 -11.19 -7.02 1.47
C ASP A 82 -12.53 -7.75 1.40
N ASN A 83 -13.51 -7.08 0.81
CA ASN A 83 -14.83 -7.65 0.66
C ASN A 83 -15.31 -8.17 2.02
N GLU A 84 -16.11 -7.34 2.67
CA GLU A 84 -16.64 -7.70 3.98
C GLU A 84 -18.17 -7.81 3.92
N SER A 85 -18.79 -6.75 3.43
CA SER A 85 -20.24 -6.72 3.32
C SER A 85 -20.68 -5.42 2.63
N ARG A 86 -21.62 -5.56 1.71
CA ARG A 86 -22.13 -4.42 0.98
C ARG A 86 -22.53 -3.30 1.95
N LEU A 87 -23.46 -3.63 2.84
CA LEU A 87 -23.92 -2.66 3.82
C LEU A 87 -23.15 -2.87 5.13
N ALA A 88 -22.69 -1.75 5.68
CA ALA A 88 -21.93 -1.79 6.92
C ALA A 88 -21.87 -0.38 7.52
N SER A 89 -21.24 -0.30 8.68
CA SER A 89 -21.11 0.98 9.36
C SER A 89 -19.99 1.81 8.72
N THR A 90 -19.94 3.08 9.10
CA THR A 90 -18.94 3.98 8.56
C THR A 90 -18.73 5.17 9.51
N SER A 91 -17.48 5.60 9.60
CA SER A 91 -17.14 6.72 10.45
C SER A 91 -16.25 7.71 9.69
N GLY A 92 -16.23 8.93 10.18
CA GLY A 92 -15.43 9.97 9.57
C GLY A 92 -16.14 11.33 9.63
N PRO A 93 -16.01 11.99 10.81
CA PRO A 93 -16.64 13.29 11.02
C PRO A 93 -15.88 14.39 10.28
N SER A 94 -14.65 14.62 10.71
CA SER A 94 -13.81 15.63 10.10
C SER A 94 -12.41 15.58 10.71
N SER A 95 -12.36 15.64 12.03
CA SER A 95 -11.09 15.61 12.74
C SER A 95 -11.34 15.70 14.25
N GLY A 96 -11.98 16.79 14.64
CA GLY A 96 -12.29 17.02 16.04
C GLY A 96 -11.00 17.30 16.84
N GLY A 1 22.47 11.17 2.79
CA GLY A 1 22.78 12.36 3.57
C GLY A 1 22.22 12.23 5.00
N SER A 2 21.68 13.34 5.48
CA SER A 2 21.12 13.37 6.82
C SER A 2 19.68 13.90 6.78
N SER A 3 18.76 13.00 6.49
CA SER A 3 17.35 13.37 6.40
C SER A 3 16.48 12.11 6.50
N GLY A 4 15.34 12.28 7.15
CA GLY A 4 14.41 11.17 7.32
C GLY A 4 12.97 11.67 7.46
N SER A 5 12.15 11.29 6.50
CA SER A 5 10.75 11.71 6.50
C SER A 5 10.01 11.03 5.35
N SER A 6 9.02 10.23 5.72
CA SER A 6 8.22 9.52 4.73
C SER A 6 6.82 9.25 5.28
N GLY A 7 5.92 10.19 5.00
CA GLY A 7 4.55 10.08 5.46
C GLY A 7 3.63 10.98 4.65
N THR A 8 3.23 10.48 3.48
CA THR A 8 2.35 11.23 2.61
C THR A 8 1.03 11.53 3.31
N SER A 9 0.79 10.80 4.40
CA SER A 9 -0.43 10.98 5.17
C SER A 9 -0.34 12.25 6.02
N LYS A 10 -1.33 13.11 5.86
CA LYS A 10 -1.37 14.35 6.60
C LYS A 10 -1.19 14.06 8.10
N GLN A 11 -2.26 13.56 8.70
CA GLN A 11 -2.23 13.24 10.12
C GLN A 11 -2.26 11.72 10.31
N ARG A 12 -1.22 11.22 10.96
CA ARG A 12 -1.12 9.79 11.23
C ARG A 12 -1.68 8.99 10.05
N TYR A 13 -2.18 7.82 10.35
CA TYR A 13 -2.75 6.95 9.33
C TYR A 13 -4.10 7.46 8.87
N SER A 14 -4.12 8.71 8.42
CA SER A 14 -5.33 9.34 7.95
C SER A 14 -5.53 9.04 6.47
N GLY A 15 -4.41 8.80 5.80
CA GLY A 15 -4.45 8.51 4.37
C GLY A 15 -5.20 7.21 4.09
N LYS A 16 -6.06 7.26 3.09
CA LYS A 16 -6.84 6.09 2.72
C LYS A 16 -5.96 4.85 2.79
N VAL A 17 -6.60 3.71 2.95
CA VAL A 17 -5.90 2.45 3.04
C VAL A 17 -6.00 1.72 1.70
N HIS A 18 -5.07 0.79 1.49
CA HIS A 18 -5.04 0.02 0.26
C HIS A 18 -4.51 -1.38 0.55
N LEU A 19 -5.44 -2.32 0.69
CA LEU A 19 -5.07 -3.69 0.96
C LEU A 19 -4.47 -4.32 -0.30
N CYS A 20 -3.16 -4.53 -0.24
CA CYS A 20 -2.44 -5.11 -1.36
C CYS A 20 -1.91 -6.48 -0.93
N VAL A 21 -1.78 -7.37 -1.91
CA VAL A 21 -1.29 -8.71 -1.64
C VAL A 21 -0.01 -8.94 -2.44
N ALA A 22 1.10 -9.06 -1.73
CA ALA A 22 2.38 -9.29 -2.36
C ALA A 22 2.22 -10.28 -3.50
N ARG A 23 2.74 -9.90 -4.66
CA ARG A 23 2.65 -10.74 -5.84
C ARG A 23 3.84 -11.71 -5.89
N TYR A 24 4.96 -11.25 -5.33
CA TYR A 24 6.16 -12.06 -5.30
C TYR A 24 7.00 -11.73 -4.07
N SER A 25 7.39 -12.79 -3.37
CA SER A 25 8.21 -12.65 -2.17
C SER A 25 9.41 -11.75 -2.47
N TYR A 26 9.43 -10.60 -1.81
CA TYR A 26 10.52 -9.65 -1.99
C TYR A 26 11.16 -9.28 -0.65
N ASN A 27 12.47 -9.14 -0.68
CA ASN A 27 13.21 -8.78 0.52
C ASN A 27 14.23 -7.70 0.19
N PRO A 28 14.03 -6.51 0.84
CA PRO A 28 14.92 -5.38 0.62
C PRO A 28 16.26 -5.59 1.33
N PHE A 29 16.20 -6.33 2.44
CA PHE A 29 17.40 -6.62 3.21
C PHE A 29 18.11 -7.86 2.69
N ASP A 30 18.00 -8.05 1.38
CA ASP A 30 18.64 -9.20 0.75
C ASP A 30 19.78 -8.72 -0.15
N GLY A 31 19.69 -7.46 -0.54
CA GLY A 31 20.71 -6.87 -1.38
C GLY A 31 21.58 -5.88 -0.59
N PRO A 32 22.49 -5.19 -1.33
CA PRO A 32 23.38 -4.23 -0.71
C PRO A 32 22.64 -2.93 -0.38
N ASN A 33 21.35 -2.93 -0.70
CA ASN A 33 20.51 -1.77 -0.45
C ASN A 33 20.90 -1.15 0.90
N GLU A 34 21.35 0.09 0.84
CA GLU A 34 21.75 0.79 2.05
C GLU A 34 20.53 1.31 2.80
N ASN A 35 19.37 1.14 2.17
CA ASN A 35 18.12 1.57 2.77
C ASN A 35 17.06 0.50 2.56
N PRO A 36 17.35 -0.70 3.12
CA PRO A 36 16.42 -1.82 3.01
C PRO A 36 15.23 -1.64 3.94
N GLU A 37 15.49 -1.02 5.07
CA GLU A 37 14.44 -0.78 6.05
C GLU A 37 13.36 0.13 5.46
N ALA A 38 13.77 0.96 4.51
CA ALA A 38 12.85 1.87 3.85
C ALA A 38 11.71 1.07 3.23
N GLU A 39 12.08 0.04 2.49
CA GLU A 39 11.10 -0.81 1.83
C GLU A 39 10.54 -1.84 2.82
N LEU A 40 9.76 -2.76 2.29
CA LEU A 40 9.15 -3.80 3.10
C LEU A 40 9.32 -5.15 2.41
N PRO A 41 9.58 -6.19 3.24
CA PRO A 41 9.76 -7.54 2.73
C PRO A 41 8.43 -8.15 2.31
N LEU A 42 8.10 -7.98 1.04
CA LEU A 42 6.86 -8.51 0.50
C LEU A 42 6.90 -10.04 0.56
N THR A 43 5.71 -10.62 0.62
CA THR A 43 5.60 -12.08 0.67
C THR A 43 4.39 -12.55 -0.15
N ALA A 44 4.69 -13.08 -1.33
CA ALA A 44 3.66 -13.56 -2.22
C ALA A 44 2.53 -14.18 -1.39
N GLY A 45 1.36 -13.55 -1.48
CA GLY A 45 0.20 -14.02 -0.74
C GLY A 45 -0.12 -13.08 0.43
N LYS A 46 0.92 -12.71 1.16
CA LYS A 46 0.76 -11.82 2.29
C LYS A 46 0.04 -10.55 1.84
N TYR A 47 -0.52 -9.85 2.82
CA TYR A 47 -1.24 -8.61 2.53
C TYR A 47 -0.59 -7.43 3.25
N LEU A 48 -0.84 -6.25 2.70
CA LEU A 48 -0.28 -5.03 3.27
C LEU A 48 -1.25 -3.87 3.03
N TYR A 49 -1.10 -2.83 3.83
CA TYR A 49 -1.95 -1.65 3.72
C TYR A 49 -1.13 -0.41 3.35
N VAL A 50 -1.44 0.14 2.19
CA VAL A 50 -0.74 1.32 1.72
C VAL A 50 -1.54 2.56 2.10
N TYR A 51 -0.92 3.40 2.91
CA TYR A 51 -1.57 4.62 3.36
C TYR A 51 -1.24 5.79 2.44
N GLY A 52 -2.10 5.97 1.43
CA GLY A 52 -1.91 7.03 0.47
C GLY A 52 -1.69 6.47 -0.93
N ASP A 53 -1.19 7.34 -1.82
CA ASP A 53 -0.93 6.94 -3.19
C ASP A 53 0.57 6.68 -3.36
N MET A 54 0.95 6.42 -4.59
CA MET A 54 2.35 6.14 -4.90
C MET A 54 3.26 7.20 -4.27
N ASP A 55 4.51 6.80 -4.07
CA ASP A 55 5.49 7.69 -3.47
C ASP A 55 6.22 8.45 -4.58
N GLU A 56 7.04 9.41 -4.16
CA GLU A 56 7.79 10.22 -5.11
C GLU A 56 8.63 9.33 -6.01
N ASP A 57 9.04 8.19 -5.46
CA ASP A 57 9.85 7.25 -6.20
C ASP A 57 8.94 6.26 -6.94
N GLY A 58 7.70 6.18 -6.46
CA GLY A 58 6.73 5.29 -7.06
C GLY A 58 6.55 4.03 -6.22
N PHE A 59 6.66 4.20 -4.91
CA PHE A 59 6.51 3.10 -3.99
C PHE A 59 5.27 3.27 -3.11
N TYR A 60 4.86 2.18 -2.50
CA TYR A 60 3.69 2.19 -1.63
C TYR A 60 4.09 2.03 -0.16
N GLU A 61 3.58 2.91 0.67
CA GLU A 61 3.87 2.87 2.09
C GLU A 61 3.04 1.79 2.78
N GLY A 62 3.18 0.57 2.26
CA GLY A 62 2.45 -0.55 2.82
C GLY A 62 2.79 -0.76 4.30
N GLU A 63 1.77 -1.17 5.06
CA GLU A 63 1.95 -1.39 6.48
C GLU A 63 1.80 -2.89 6.79
N LEU A 64 2.93 -3.58 6.79
CA LEU A 64 2.94 -5.00 7.08
C LEU A 64 1.96 -5.30 8.21
N LEU A 65 1.35 -6.48 8.13
CA LEU A 65 0.39 -6.89 9.12
C LEU A 65 1.05 -6.84 10.51
N ASP A 66 2.37 -6.83 10.50
CA ASP A 66 3.12 -6.79 11.75
C ASP A 66 3.22 -5.33 12.23
N GLY A 67 2.97 -4.42 11.29
CA GLY A 67 3.02 -3.00 11.61
C GLY A 67 4.19 -2.33 10.89
N GLN A 68 4.96 -3.14 10.19
CA GLN A 68 6.12 -2.63 9.45
C GLN A 68 5.67 -1.61 8.41
N ARG A 69 6.27 -0.43 8.48
CA ARG A 69 5.95 0.63 7.55
C ARG A 69 7.16 0.98 6.69
N GLY A 70 7.05 0.66 5.41
CA GLY A 70 8.13 0.92 4.47
C GLY A 70 7.59 1.03 3.04
N LEU A 71 8.52 1.28 2.12
CA LEU A 71 8.16 1.40 0.72
C LEU A 71 7.81 0.01 0.16
N VAL A 72 6.86 0.01 -0.76
CA VAL A 72 6.43 -1.23 -1.37
C VAL A 72 6.20 -1.01 -2.87
N PRO A 73 6.88 -1.87 -3.69
CA PRO A 73 6.77 -1.78 -5.14
C PRO A 73 5.42 -2.32 -5.61
N SER A 74 4.74 -1.50 -6.40
CA SER A 74 3.45 -1.88 -6.94
C SER A 74 3.61 -3.02 -7.96
N ASN A 75 4.86 -3.32 -8.26
CA ASN A 75 5.17 -4.38 -9.21
C ASN A 75 5.33 -5.70 -8.45
N PHE A 76 5.15 -5.63 -7.14
CA PHE A 76 5.27 -6.81 -6.31
C PHE A 76 4.07 -6.92 -5.35
N VAL A 77 3.04 -6.16 -5.66
CA VAL A 77 1.83 -6.17 -4.84
C VAL A 77 0.60 -6.16 -5.76
N ASP A 78 -0.48 -6.72 -5.24
CA ASP A 78 -1.73 -6.77 -6.00
C ASP A 78 -2.86 -6.24 -5.14
N PHE A 79 -3.32 -5.04 -5.49
CA PHE A 79 -4.41 -4.40 -4.78
C PHE A 79 -5.57 -5.36 -4.58
N VAL A 80 -5.70 -5.85 -3.35
CA VAL A 80 -6.77 -6.78 -3.02
C VAL A 80 -8.11 -6.06 -3.16
N GLN A 81 -9.17 -6.81 -2.87
CA GLN A 81 -10.52 -6.26 -2.96
C GLN A 81 -11.28 -6.53 -1.67
N ASP A 82 -12.37 -7.27 -1.80
CA ASP A 82 -13.20 -7.61 -0.66
C ASP A 82 -13.91 -6.36 -0.16
N ASN A 83 -13.11 -5.42 0.34
CA ASN A 83 -13.66 -4.17 0.85
C ASN A 83 -14.78 -3.68 -0.08
N GLU A 84 -14.54 -3.84 -1.37
CA GLU A 84 -15.52 -3.43 -2.36
C GLU A 84 -15.63 -1.90 -2.39
N SER A 85 -16.00 -1.35 -1.24
CA SER A 85 -16.15 0.09 -1.12
C SER A 85 -15.95 0.52 0.34
N ARG A 86 -15.30 1.66 0.50
CA ARG A 86 -15.03 2.19 1.82
C ARG A 86 -16.14 3.17 2.23
N LEU A 87 -17.14 3.27 1.38
CA LEU A 87 -18.26 4.17 1.64
C LEU A 87 -17.77 5.37 2.44
N ALA A 88 -17.39 6.42 1.71
CA ALA A 88 -16.90 7.63 2.34
C ALA A 88 -16.68 8.69 1.27
N SER A 89 -17.75 8.99 0.55
CA SER A 89 -17.68 9.99 -0.51
C SER A 89 -19.09 10.27 -1.06
N THR A 90 -19.22 11.40 -1.71
CA THR A 90 -20.50 11.80 -2.29
C THR A 90 -20.28 12.46 -3.65
N SER A 91 -21.07 12.03 -4.62
CA SER A 91 -21.00 12.58 -5.96
C SER A 91 -22.27 12.26 -6.74
N GLY A 92 -22.35 12.84 -7.92
CA GLY A 92 -23.52 12.62 -8.77
C GLY A 92 -23.57 11.17 -9.27
N PRO A 93 -24.53 10.91 -10.19
CA PRO A 93 -24.70 9.59 -10.75
C PRO A 93 -23.60 9.27 -11.77
N SER A 94 -23.67 8.07 -12.32
CA SER A 94 -22.70 7.65 -13.31
C SER A 94 -23.24 6.46 -14.10
N SER A 95 -22.88 6.42 -15.38
CA SER A 95 -23.32 5.35 -16.25
C SER A 95 -22.17 4.38 -16.53
N GLY A 96 -22.53 3.17 -16.90
CA GLY A 96 -21.54 2.15 -17.19
C GLY A 96 -21.54 1.79 -18.69
N GLY A 1 -7.26 9.13 -18.97
CA GLY A 1 -7.88 9.61 -17.75
C GLY A 1 -9.40 9.48 -17.83
N SER A 2 -10.07 10.56 -17.47
CA SER A 2 -11.53 10.57 -17.49
C SER A 2 -12.08 9.55 -16.49
N SER A 3 -12.14 9.98 -15.24
CA SER A 3 -12.63 9.12 -14.18
C SER A 3 -12.55 9.84 -12.84
N GLY A 4 -11.33 10.24 -12.49
CA GLY A 4 -11.10 10.95 -11.24
C GLY A 4 -11.05 9.96 -10.07
N SER A 5 -11.75 10.33 -9.00
CA SER A 5 -11.80 9.50 -7.81
C SER A 5 -10.38 9.29 -7.26
N SER A 6 -10.33 9.03 -5.96
CA SER A 6 -9.05 8.81 -5.31
C SER A 6 -8.32 10.15 -5.13
N GLY A 7 -8.09 10.80 -6.26
CA GLY A 7 -7.39 12.09 -6.24
C GLY A 7 -5.88 11.90 -6.23
N THR A 8 -5.31 12.04 -5.04
CA THR A 8 -3.87 11.88 -4.88
C THR A 8 -3.50 11.90 -3.40
N SER A 9 -2.41 11.21 -3.09
CA SER A 9 -1.93 11.14 -1.72
C SER A 9 -1.83 12.55 -1.12
N LYS A 10 -2.12 12.64 0.17
CA LYS A 10 -2.05 13.91 0.86
C LYS A 10 -0.82 13.94 1.76
N GLN A 11 -0.82 13.06 2.74
CA GLN A 11 0.28 12.97 3.68
C GLN A 11 0.73 11.52 3.84
N ARG A 12 1.70 11.33 4.72
CA ARG A 12 2.23 9.99 4.98
C ARG A 12 1.58 9.40 6.23
N TYR A 13 0.49 10.02 6.64
CA TYR A 13 -0.24 9.57 7.82
C TYR A 13 -1.67 10.10 7.83
N SER A 14 -2.38 9.80 6.74
CA SER A 14 -3.76 10.24 6.61
C SER A 14 -4.44 9.47 5.48
N GLY A 15 -3.76 9.42 4.34
CA GLY A 15 -4.29 8.71 3.18
C GLY A 15 -4.70 7.29 3.54
N LYS A 16 -5.94 6.96 3.22
CA LYS A 16 -6.46 5.64 3.49
C LYS A 16 -5.49 4.58 2.95
N VAL A 17 -5.56 3.41 3.55
CA VAL A 17 -4.70 2.30 3.13
C VAL A 17 -5.33 1.58 1.95
N HIS A 18 -4.52 0.79 1.27
CA HIS A 18 -4.99 0.03 0.13
C HIS A 18 -4.51 -1.42 0.23
N LEU A 19 -5.23 -2.19 1.04
CA LEU A 19 -4.88 -3.59 1.23
C LEU A 19 -4.42 -4.19 -0.10
N CYS A 20 -3.21 -4.72 -0.08
CA CYS A 20 -2.65 -5.34 -1.27
C CYS A 20 -2.24 -6.77 -0.93
N VAL A 21 -1.70 -7.45 -1.93
CA VAL A 21 -1.27 -8.83 -1.76
C VAL A 21 0.01 -9.06 -2.56
N ALA A 22 1.12 -9.12 -1.83
CA ALA A 22 2.41 -9.33 -2.46
C ALA A 22 2.25 -10.34 -3.61
N ARG A 23 2.73 -9.93 -4.78
CA ARG A 23 2.65 -10.78 -5.96
C ARG A 23 3.85 -11.74 -6.00
N TYR A 24 4.93 -11.30 -5.39
CA TYR A 24 6.15 -12.11 -5.35
C TYR A 24 6.99 -11.78 -4.11
N SER A 25 7.37 -12.83 -3.40
CA SER A 25 8.17 -12.66 -2.20
C SER A 25 9.37 -11.76 -2.49
N TYR A 26 9.39 -10.62 -1.82
CA TYR A 26 10.46 -9.66 -2.00
C TYR A 26 11.09 -9.29 -0.65
N ASN A 27 12.41 -9.15 -0.67
CA ASN A 27 13.14 -8.79 0.53
C ASN A 27 14.18 -7.71 0.20
N PRO A 28 14.00 -6.53 0.84
CA PRO A 28 14.90 -5.41 0.62
C PRO A 28 16.23 -5.63 1.35
N PHE A 29 16.16 -6.39 2.44
CA PHE A 29 17.33 -6.68 3.22
C PHE A 29 18.05 -7.93 2.70
N ASP A 30 17.96 -8.11 1.39
CA ASP A 30 18.59 -9.25 0.75
C ASP A 30 19.75 -8.76 -0.13
N GLY A 31 19.68 -7.48 -0.48
CA GLY A 31 20.71 -6.89 -1.32
C GLY A 31 21.58 -5.93 -0.50
N PRO A 32 22.52 -5.25 -1.22
CA PRO A 32 23.42 -4.30 -0.58
C PRO A 32 22.69 -3.00 -0.24
N ASN A 33 21.41 -2.96 -0.60
CA ASN A 33 20.60 -1.79 -0.35
C ASN A 33 20.96 -1.21 1.02
N GLU A 34 21.42 0.04 1.00
CA GLU A 34 21.80 0.72 2.22
C GLU A 34 20.57 1.23 2.96
N ASN A 35 19.42 1.06 2.32
CA ASN A 35 18.16 1.50 2.91
C ASN A 35 17.09 0.42 2.67
N PRO A 36 17.38 -0.79 3.22
CA PRO A 36 16.45 -1.91 3.08
C PRO A 36 15.24 -1.73 3.99
N GLU A 37 15.49 -1.10 5.13
CA GLU A 37 14.42 -0.86 6.10
C GLU A 37 13.36 0.05 5.50
N ALA A 38 13.78 0.87 4.55
CA ALA A 38 12.88 1.79 3.89
C ALA A 38 11.73 1.01 3.26
N GLU A 39 12.09 -0.04 2.54
CA GLU A 39 11.10 -0.88 1.88
C GLU A 39 10.56 -1.93 2.85
N LEU A 40 9.70 -2.79 2.33
CA LEU A 40 9.10 -3.83 3.13
C LEU A 40 9.27 -5.18 2.42
N PRO A 41 9.54 -6.24 3.23
CA PRO A 41 9.72 -7.57 2.69
C PRO A 41 8.38 -8.18 2.28
N LEU A 42 8.04 -8.00 1.01
CA LEU A 42 6.79 -8.52 0.48
C LEU A 42 6.85 -10.05 0.45
N THR A 43 5.71 -10.66 0.69
CA THR A 43 5.62 -12.11 0.70
C THR A 43 4.43 -12.58 -0.14
N ALA A 44 4.74 -13.10 -1.32
CA ALA A 44 3.71 -13.59 -2.22
C ALA A 44 2.54 -14.14 -1.41
N GLY A 45 1.39 -13.51 -1.57
CA GLY A 45 0.20 -13.93 -0.86
C GLY A 45 -0.10 -12.98 0.31
N LYS A 46 0.94 -12.69 1.08
CA LYS A 46 0.81 -11.81 2.22
C LYS A 46 0.21 -10.48 1.77
N TYR A 47 -0.43 -9.80 2.70
CA TYR A 47 -1.04 -8.52 2.42
C TYR A 47 -0.37 -7.39 3.20
N LEU A 48 -0.76 -6.17 2.88
CA LEU A 48 -0.19 -5.00 3.54
C LEU A 48 -1.11 -3.80 3.30
N TYR A 49 -0.95 -2.80 4.17
CA TYR A 49 -1.76 -1.59 4.06
C TYR A 49 -0.89 -0.41 3.62
N VAL A 50 -1.15 0.05 2.40
CA VAL A 50 -0.41 1.19 1.87
C VAL A 50 -1.29 2.43 1.92
N TYR A 51 -0.87 3.37 2.76
CA TYR A 51 -1.61 4.61 2.92
C TYR A 51 -1.32 5.57 1.76
N GLY A 52 -2.39 6.16 1.23
CA GLY A 52 -2.26 7.09 0.13
C GLY A 52 -1.86 6.37 -1.16
N ASP A 53 -1.88 7.12 -2.25
CA ASP A 53 -1.53 6.57 -3.54
C ASP A 53 -0.01 6.46 -3.65
N MET A 54 0.47 6.31 -4.88
CA MET A 54 1.88 6.20 -5.13
C MET A 54 2.64 7.43 -4.62
N ASP A 55 3.89 7.22 -4.26
CA ASP A 55 4.73 8.30 -3.75
C ASP A 55 5.40 9.01 -4.93
N GLU A 56 6.46 9.74 -4.61
CA GLU A 56 7.19 10.48 -5.62
C GLU A 56 8.11 9.54 -6.41
N ASP A 57 8.52 8.47 -5.73
CA ASP A 57 9.40 7.49 -6.34
C ASP A 57 8.56 6.44 -7.07
N GLY A 58 7.31 6.32 -6.63
CA GLY A 58 6.39 5.37 -7.23
C GLY A 58 6.20 4.16 -6.32
N PHE A 59 6.67 4.29 -5.09
CA PHE A 59 6.56 3.22 -4.12
C PHE A 59 5.34 3.44 -3.21
N TYR A 60 4.91 2.35 -2.58
CA TYR A 60 3.77 2.41 -1.69
C TYR A 60 4.21 2.26 -0.22
N GLU A 61 3.62 3.10 0.62
CA GLU A 61 3.94 3.08 2.03
C GLU A 61 3.17 1.96 2.73
N GLY A 62 3.30 0.76 2.18
CA GLY A 62 2.63 -0.41 2.73
C GLY A 62 2.99 -0.59 4.20
N GLU A 63 2.04 -1.13 4.96
CA GLU A 63 2.24 -1.36 6.37
C GLU A 63 2.02 -2.84 6.70
N LEU A 64 3.13 -3.57 6.73
CA LEU A 64 3.08 -4.99 7.03
C LEU A 64 2.04 -5.24 8.12
N LEU A 65 1.40 -6.40 8.03
CA LEU A 65 0.38 -6.78 8.99
C LEU A 65 0.98 -6.74 10.40
N ASP A 66 2.30 -6.83 10.45
CA ASP A 66 3.00 -6.81 11.73
C ASP A 66 2.94 -5.40 12.30
N GLY A 67 2.70 -4.43 11.42
CA GLY A 67 2.61 -3.05 11.82
C GLY A 67 3.81 -2.25 11.27
N GLN A 68 4.60 -2.92 10.45
CA GLN A 68 5.76 -2.29 9.86
C GLN A 68 5.34 -1.12 8.95
N ARG A 69 6.33 -0.35 8.53
CA ARG A 69 6.07 0.79 7.67
C ARG A 69 7.27 1.06 6.76
N GLY A 70 7.08 0.77 5.48
CA GLY A 70 8.13 0.98 4.51
C GLY A 70 7.57 1.09 3.10
N LEU A 71 8.46 1.30 2.15
CA LEU A 71 8.06 1.43 0.75
C LEU A 71 7.62 0.07 0.23
N VAL A 72 6.92 0.10 -0.89
CA VAL A 72 6.42 -1.13 -1.51
C VAL A 72 6.16 -0.87 -3.00
N PRO A 73 6.80 -1.70 -3.85
CA PRO A 73 6.65 -1.59 -5.29
C PRO A 73 5.28 -2.13 -5.74
N SER A 74 4.62 -1.34 -6.57
CA SER A 74 3.32 -1.73 -7.08
C SER A 74 3.47 -2.88 -8.08
N ASN A 75 4.71 -3.23 -8.36
CA ASN A 75 5.00 -4.30 -9.29
C ASN A 75 5.12 -5.62 -8.51
N PHE A 76 5.11 -5.50 -7.20
CA PHE A 76 5.21 -6.67 -6.34
C PHE A 76 4.02 -6.77 -5.39
N VAL A 77 3.00 -5.96 -5.68
CA VAL A 77 1.81 -5.94 -4.87
C VAL A 77 0.58 -5.97 -5.78
N ASP A 78 -0.46 -6.66 -5.31
CA ASP A 78 -1.69 -6.76 -6.07
C ASP A 78 -2.87 -6.34 -5.18
N PHE A 79 -3.40 -5.17 -5.48
CA PHE A 79 -4.52 -4.65 -4.72
C PHE A 79 -5.62 -5.70 -4.55
N VAL A 80 -5.95 -5.96 -3.30
CA VAL A 80 -6.97 -6.95 -2.99
C VAL A 80 -8.36 -6.34 -3.24
N GLN A 81 -9.35 -6.89 -2.55
CA GLN A 81 -10.71 -6.42 -2.68
C GLN A 81 -11.33 -6.15 -1.31
N ASP A 82 -10.95 -7.00 -0.36
CA ASP A 82 -11.45 -6.88 0.99
C ASP A 82 -11.50 -5.40 1.39
N ASN A 83 -10.61 -4.63 0.78
CA ASN A 83 -10.54 -3.21 1.06
C ASN A 83 -11.62 -2.48 0.25
N GLU A 84 -12.84 -2.95 0.42
CA GLU A 84 -13.97 -2.36 -0.28
C GLU A 84 -13.90 -2.66 -1.78
N SER A 85 -12.79 -2.22 -2.38
CA SER A 85 -12.58 -2.44 -3.79
C SER A 85 -13.06 -3.83 -4.20
N ARG A 86 -13.87 -3.86 -5.24
CA ARG A 86 -14.41 -5.12 -5.73
C ARG A 86 -14.31 -5.18 -7.26
N LEU A 87 -14.70 -4.08 -7.88
CA LEU A 87 -14.65 -3.99 -9.34
C LEU A 87 -15.06 -5.35 -9.94
N ALA A 88 -14.59 -5.59 -11.15
CA ALA A 88 -14.90 -6.83 -11.85
C ALA A 88 -13.93 -7.92 -11.37
N SER A 89 -14.45 -9.14 -11.32
CA SER A 89 -13.66 -10.28 -10.88
C SER A 89 -12.24 -10.16 -11.44
N THR A 90 -11.27 -10.27 -10.55
CA THR A 90 -9.87 -10.18 -10.94
C THR A 90 -9.20 -11.55 -10.83
N SER A 91 -9.66 -12.32 -9.85
CA SER A 91 -9.12 -13.65 -9.62
C SER A 91 -10.18 -14.55 -9.01
N GLY A 92 -10.54 -15.59 -9.77
CA GLY A 92 -11.54 -16.54 -9.31
C GLY A 92 -11.97 -17.48 -10.44
N PRO A 93 -11.36 -18.69 -10.45
CA PRO A 93 -11.66 -19.68 -11.47
C PRO A 93 -13.03 -20.33 -11.21
N SER A 94 -13.66 -20.75 -12.29
CA SER A 94 -14.96 -21.40 -12.20
C SER A 94 -14.88 -22.64 -11.32
N SER A 95 -15.92 -22.84 -10.53
CA SER A 95 -15.97 -23.99 -9.64
C SER A 95 -17.34 -24.66 -9.74
N GLY A 96 -17.33 -25.97 -9.49
CA GLY A 96 -18.57 -26.74 -9.56
C GLY A 96 -19.34 -26.64 -8.23
N GLY A 1 -14.53 -0.32 7.40
CA GLY A 1 -14.38 0.29 6.09
C GLY A 1 -15.22 1.55 5.96
N SER A 2 -15.40 1.99 4.73
CA SER A 2 -16.19 3.18 4.46
C SER A 2 -15.48 4.42 5.01
N SER A 3 -14.82 5.14 4.11
CA SER A 3 -14.10 6.34 4.49
C SER A 3 -14.30 7.43 3.43
N GLY A 4 -13.90 7.10 2.22
CA GLY A 4 -14.04 8.04 1.11
C GLY A 4 -13.25 7.56 -0.11
N SER A 5 -13.25 8.40 -1.13
CA SER A 5 -12.54 8.07 -2.37
C SER A 5 -11.16 8.73 -2.36
N SER A 6 -10.36 8.36 -3.36
CA SER A 6 -9.01 8.89 -3.48
C SER A 6 -8.70 9.18 -4.95
N GLY A 7 -7.82 10.15 -5.15
CA GLY A 7 -7.43 10.54 -6.49
C GLY A 7 -7.06 12.02 -6.56
N THR A 8 -5.97 12.36 -5.88
CA THR A 8 -5.50 13.73 -5.85
C THR A 8 -4.16 13.82 -5.13
N SER A 9 -4.04 13.04 -4.06
CA SER A 9 -2.83 13.02 -3.28
C SER A 9 -2.77 14.25 -2.36
N LYS A 10 -3.11 14.04 -1.11
CA LYS A 10 -3.11 15.11 -0.13
C LYS A 10 -1.84 15.02 0.73
N GLN A 11 -1.70 13.89 1.41
CA GLN A 11 -0.55 13.66 2.26
C GLN A 11 0.01 12.26 2.03
N ARG A 12 1.17 12.02 2.62
CA ARG A 12 1.83 10.73 2.48
C ARG A 12 1.91 10.03 3.84
N TYR A 13 0.91 10.28 4.66
CA TYR A 13 0.85 9.68 5.99
C TYR A 13 -0.50 9.93 6.65
N SER A 14 -1.55 9.50 5.96
CA SER A 14 -2.90 9.67 6.46
C SER A 14 -3.91 9.06 5.48
N GLY A 15 -3.62 9.26 4.20
CA GLY A 15 -4.49 8.74 3.16
C GLY A 15 -4.90 7.29 3.46
N LYS A 16 -6.13 6.97 3.11
CA LYS A 16 -6.65 5.64 3.34
C LYS A 16 -5.65 4.61 2.82
N VAL A 17 -5.72 3.41 3.39
CA VAL A 17 -4.82 2.35 2.99
C VAL A 17 -5.44 1.58 1.81
N HIS A 18 -4.60 0.78 1.17
CA HIS A 18 -5.05 -0.01 0.03
C HIS A 18 -4.53 -1.44 0.18
N LEU A 19 -5.30 -2.24 0.91
CA LEU A 19 -4.94 -3.63 1.13
C LEU A 19 -4.40 -4.21 -0.17
N CYS A 20 -3.12 -4.57 -0.14
CA CYS A 20 -2.47 -5.14 -1.30
C CYS A 20 -1.94 -6.52 -0.92
N VAL A 21 -1.72 -7.34 -1.94
CA VAL A 21 -1.22 -8.69 -1.73
C VAL A 21 0.03 -8.91 -2.58
N ALA A 22 1.17 -9.00 -1.90
CA ALA A 22 2.43 -9.21 -2.57
C ALA A 22 2.24 -10.20 -3.71
N ARG A 23 2.76 -9.82 -4.88
CA ARG A 23 2.65 -10.66 -6.06
C ARG A 23 3.80 -11.67 -6.10
N TYR A 24 4.90 -11.28 -5.47
CA TYR A 24 6.08 -12.12 -5.42
C TYR A 24 6.95 -11.81 -4.20
N SER A 25 7.33 -12.86 -3.49
CA SER A 25 8.15 -12.71 -2.31
C SER A 25 9.31 -11.75 -2.59
N TYR A 26 9.47 -10.79 -1.69
CA TYR A 26 10.53 -9.80 -1.83
C TYR A 26 11.39 -9.74 -0.57
N ASN A 27 12.63 -9.31 -0.75
CA ASN A 27 13.55 -9.21 0.36
C ASN A 27 14.52 -8.04 0.10
N PRO A 28 14.18 -6.87 0.69
CA PRO A 28 15.02 -5.69 0.52
C PRO A 28 16.29 -5.78 1.37
N PHE A 29 16.19 -6.56 2.44
CA PHE A 29 17.32 -6.76 3.33
C PHE A 29 18.16 -7.96 2.91
N ASP A 30 18.11 -8.25 1.61
CA ASP A 30 18.86 -9.38 1.07
C ASP A 30 19.98 -8.84 0.19
N GLY A 31 19.76 -7.67 -0.37
CA GLY A 31 20.74 -7.04 -1.24
C GLY A 31 21.58 -6.02 -0.46
N PRO A 32 22.48 -5.32 -1.21
CA PRO A 32 23.34 -4.32 -0.61
C PRO A 32 22.55 -3.05 -0.29
N ASN A 33 21.27 -3.08 -0.62
CA ASN A 33 20.41 -1.94 -0.37
C ASN A 33 20.77 -1.31 0.97
N GLU A 34 21.22 -0.06 0.90
CA GLU A 34 21.61 0.67 2.09
C GLU A 34 20.37 1.21 2.81
N ASN A 35 19.23 0.99 2.18
CA ASN A 35 17.97 1.45 2.74
C ASN A 35 16.91 0.35 2.58
N PRO A 36 17.21 -0.82 3.21
CA PRO A 36 16.29 -1.95 3.14
C PRO A 36 15.08 -1.73 4.05
N GLU A 37 15.34 -1.12 5.19
CA GLU A 37 14.28 -0.84 6.15
C GLU A 37 13.23 0.08 5.54
N ALA A 38 13.70 0.93 4.63
CA ALA A 38 12.81 1.87 3.96
C ALA A 38 11.68 1.11 3.28
N GLU A 39 12.04 0.00 2.65
CA GLU A 39 11.07 -0.82 1.96
C GLU A 39 10.52 -1.89 2.90
N LEU A 40 9.65 -2.73 2.35
CA LEU A 40 9.06 -3.80 3.13
C LEU A 40 9.22 -5.13 2.39
N PRO A 41 9.58 -6.18 3.17
CA PRO A 41 9.77 -7.50 2.59
C PRO A 41 8.43 -8.15 2.26
N LEU A 42 8.01 -7.99 1.01
CA LEU A 42 6.75 -8.56 0.56
C LEU A 42 6.81 -10.08 0.70
N THR A 43 5.65 -10.70 0.50
CA THR A 43 5.56 -12.15 0.59
C THR A 43 4.35 -12.66 -0.19
N ALA A 44 4.61 -13.04 -1.43
CA ALA A 44 3.56 -13.54 -2.29
C ALA A 44 2.43 -14.12 -1.43
N GLY A 45 1.27 -13.49 -1.52
CA GLY A 45 0.11 -13.92 -0.76
C GLY A 45 -0.15 -12.99 0.43
N LYS A 46 0.91 -12.70 1.16
CA LYS A 46 0.80 -11.82 2.31
C LYS A 46 0.07 -10.53 1.91
N TYR A 47 -0.41 -9.83 2.92
CA TYR A 47 -1.14 -8.58 2.68
C TYR A 47 -0.52 -7.44 3.48
N LEU A 48 -0.79 -6.22 3.01
CA LEU A 48 -0.27 -5.04 3.67
C LEU A 48 -1.20 -3.86 3.39
N TYR A 49 -0.99 -2.78 4.13
CA TYR A 49 -1.80 -1.59 3.98
C TYR A 49 -0.94 -0.39 3.56
N VAL A 50 -1.21 0.10 2.35
CA VAL A 50 -0.47 1.23 1.82
C VAL A 50 -1.36 2.47 1.86
N TYR A 51 -0.96 3.40 2.72
CA TYR A 51 -1.71 4.65 2.86
C TYR A 51 -1.42 5.60 1.70
N GLY A 52 -2.48 6.20 1.18
CA GLY A 52 -2.35 7.13 0.08
C GLY A 52 -1.96 6.40 -1.22
N ASP A 53 -1.91 7.17 -2.29
CA ASP A 53 -1.55 6.62 -3.58
C ASP A 53 -0.03 6.46 -3.67
N MET A 54 0.45 6.22 -4.88
CA MET A 54 1.87 6.06 -5.11
C MET A 54 2.68 7.13 -4.35
N ASP A 55 3.92 6.78 -4.05
CA ASP A 55 4.80 7.69 -3.34
C ASP A 55 5.51 8.60 -4.34
N GLU A 56 6.18 9.61 -3.81
CA GLU A 56 6.91 10.55 -4.64
C GLU A 56 7.73 9.81 -5.70
N ASP A 57 8.32 8.70 -5.26
CA ASP A 57 9.14 7.89 -6.15
C ASP A 57 8.23 6.94 -6.94
N GLY A 58 7.09 6.63 -6.35
CA GLY A 58 6.14 5.73 -6.97
C GLY A 58 5.83 4.53 -6.06
N PHE A 59 6.67 4.36 -5.06
CA PHE A 59 6.50 3.26 -4.12
C PHE A 59 5.27 3.48 -3.24
N TYR A 60 4.85 2.41 -2.60
CA TYR A 60 3.68 2.45 -1.73
C TYR A 60 4.09 2.30 -0.26
N GLU A 61 3.56 3.19 0.56
CA GLU A 61 3.85 3.16 1.99
C GLU A 61 3.05 2.04 2.67
N GLY A 62 3.29 0.83 2.23
CA GLY A 62 2.60 -0.32 2.78
C GLY A 62 2.91 -0.49 4.27
N GLU A 63 2.00 -1.14 4.96
CA GLU A 63 2.15 -1.36 6.40
C GLU A 63 1.96 -2.84 6.73
N LEU A 64 3.07 -3.56 6.81
CA LEU A 64 3.03 -4.97 7.12
C LEU A 64 2.01 -5.22 8.22
N LEU A 65 1.37 -6.39 8.15
CA LEU A 65 0.37 -6.76 9.13
C LEU A 65 1.00 -6.73 10.52
N ASP A 66 2.33 -6.75 10.55
CA ASP A 66 3.07 -6.73 11.80
C ASP A 66 3.15 -5.30 12.31
N GLY A 67 3.09 -4.36 11.37
CA GLY A 67 3.15 -2.95 11.72
C GLY A 67 4.33 -2.27 11.01
N GLN A 68 5.09 -3.07 10.28
CA GLN A 68 6.23 -2.56 9.55
C GLN A 68 5.79 -1.55 8.49
N ARG A 69 6.33 -0.36 8.61
CA ARG A 69 6.00 0.71 7.68
C ARG A 69 7.21 1.03 6.79
N GLY A 70 7.03 0.79 5.49
CA GLY A 70 8.09 1.04 4.53
C GLY A 70 7.52 1.14 3.11
N LEU A 71 8.42 1.38 2.17
CA LEU A 71 8.02 1.50 0.77
C LEU A 71 7.60 0.14 0.24
N VAL A 72 6.89 0.17 -0.88
CA VAL A 72 6.42 -1.06 -1.49
C VAL A 72 6.13 -0.80 -2.98
N PRO A 73 6.81 -1.61 -3.84
CA PRO A 73 6.64 -1.48 -5.28
C PRO A 73 5.29 -2.06 -5.72
N SER A 74 4.61 -1.29 -6.57
CA SER A 74 3.32 -1.71 -7.08
C SER A 74 3.50 -2.82 -8.11
N ASN A 75 4.75 -3.17 -8.35
CA ASN A 75 5.07 -4.21 -9.30
C ASN A 75 5.20 -5.55 -8.57
N PHE A 76 5.19 -5.47 -7.24
CA PHE A 76 5.31 -6.66 -6.42
C PHE A 76 4.11 -6.78 -5.47
N VAL A 77 3.14 -5.90 -5.67
CA VAL A 77 1.94 -5.91 -4.86
C VAL A 77 0.71 -5.96 -5.76
N ASP A 78 -0.32 -6.62 -5.26
CA ASP A 78 -1.56 -6.75 -6.01
C ASP A 78 -2.74 -6.31 -5.14
N PHE A 79 -3.26 -5.13 -5.44
CA PHE A 79 -4.37 -4.59 -4.69
C PHE A 79 -5.49 -5.62 -4.53
N VAL A 80 -5.56 -6.18 -3.33
CA VAL A 80 -6.57 -7.18 -3.03
C VAL A 80 -7.85 -6.50 -2.58
N GLN A 81 -8.95 -7.25 -2.61
CA GLN A 81 -10.23 -6.73 -2.21
C GLN A 81 -10.23 -6.40 -0.71
N ASP A 82 -11.40 -6.58 -0.10
CA ASP A 82 -11.55 -6.32 1.32
C ASP A 82 -12.98 -6.61 1.74
N ASN A 83 -13.92 -6.03 1.00
CA ASN A 83 -15.33 -6.22 1.29
C ASN A 83 -16.16 -5.43 0.29
N GLU A 84 -16.89 -6.15 -0.54
CA GLU A 84 -17.74 -5.53 -1.54
C GLU A 84 -18.44 -4.31 -0.95
N SER A 85 -19.12 -4.54 0.15
CA SER A 85 -19.84 -3.47 0.83
C SER A 85 -18.85 -2.46 1.42
N ARG A 86 -18.68 -1.36 0.71
CA ARG A 86 -17.76 -0.32 1.14
C ARG A 86 -18.35 1.06 0.83
N LEU A 87 -18.67 1.26 -0.43
CA LEU A 87 -19.23 2.53 -0.87
C LEU A 87 -20.72 2.34 -1.15
N ALA A 88 -21.38 3.45 -1.44
CA ALA A 88 -22.81 3.43 -1.73
C ALA A 88 -23.19 4.70 -2.48
N SER A 89 -24.45 4.76 -2.90
CA SER A 89 -24.95 5.91 -3.63
C SER A 89 -24.63 7.19 -2.86
N THR A 90 -23.82 8.03 -3.49
CA THR A 90 -23.42 9.29 -2.89
C THR A 90 -24.57 10.31 -2.97
N SER A 91 -25.23 10.30 -4.12
CA SER A 91 -26.36 11.21 -4.34
C SER A 91 -25.91 12.65 -4.07
N GLY A 92 -25.69 13.38 -5.16
CA GLY A 92 -25.27 14.76 -5.06
C GLY A 92 -26.45 15.71 -5.25
N PRO A 93 -26.30 16.95 -4.70
CA PRO A 93 -27.33 17.94 -4.79
C PRO A 93 -27.40 18.55 -6.20
N SER A 94 -26.22 18.83 -6.74
CA SER A 94 -26.12 19.39 -8.07
C SER A 94 -26.77 20.77 -8.10
N SER A 95 -26.12 21.69 -8.81
CA SER A 95 -26.63 23.05 -8.92
C SER A 95 -27.32 23.24 -10.28
N GLY A 96 -26.55 23.03 -11.33
CA GLY A 96 -27.07 23.17 -12.67
C GLY A 96 -28.41 22.43 -12.83
N GLY A 1 -16.03 16.62 10.10
CA GLY A 1 -16.17 18.00 9.64
C GLY A 1 -14.86 18.50 9.02
N SER A 2 -14.90 18.68 7.70
CA SER A 2 -13.74 19.15 6.98
C SER A 2 -14.08 19.36 5.51
N SER A 3 -13.29 20.18 4.85
CA SER A 3 -13.49 20.47 3.44
C SER A 3 -12.40 21.40 2.93
N GLY A 4 -12.07 21.24 1.65
CA GLY A 4 -11.06 22.07 1.03
C GLY A 4 -10.22 21.25 0.04
N SER A 5 -9.02 21.75 -0.23
CA SER A 5 -8.12 21.08 -1.15
C SER A 5 -8.11 19.58 -0.88
N SER A 6 -7.95 18.82 -1.94
CA SER A 6 -7.93 17.36 -1.83
C SER A 6 -6.49 16.88 -1.63
N GLY A 7 -5.65 17.22 -2.61
CA GLY A 7 -4.26 16.83 -2.56
C GLY A 7 -4.10 15.31 -2.67
N THR A 8 -2.94 14.84 -2.24
CA THR A 8 -2.67 13.40 -2.29
C THR A 8 -1.58 13.04 -1.27
N SER A 9 -1.80 11.93 -0.59
CA SER A 9 -0.85 11.46 0.41
C SER A 9 -0.45 12.62 1.33
N LYS A 10 -1.30 12.85 2.32
CA LYS A 10 -1.06 13.91 3.28
C LYS A 10 0.11 13.51 4.18
N GLN A 11 -0.09 12.44 4.94
CA GLN A 11 0.94 11.96 5.84
C GLN A 11 1.12 10.45 5.67
N ARG A 12 1.96 9.88 6.52
CA ARG A 12 2.24 8.46 6.48
C ARG A 12 1.37 7.72 7.50
N TYR A 13 0.26 8.35 7.85
CA TYR A 13 -0.67 7.77 8.81
C TYR A 13 -1.97 8.56 8.87
N SER A 14 -2.56 8.73 7.69
CA SER A 14 -3.81 9.47 7.58
C SER A 14 -4.50 9.14 6.26
N GLY A 15 -3.70 9.12 5.20
CA GLY A 15 -4.22 8.83 3.87
C GLY A 15 -4.95 7.48 3.86
N LYS A 16 -5.99 7.42 3.05
CA LYS A 16 -6.78 6.20 2.94
C LYS A 16 -5.85 5.00 2.91
N VAL A 17 -6.42 3.83 3.18
CA VAL A 17 -5.65 2.60 3.19
C VAL A 17 -5.97 1.80 1.93
N HIS A 18 -5.08 0.86 1.62
CA HIS A 18 -5.27 0.01 0.45
C HIS A 18 -4.58 -1.33 0.69
N LEU A 19 -5.39 -2.33 1.01
CA LEU A 19 -4.87 -3.66 1.26
C LEU A 19 -4.28 -4.22 -0.04
N CYS A 20 -2.99 -4.50 0.00
CA CYS A 20 -2.30 -5.03 -1.16
C CYS A 20 -1.73 -6.41 -0.78
N VAL A 21 -1.59 -7.25 -1.80
CA VAL A 21 -1.07 -8.59 -1.59
C VAL A 21 0.19 -8.77 -2.43
N ALA A 22 1.27 -9.15 -1.75
CA ALA A 22 2.54 -9.36 -2.43
C ALA A 22 2.34 -10.30 -3.61
N ARG A 23 2.80 -9.85 -4.77
CA ARG A 23 2.67 -10.64 -5.99
C ARG A 23 3.84 -11.61 -6.12
N TYR A 24 4.96 -11.21 -5.53
CA TYR A 24 6.15 -12.03 -5.57
C TYR A 24 7.06 -11.75 -4.36
N SER A 25 7.45 -12.82 -3.69
CA SER A 25 8.30 -12.70 -2.52
C SER A 25 9.45 -11.73 -2.81
N TYR A 26 9.59 -10.75 -1.92
CA TYR A 26 10.63 -9.76 -2.07
C TYR A 26 11.25 -9.41 -0.72
N ASN A 27 12.56 -9.23 -0.72
CA ASN A 27 13.29 -8.90 0.49
C ASN A 27 14.28 -7.78 0.19
N PRO A 28 14.06 -6.61 0.86
CA PRO A 28 14.93 -5.47 0.68
C PRO A 28 16.26 -5.66 1.40
N PHE A 29 16.19 -6.39 2.51
CA PHE A 29 17.38 -6.66 3.29
C PHE A 29 18.12 -7.89 2.77
N ASP A 30 18.02 -8.10 1.46
CA ASP A 30 18.67 -9.23 0.83
C ASP A 30 19.79 -8.72 -0.09
N GLY A 31 19.71 -7.43 -0.39
CA GLY A 31 20.71 -6.82 -1.26
C GLY A 31 21.55 -5.80 -0.49
N PRO A 32 22.43 -5.10 -1.25
CA PRO A 32 23.30 -4.10 -0.65
C PRO A 32 22.53 -2.83 -0.31
N ASN A 33 21.24 -2.85 -0.63
CA ASN A 33 20.38 -1.71 -0.37
C ASN A 33 20.74 -1.11 1.00
N GLU A 34 21.17 0.14 0.95
CA GLU A 34 21.55 0.84 2.17
C GLU A 34 20.31 1.33 2.91
N ASN A 35 19.16 1.13 2.28
CA ASN A 35 17.90 1.54 2.85
C ASN A 35 16.85 0.45 2.64
N PRO A 36 17.16 -0.76 3.20
CA PRO A 36 16.25 -1.88 3.07
C PRO A 36 15.04 -1.73 3.99
N GLU A 37 15.29 -1.11 5.13
CA GLU A 37 14.22 -0.89 6.10
C GLU A 37 13.13 -0.01 5.50
N ALA A 38 13.55 0.85 4.57
CA ALA A 38 12.61 1.75 3.91
C ALA A 38 11.51 0.93 3.24
N GLU A 39 11.93 -0.11 2.55
CA GLU A 39 10.98 -0.98 1.86
C GLU A 39 10.41 -2.01 2.83
N LEU A 40 9.69 -2.97 2.25
CA LEU A 40 9.08 -4.02 3.05
C LEU A 40 9.29 -5.37 2.36
N PRO A 41 9.55 -6.40 3.19
CA PRO A 41 9.78 -7.74 2.68
C PRO A 41 8.47 -8.40 2.23
N LEU A 42 8.16 -8.21 0.95
CA LEU A 42 6.94 -8.76 0.39
C LEU A 42 7.03 -10.30 0.40
N THR A 43 5.87 -10.92 0.45
CA THR A 43 5.80 -12.37 0.47
C THR A 43 4.60 -12.86 -0.33
N ALA A 44 4.85 -13.17 -1.60
CA ALA A 44 3.80 -13.65 -2.48
C ALA A 44 2.66 -14.23 -1.63
N GLY A 45 1.52 -13.55 -1.68
CA GLY A 45 0.35 -13.98 -0.94
C GLY A 45 0.10 -13.06 0.26
N LYS A 46 1.19 -12.72 0.94
CA LYS A 46 1.10 -11.85 2.10
C LYS A 46 0.26 -10.61 1.75
N TYR A 47 -0.08 -9.86 2.78
CA TYR A 47 -0.87 -8.65 2.59
C TYR A 47 -0.22 -7.46 3.31
N LEU A 48 -0.67 -6.27 2.92
CA LEU A 48 -0.14 -5.05 3.51
C LEU A 48 -1.10 -3.89 3.21
N TYR A 49 -0.98 -2.85 4.01
CA TYR A 49 -1.82 -1.67 3.84
C TYR A 49 -0.99 -0.45 3.43
N VAL A 50 -1.35 0.12 2.29
CA VAL A 50 -0.66 1.28 1.78
C VAL A 50 -1.43 2.54 2.16
N TYR A 51 -0.86 3.28 3.10
CA TYR A 51 -1.48 4.51 3.57
C TYR A 51 -1.08 5.70 2.69
N GLY A 52 -2.05 6.23 1.96
CA GLY A 52 -1.81 7.36 1.10
C GLY A 52 -1.82 6.93 -0.37
N ASP A 53 -0.64 6.91 -0.96
CA ASP A 53 -0.50 6.52 -2.36
C ASP A 53 1.00 6.52 -2.73
N MET A 54 1.25 6.31 -4.01
CA MET A 54 2.61 6.27 -4.50
C MET A 54 3.45 7.39 -3.88
N ASP A 55 4.73 7.10 -3.71
CA ASP A 55 5.65 8.07 -3.12
C ASP A 55 6.49 8.70 -4.23
N GLU A 56 7.44 9.52 -3.81
CA GLU A 56 8.32 10.20 -4.76
C GLU A 56 9.39 9.24 -5.27
N ASP A 57 8.99 8.40 -6.23
CA ASP A 57 9.91 7.44 -6.80
C ASP A 57 9.11 6.35 -7.51
N GLY A 58 7.99 5.99 -6.91
CA GLY A 58 7.13 4.96 -7.46
C GLY A 58 7.02 3.76 -6.53
N PHE A 59 6.73 4.06 -5.27
CA PHE A 59 6.60 3.03 -4.26
C PHE A 59 5.34 3.24 -3.41
N TYR A 60 4.92 2.16 -2.77
CA TYR A 60 3.73 2.21 -1.93
C TYR A 60 4.11 2.15 -0.45
N GLU A 61 3.44 2.97 0.34
CA GLU A 61 3.70 3.01 1.76
C GLU A 61 2.94 1.88 2.48
N GLY A 62 3.26 0.66 2.08
CA GLY A 62 2.62 -0.50 2.68
C GLY A 62 2.87 -0.56 4.19
N GLU A 63 1.97 -1.25 4.87
CA GLU A 63 2.08 -1.38 6.31
C GLU A 63 1.84 -2.84 6.72
N LEU A 64 2.94 -3.53 7.01
CA LEU A 64 2.87 -4.93 7.41
C LEU A 64 1.74 -5.09 8.45
N LEU A 65 1.13 -6.26 8.42
CA LEU A 65 0.05 -6.56 9.35
C LEU A 65 0.55 -6.39 10.79
N ASP A 66 1.87 -6.37 10.91
CA ASP A 66 2.49 -6.22 12.23
C ASP A 66 2.60 -4.73 12.56
N GLY A 67 2.55 -3.91 11.52
CA GLY A 67 2.64 -2.47 11.68
C GLY A 67 3.79 -1.90 10.85
N GLN A 68 4.79 -2.74 10.63
CA GLN A 68 5.95 -2.33 9.85
C GLN A 68 5.51 -1.77 8.50
N ARG A 69 5.77 -0.48 8.31
CA ARG A 69 5.41 0.18 7.07
C ARG A 69 6.67 0.70 6.36
N GLY A 70 6.62 0.68 5.04
CA GLY A 70 7.74 1.14 4.24
C GLY A 70 7.35 1.25 2.76
N LEU A 71 8.37 1.30 1.92
CA LEU A 71 8.15 1.40 0.48
C LEU A 71 7.84 0.01 -0.08
N VAL A 72 7.05 0.01 -1.14
CA VAL A 72 6.67 -1.24 -1.78
C VAL A 72 6.37 -0.97 -3.26
N PRO A 73 6.98 -1.81 -4.13
CA PRO A 73 6.79 -1.68 -5.57
C PRO A 73 5.42 -2.20 -5.99
N SER A 74 4.72 -1.39 -6.77
CA SER A 74 3.40 -1.77 -7.25
C SER A 74 3.51 -2.91 -8.25
N ASN A 75 4.75 -3.25 -8.58
CA ASN A 75 5.00 -4.33 -9.52
C ASN A 75 5.18 -5.64 -8.75
N PHE A 76 5.06 -5.54 -7.43
CA PHE A 76 5.20 -6.70 -6.58
C PHE A 76 4.07 -6.77 -5.55
N VAL A 77 2.97 -6.15 -5.90
CA VAL A 77 1.81 -6.12 -5.02
C VAL A 77 0.53 -6.18 -5.86
N ASP A 78 -0.55 -6.58 -5.20
CA ASP A 78 -1.84 -6.67 -5.88
C ASP A 78 -2.94 -6.23 -4.91
N PHE A 79 -3.48 -5.04 -5.19
CA PHE A 79 -4.54 -4.49 -4.37
C PHE A 79 -5.65 -5.52 -4.14
N VAL A 80 -5.51 -6.28 -3.06
CA VAL A 80 -6.48 -7.30 -2.73
C VAL A 80 -7.76 -6.62 -2.22
N GLN A 81 -8.84 -7.40 -2.22
CA GLN A 81 -10.12 -6.89 -1.77
C GLN A 81 -10.05 -6.52 -0.28
N ASP A 82 -11.17 -6.73 0.39
CA ASP A 82 -11.26 -6.43 1.82
C ASP A 82 -12.64 -6.80 2.33
N ASN A 83 -13.65 -6.23 1.68
CA ASN A 83 -15.03 -6.49 2.05
C ASN A 83 -15.19 -6.26 3.57
N GLU A 84 -15.39 -5.00 3.91
CA GLU A 84 -15.56 -4.63 5.31
C GLU A 84 -17.04 -4.36 5.62
N SER A 85 -17.73 -3.87 4.60
CA SER A 85 -19.14 -3.56 4.74
C SER A 85 -19.38 -2.77 6.02
N ARG A 86 -19.18 -1.46 5.93
CA ARG A 86 -19.37 -0.58 7.06
C ARG A 86 -20.30 0.57 6.70
N LEU A 87 -19.84 1.39 5.77
CA LEU A 87 -20.62 2.54 5.32
C LEU A 87 -21.41 2.15 4.07
N ALA A 88 -22.32 3.03 3.69
CA ALA A 88 -23.14 2.80 2.51
C ALA A 88 -22.88 3.88 1.48
N SER A 89 -23.56 3.77 0.35
CA SER A 89 -23.40 4.73 -0.72
C SER A 89 -24.43 5.86 -0.57
N THR A 90 -24.25 6.89 -1.38
CA THR A 90 -25.14 8.04 -1.35
C THR A 90 -24.96 8.90 -2.61
N SER A 91 -26.06 9.52 -3.01
CA SER A 91 -26.03 10.37 -4.19
C SER A 91 -24.95 11.43 -4.05
N GLY A 92 -24.59 12.03 -5.19
CA GLY A 92 -23.57 13.06 -5.20
C GLY A 92 -23.97 14.22 -6.13
N PRO A 93 -23.06 15.22 -6.21
CA PRO A 93 -23.31 16.39 -7.05
C PRO A 93 -23.11 16.04 -8.53
N SER A 94 -23.74 16.83 -9.38
CA SER A 94 -23.64 16.63 -10.82
C SER A 94 -24.30 17.80 -11.55
N SER A 95 -23.46 18.62 -12.16
CA SER A 95 -23.94 19.77 -12.90
C SER A 95 -23.10 19.96 -14.17
N GLY A 96 -23.47 19.21 -15.21
CA GLY A 96 -22.77 19.29 -16.47
C GLY A 96 -23.47 20.25 -17.43
N GLY A 1 -16.51 11.29 21.34
CA GLY A 1 -16.32 12.12 20.16
C GLY A 1 -15.09 11.67 19.38
N SER A 2 -15.04 12.10 18.12
CA SER A 2 -13.92 11.76 17.25
C SER A 2 -14.06 12.50 15.92
N SER A 3 -12.92 12.89 15.38
CA SER A 3 -12.89 13.61 14.12
C SER A 3 -13.34 12.67 12.98
N GLY A 4 -13.86 13.28 11.93
CA GLY A 4 -14.33 12.52 10.78
C GLY A 4 -13.61 12.96 9.50
N SER A 5 -14.36 12.95 8.41
CA SER A 5 -13.81 13.34 7.12
C SER A 5 -12.66 12.41 6.73
N SER A 6 -12.87 11.69 5.64
CA SER A 6 -11.86 10.76 5.17
C SER A 6 -11.53 11.07 3.70
N GLY A 7 -10.39 10.54 3.26
CA GLY A 7 -9.95 10.74 1.90
C GLY A 7 -8.47 11.17 1.85
N THR A 8 -8.22 12.26 1.14
CA THR A 8 -6.87 12.77 1.01
C THR A 8 -6.55 13.71 2.17
N SER A 9 -5.72 13.22 3.08
CA SER A 9 -5.33 14.00 4.24
C SER A 9 -4.04 14.78 3.93
N LYS A 10 -3.98 15.99 4.47
CA LYS A 10 -2.83 16.84 4.27
C LYS A 10 -1.81 16.60 5.39
N GLN A 11 -1.96 15.46 6.04
CA GLN A 11 -1.08 15.11 7.14
C GLN A 11 -0.07 14.04 6.68
N ARG A 12 0.64 13.50 7.66
CA ARG A 12 1.64 12.47 7.37
C ARG A 12 1.07 11.08 7.69
N TYR A 13 1.43 10.13 6.85
CA TYR A 13 0.96 8.76 7.02
C TYR A 13 -0.49 8.74 7.52
N SER A 14 -1.32 9.55 6.88
CA SER A 14 -2.72 9.62 7.24
C SER A 14 -3.59 9.44 6.00
N GLY A 15 -2.99 8.88 4.96
CA GLY A 15 -3.69 8.65 3.72
C GLY A 15 -4.51 7.35 3.79
N LYS A 16 -5.62 7.36 3.07
CA LYS A 16 -6.48 6.19 3.02
C LYS A 16 -5.63 4.93 2.96
N VAL A 17 -6.23 3.82 3.40
CA VAL A 17 -5.53 2.55 3.40
C VAL A 17 -5.87 1.80 2.10
N HIS A 18 -5.01 0.85 1.76
CA HIS A 18 -5.20 0.05 0.55
C HIS A 18 -4.64 -1.35 0.77
N LEU A 19 -5.55 -2.31 0.88
CA LEU A 19 -5.15 -3.69 1.08
C LEU A 19 -4.54 -4.24 -0.21
N CYS A 20 -3.33 -4.76 -0.07
CA CYS A 20 -2.62 -5.32 -1.22
C CYS A 20 -2.21 -6.75 -0.87
N VAL A 21 -1.68 -7.44 -1.88
CA VAL A 21 -1.24 -8.81 -1.70
C VAL A 21 0.03 -9.04 -2.51
N ALA A 22 1.15 -9.11 -1.80
CA ALA A 22 2.43 -9.33 -2.44
C ALA A 22 2.26 -10.34 -3.58
N ARG A 23 2.59 -9.88 -4.79
CA ARG A 23 2.47 -10.73 -5.96
C ARG A 23 3.67 -11.68 -6.05
N TYR A 24 4.77 -11.25 -5.44
CA TYR A 24 5.98 -12.05 -5.45
C TYR A 24 6.86 -11.72 -4.24
N SER A 25 7.16 -12.74 -3.47
CA SER A 25 8.00 -12.56 -2.29
C SER A 25 9.21 -11.69 -2.61
N TYR A 26 9.48 -10.76 -1.72
CA TYR A 26 10.61 -9.86 -1.91
C TYR A 26 11.24 -9.47 -0.56
N ASN A 27 12.54 -9.23 -0.59
CA ASN A 27 13.27 -8.85 0.61
C ASN A 27 14.26 -7.75 0.27
N PRO A 28 14.06 -6.57 0.93
CA PRO A 28 14.94 -5.44 0.70
C PRO A 28 16.29 -5.65 1.39
N PHE A 29 16.25 -6.34 2.52
CA PHE A 29 17.46 -6.60 3.28
C PHE A 29 18.16 -7.87 2.77
N ASP A 30 17.99 -8.12 1.47
CA ASP A 30 18.60 -9.28 0.85
C ASP A 30 19.67 -8.82 -0.15
N GLY A 31 19.63 -7.53 -0.44
CA GLY A 31 20.60 -6.95 -1.38
C GLY A 31 21.48 -5.92 -0.68
N PRO A 32 22.33 -5.24 -1.51
CA PRO A 32 23.22 -4.23 -0.99
C PRO A 32 22.46 -2.95 -0.64
N ASN A 33 21.17 -2.99 -0.87
CA ASN A 33 20.32 -1.83 -0.59
C ASN A 33 20.78 -1.18 0.71
N GLU A 34 21.15 0.08 0.60
CA GLU A 34 21.61 0.83 1.76
C GLU A 34 20.42 1.35 2.55
N ASN A 35 19.23 1.15 1.99
CA ASN A 35 18.02 1.58 2.64
C ASN A 35 16.94 0.50 2.50
N PRO A 36 17.26 -0.70 3.05
CA PRO A 36 16.33 -1.81 2.99
C PRO A 36 15.18 -1.63 3.97
N GLU A 37 15.48 -0.99 5.08
CA GLU A 37 14.47 -0.74 6.10
C GLU A 37 13.36 0.14 5.54
N ALA A 38 13.73 0.96 4.57
CA ALA A 38 12.78 1.86 3.93
C ALA A 38 11.66 1.04 3.30
N GLU A 39 12.04 -0.01 2.60
CA GLU A 39 11.09 -0.88 1.95
C GLU A 39 10.55 -1.92 2.93
N LEU A 40 9.76 -2.83 2.40
CA LEU A 40 9.18 -3.89 3.21
C LEU A 40 9.37 -5.24 2.52
N PRO A 41 9.62 -6.28 3.35
CA PRO A 41 9.82 -7.62 2.83
C PRO A 41 8.49 -8.25 2.39
N LEU A 42 8.19 -8.06 1.11
CA LEU A 42 6.95 -8.60 0.55
C LEU A 42 7.01 -10.13 0.60
N THR A 43 5.83 -10.72 0.61
CA THR A 43 5.72 -12.18 0.66
C THR A 43 4.52 -12.65 -0.17
N ALA A 44 4.82 -13.19 -1.34
CA ALA A 44 3.79 -13.68 -2.23
C ALA A 44 2.63 -14.24 -1.40
N GLY A 45 1.49 -13.57 -1.53
CA GLY A 45 0.29 -13.99 -0.81
C GLY A 45 0.01 -13.03 0.35
N LYS A 46 1.05 -12.74 1.11
CA LYS A 46 0.92 -11.85 2.25
C LYS A 46 0.18 -10.58 1.82
N TYR A 47 -0.50 -9.97 2.77
CA TYR A 47 -1.25 -8.76 2.50
C TYR A 47 -0.68 -7.58 3.28
N LEU A 48 -0.80 -6.39 2.70
CA LEU A 48 -0.31 -5.18 3.32
C LEU A 48 -1.29 -4.03 3.06
N TYR A 49 -1.05 -2.93 3.74
CA TYR A 49 -1.89 -1.76 3.60
C TYR A 49 -1.08 -0.53 3.20
N VAL A 50 -1.44 0.03 2.05
CA VAL A 50 -0.74 1.21 1.56
C VAL A 50 -1.50 2.47 1.99
N TYR A 51 -0.82 3.28 2.78
CA TYR A 51 -1.41 4.52 3.27
C TYR A 51 -1.01 5.70 2.39
N GLY A 52 -1.96 6.13 1.57
CA GLY A 52 -1.71 7.25 0.67
C GLY A 52 -1.68 6.79 -0.79
N ASP A 53 -0.64 7.23 -1.48
CA ASP A 53 -0.47 6.87 -2.89
C ASP A 53 1.03 6.82 -3.22
N MET A 54 1.31 6.71 -4.50
CA MET A 54 2.69 6.65 -4.97
C MET A 54 3.57 7.64 -4.20
N ASP A 55 4.66 7.12 -3.67
CA ASP A 55 5.59 7.93 -2.91
C ASP A 55 6.44 8.76 -3.86
N GLU A 56 7.16 9.71 -3.29
CA GLU A 56 8.02 10.58 -4.08
C GLU A 56 9.05 9.75 -4.85
N ASP A 57 9.20 8.51 -4.42
CA ASP A 57 10.15 7.60 -5.04
C ASP A 57 9.41 6.70 -6.03
N GLY A 58 8.10 6.65 -5.87
CA GLY A 58 7.27 5.84 -6.74
C GLY A 58 7.03 4.46 -6.12
N PHE A 59 6.73 4.47 -4.83
CA PHE A 59 6.47 3.22 -4.11
C PHE A 59 5.21 3.35 -3.24
N TYR A 60 4.87 2.23 -2.61
CA TYR A 60 3.70 2.20 -1.75
C TYR A 60 4.11 2.06 -0.28
N GLU A 61 3.50 2.90 0.55
CA GLU A 61 3.80 2.87 1.98
C GLU A 61 3.01 1.75 2.65
N GLY A 62 3.27 0.52 2.21
CA GLY A 62 2.62 -0.64 2.77
C GLY A 62 2.87 -0.75 4.26
N GLU A 63 1.84 -1.19 4.98
CA GLU A 63 1.94 -1.35 6.41
C GLU A 63 1.79 -2.83 6.80
N LEU A 64 2.93 -3.50 6.87
CA LEU A 64 2.95 -4.91 7.22
C LEU A 64 1.89 -5.18 8.29
N LEU A 65 1.28 -6.34 8.20
CA LEU A 65 0.25 -6.74 9.16
C LEU A 65 0.80 -6.55 10.58
N ASP A 66 2.11 -6.58 10.69
CA ASP A 66 2.77 -6.43 11.98
C ASP A 66 2.74 -4.95 12.38
N GLY A 67 2.82 -4.09 11.37
CA GLY A 67 2.80 -2.65 11.61
C GLY A 67 3.98 -1.98 10.90
N GLN A 68 4.83 -2.80 10.32
CA GLN A 68 6.00 -2.29 9.61
C GLN A 68 5.57 -1.32 8.51
N ARG A 69 6.10 -0.10 8.59
CA ARG A 69 5.78 0.92 7.61
C ARG A 69 7.01 1.21 6.74
N GLY A 70 6.90 0.81 5.48
CA GLY A 70 7.99 1.02 4.54
C GLY A 70 7.46 1.14 3.10
N LEU A 71 8.39 1.28 2.17
CA LEU A 71 8.03 1.39 0.77
C LEU A 71 7.63 0.02 0.23
N VAL A 72 6.94 0.04 -0.89
CA VAL A 72 6.49 -1.20 -1.53
C VAL A 72 6.24 -0.95 -3.01
N PRO A 73 6.88 -1.80 -3.85
CA PRO A 73 6.74 -1.69 -5.29
C PRO A 73 5.37 -2.19 -5.76
N SER A 74 4.74 -1.41 -6.61
CA SER A 74 3.43 -1.77 -7.13
C SER A 74 3.56 -2.89 -8.17
N ASN A 75 4.80 -3.27 -8.41
CA ASN A 75 5.08 -4.34 -9.37
C ASN A 75 5.25 -5.65 -8.62
N PHE A 76 5.07 -5.59 -7.31
CA PHE A 76 5.19 -6.77 -6.48
C PHE A 76 4.04 -6.85 -5.47
N VAL A 77 3.03 -6.03 -5.70
CA VAL A 77 1.87 -6.00 -4.83
C VAL A 77 0.59 -5.91 -5.67
N ASP A 78 -0.45 -6.55 -5.17
CA ASP A 78 -1.72 -6.55 -5.87
C ASP A 78 -2.83 -6.13 -4.91
N PHE A 79 -3.61 -5.16 -5.35
CA PHE A 79 -4.71 -4.65 -4.54
C PHE A 79 -5.79 -5.72 -4.34
N VAL A 80 -5.36 -6.87 -3.85
CA VAL A 80 -6.27 -7.98 -3.62
C VAL A 80 -7.45 -7.88 -4.59
N GLN A 81 -8.63 -8.15 -4.06
CA GLN A 81 -9.84 -8.10 -4.87
C GLN A 81 -10.96 -7.41 -4.10
N ASP A 82 -11.95 -8.20 -3.71
CA ASP A 82 -13.07 -7.68 -2.96
C ASP A 82 -13.96 -6.85 -3.90
N ASN A 83 -13.36 -5.82 -4.47
CA ASN A 83 -14.07 -4.94 -5.38
C ASN A 83 -13.07 -4.11 -6.18
N GLU A 84 -12.81 -4.56 -7.40
CA GLU A 84 -11.86 -3.87 -8.27
C GLU A 84 -12.58 -2.74 -9.02
N SER A 85 -13.67 -3.10 -9.67
CA SER A 85 -14.45 -2.14 -10.44
C SER A 85 -15.90 -2.59 -10.52
N ARG A 86 -16.80 -1.62 -10.40
CA ARG A 86 -18.23 -1.90 -10.46
C ARG A 86 -18.72 -1.80 -11.91
N LEU A 87 -17.79 -1.58 -12.81
CA LEU A 87 -18.11 -1.46 -14.22
C LEU A 87 -19.51 -0.86 -14.35
N ALA A 88 -19.55 0.47 -14.46
CA ALA A 88 -20.81 1.17 -14.60
C ALA A 88 -20.54 2.64 -14.95
N SER A 89 -21.18 3.09 -16.01
CA SER A 89 -21.02 4.47 -16.45
C SER A 89 -19.56 4.73 -16.83
N THR A 90 -19.36 5.74 -17.65
CA THR A 90 -18.02 6.10 -18.09
C THR A 90 -18.03 7.49 -18.74
N SER A 91 -17.03 8.28 -18.37
CA SER A 91 -16.91 9.63 -18.90
C SER A 91 -16.80 9.58 -20.43
N GLY A 92 -17.60 10.41 -21.08
CA GLY A 92 -17.59 10.47 -22.53
C GLY A 92 -17.38 11.90 -23.02
N PRO A 93 -18.52 12.66 -23.10
CA PRO A 93 -18.48 14.03 -23.54
C PRO A 93 -17.90 14.95 -22.45
N SER A 94 -18.53 14.90 -21.29
CA SER A 94 -18.09 15.72 -20.17
C SER A 94 -18.05 17.19 -20.58
N SER A 95 -16.87 17.63 -20.98
CA SER A 95 -16.68 19.01 -21.40
C SER A 95 -16.81 19.94 -20.19
N GLY A 96 -18.05 20.05 -19.70
CA GLY A 96 -18.32 20.89 -18.56
C GLY A 96 -19.17 20.16 -17.52
N GLY A 1 -23.81 -0.58 -11.09
CA GLY A 1 -22.47 -0.01 -11.20
C GLY A 1 -22.15 0.85 -9.98
N SER A 2 -22.16 2.16 -10.21
CA SER A 2 -21.86 3.11 -9.14
C SER A 2 -20.41 2.96 -8.71
N SER A 3 -19.55 3.74 -9.35
CA SER A 3 -18.13 3.70 -9.05
C SER A 3 -17.74 4.94 -8.23
N GLY A 4 -16.63 4.83 -7.52
CA GLY A 4 -16.15 5.93 -6.71
C GLY A 4 -15.07 6.72 -7.44
N SER A 5 -14.22 7.37 -6.66
CA SER A 5 -13.14 8.17 -7.22
C SER A 5 -11.95 8.21 -6.26
N SER A 6 -10.79 8.45 -6.82
CA SER A 6 -9.57 8.51 -6.03
C SER A 6 -9.78 9.42 -4.82
N GLY A 7 -8.89 9.26 -3.84
CA GLY A 7 -8.96 10.06 -2.63
C GLY A 7 -8.05 11.28 -2.72
N THR A 8 -7.10 11.33 -1.79
CA THR A 8 -6.16 12.44 -1.75
C THR A 8 -5.08 12.19 -0.70
N SER A 9 -3.92 12.78 -0.92
CA SER A 9 -2.81 12.62 -0.01
C SER A 9 -2.64 13.89 0.84
N LYS A 10 -2.80 13.71 2.15
CA LYS A 10 -2.68 14.81 3.08
C LYS A 10 -1.33 14.73 3.78
N GLN A 11 -1.15 13.67 4.57
CA GLN A 11 0.08 13.47 5.29
C GLN A 11 0.58 12.04 5.09
N ARG A 12 1.67 11.73 5.78
CA ARG A 12 2.27 10.40 5.69
C ARG A 12 1.46 9.40 6.52
N TYR A 13 1.32 8.21 5.96
CA TYR A 13 0.57 7.16 6.63
C TYR A 13 -0.72 7.70 7.23
N SER A 14 -1.41 8.51 6.44
CA SER A 14 -2.67 9.11 6.87
C SER A 14 -3.76 8.85 5.83
N GLY A 15 -3.42 9.12 4.58
CA GLY A 15 -4.35 8.92 3.49
C GLY A 15 -5.06 7.57 3.61
N LYS A 16 -6.14 7.44 2.86
CA LYS A 16 -6.93 6.21 2.88
C LYS A 16 -5.97 5.01 2.84
N VAL A 17 -6.52 3.86 3.18
CA VAL A 17 -5.72 2.63 3.19
C VAL A 17 -6.04 1.81 1.93
N HIS A 18 -5.12 0.93 1.60
CA HIS A 18 -5.29 0.08 0.43
C HIS A 18 -4.64 -1.29 0.68
N LEU A 19 -5.49 -2.29 0.87
CA LEU A 19 -5.02 -3.63 1.12
C LEU A 19 -4.39 -4.20 -0.16
N CYS A 20 -3.12 -4.55 -0.06
CA CYS A 20 -2.40 -5.10 -1.19
C CYS A 20 -1.84 -6.47 -0.80
N VAL A 21 -1.60 -7.30 -1.80
CA VAL A 21 -1.07 -8.63 -1.58
C VAL A 21 0.16 -8.84 -2.45
N ALA A 22 1.29 -9.05 -1.79
CA ALA A 22 2.54 -9.27 -2.49
C ALA A 22 2.32 -10.28 -3.62
N ARG A 23 2.81 -9.91 -4.80
CA ARG A 23 2.67 -10.77 -5.97
C ARG A 23 3.85 -11.74 -6.06
N TYR A 24 4.98 -11.30 -5.52
CA TYR A 24 6.18 -12.11 -5.53
C TYR A 24 7.05 -11.83 -4.30
N SER A 25 7.43 -12.91 -3.62
CA SER A 25 8.26 -12.78 -2.44
C SER A 25 9.47 -11.89 -2.73
N TYR A 26 9.60 -10.84 -1.93
CA TYR A 26 10.70 -9.90 -2.10
C TYR A 26 11.31 -9.52 -0.74
N ASN A 27 12.62 -9.36 -0.74
CA ASN A 27 13.33 -9.00 0.48
C ASN A 27 14.31 -7.87 0.17
N PRO A 28 14.10 -6.71 0.83
CA PRO A 28 14.96 -5.55 0.64
C PRO A 28 16.30 -5.75 1.35
N PHE A 29 16.25 -6.50 2.44
CA PHE A 29 17.44 -6.77 3.21
C PHE A 29 18.19 -7.99 2.67
N ASP A 30 18.07 -8.19 1.38
CA ASP A 30 18.72 -9.31 0.72
C ASP A 30 19.83 -8.78 -0.21
N GLY A 31 19.75 -7.49 -0.49
CA GLY A 31 20.73 -6.85 -1.35
C GLY A 31 21.58 -5.85 -0.56
N PRO A 32 22.46 -5.14 -1.32
CA PRO A 32 23.34 -4.16 -0.70
C PRO A 32 22.58 -2.89 -0.34
N ASN A 33 21.29 -2.90 -0.67
CA ASN A 33 20.43 -1.76 -0.38
C ASN A 33 20.80 -1.18 0.98
N GLU A 34 21.23 0.08 0.96
CA GLU A 34 21.62 0.76 2.18
C GLU A 34 20.38 1.24 2.94
N ASN A 35 19.23 1.04 2.31
CA ASN A 35 17.98 1.45 2.92
C ASN A 35 16.93 0.34 2.70
N PRO A 36 17.24 -0.86 3.24
CA PRO A 36 16.35 -2.00 3.10
C PRO A 36 15.15 -1.86 4.04
N GLU A 37 15.40 -1.26 5.19
CA GLU A 37 14.35 -1.05 6.18
C GLU A 37 13.26 -0.15 5.60
N ALA A 38 13.66 0.71 4.69
CA ALA A 38 12.72 1.63 4.06
C ALA A 38 11.62 0.82 3.37
N GLU A 39 12.04 -0.18 2.63
CA GLU A 39 11.09 -1.04 1.91
C GLU A 39 10.52 -2.10 2.86
N LEU A 40 9.77 -3.02 2.27
CA LEU A 40 9.16 -4.09 3.05
C LEU A 40 9.37 -5.42 2.32
N PRO A 41 9.60 -6.49 3.14
CA PRO A 41 9.81 -7.81 2.59
C PRO A 41 8.50 -8.42 2.09
N LEU A 42 8.22 -8.19 0.81
CA LEU A 42 7.01 -8.70 0.20
C LEU A 42 7.04 -10.23 0.24
N THR A 43 5.85 -10.80 0.41
CA THR A 43 5.73 -12.26 0.46
C THR A 43 4.50 -12.71 -0.32
N ALA A 44 4.75 -13.18 -1.53
CA ALA A 44 3.67 -13.65 -2.39
C ALA A 44 2.56 -14.24 -1.53
N GLY A 45 1.46 -13.51 -1.47
CA GLY A 45 0.32 -13.95 -0.69
C GLY A 45 0.06 -13.00 0.49
N LYS A 46 1.14 -12.65 1.17
CA LYS A 46 1.06 -11.76 2.31
C LYS A 46 0.16 -10.57 1.96
N TYR A 47 -0.30 -9.88 3.00
CA TYR A 47 -1.15 -8.73 2.81
C TYR A 47 -0.56 -7.49 3.48
N LEU A 48 -0.80 -6.35 2.87
CA LEU A 48 -0.30 -5.09 3.39
C LEU A 48 -1.28 -3.97 3.04
N TYR A 49 -1.12 -2.85 3.73
CA TYR A 49 -1.98 -1.70 3.50
C TYR A 49 -1.15 -0.46 3.12
N VAL A 50 -1.49 0.10 1.97
CA VAL A 50 -0.80 1.27 1.47
C VAL A 50 -1.59 2.53 1.85
N TYR A 51 -0.96 3.35 2.67
CA TYR A 51 -1.60 4.59 3.12
C TYR A 51 -1.20 5.76 2.23
N GLY A 52 -2.08 6.08 1.29
CA GLY A 52 -1.84 7.18 0.37
C GLY A 52 -1.43 6.65 -1.01
N ASP A 53 -1.35 7.58 -1.96
CA ASP A 53 -0.97 7.22 -3.32
C ASP A 53 0.50 6.83 -3.35
N MET A 54 1.10 6.94 -4.53
CA MET A 54 2.49 6.60 -4.71
C MET A 54 3.39 7.52 -3.88
N ASP A 55 4.52 6.98 -3.45
CA ASP A 55 5.46 7.73 -2.66
C ASP A 55 6.24 8.69 -3.57
N GLU A 56 7.12 9.47 -2.94
CA GLU A 56 7.91 10.42 -3.67
C GLU A 56 8.65 9.73 -4.82
N ASP A 57 8.98 8.47 -4.60
CA ASP A 57 9.68 7.69 -5.60
C ASP A 57 8.67 6.92 -6.44
N GLY A 58 7.48 6.78 -5.88
CA GLY A 58 6.41 6.06 -6.56
C GLY A 58 6.01 4.80 -5.78
N PHE A 59 6.90 4.38 -4.90
CA PHE A 59 6.66 3.20 -4.10
C PHE A 59 5.39 3.36 -3.26
N TYR A 60 4.93 2.24 -2.72
CA TYR A 60 3.73 2.24 -1.90
C TYR A 60 4.07 2.03 -0.42
N GLU A 61 3.69 3.01 0.38
CA GLU A 61 3.94 2.95 1.81
C GLU A 61 3.08 1.87 2.46
N GLY A 62 3.27 0.64 1.98
CA GLY A 62 2.53 -0.49 2.51
C GLY A 62 2.78 -0.67 4.00
N GLU A 63 1.77 -1.17 4.69
CA GLU A 63 1.88 -1.39 6.13
C GLU A 63 1.77 -2.89 6.43
N LEU A 64 2.88 -3.45 6.89
CA LEU A 64 2.92 -4.86 7.22
C LEU A 64 1.79 -5.19 8.19
N LEU A 65 1.81 -6.41 8.70
CA LEU A 65 0.80 -6.86 9.63
C LEU A 65 1.22 -6.47 11.05
N ASP A 66 2.51 -6.60 11.31
CA ASP A 66 3.04 -6.27 12.62
C ASP A 66 2.95 -4.75 12.83
N GLY A 67 2.88 -4.03 11.72
CA GLY A 67 2.79 -2.58 11.77
C GLY A 67 3.96 -1.94 11.02
N GLN A 68 4.77 -2.79 10.39
CA GLN A 68 5.91 -2.30 9.64
C GLN A 68 5.45 -1.39 8.50
N ARG A 69 5.94 -0.16 8.54
CA ARG A 69 5.59 0.82 7.53
C ARG A 69 6.80 1.16 6.67
N GLY A 70 6.82 0.61 5.47
CA GLY A 70 7.92 0.85 4.55
C GLY A 70 7.41 1.01 3.12
N LEU A 71 8.36 1.09 2.19
CA LEU A 71 8.03 1.24 0.79
C LEU A 71 7.65 -0.12 0.20
N VAL A 72 6.93 -0.07 -0.90
CA VAL A 72 6.50 -1.29 -1.56
C VAL A 72 6.27 -1.00 -3.05
N PRO A 73 6.89 -1.86 -3.91
CA PRO A 73 6.74 -1.71 -5.35
C PRO A 73 5.37 -2.18 -5.82
N SER A 74 4.76 -1.35 -6.66
CA SER A 74 3.44 -1.68 -7.19
C SER A 74 3.56 -2.76 -8.25
N ASN A 75 4.79 -3.16 -8.51
CA ASN A 75 5.05 -4.20 -9.50
C ASN A 75 5.20 -5.55 -8.79
N PHE A 76 5.04 -5.52 -7.48
CA PHE A 76 5.16 -6.72 -6.68
C PHE A 76 4.01 -6.82 -5.67
N VAL A 77 2.99 -5.99 -5.88
CA VAL A 77 1.85 -5.98 -5.00
C VAL A 77 0.56 -6.08 -5.83
N ASP A 78 -0.47 -6.59 -5.20
CA ASP A 78 -1.75 -6.75 -5.87
C ASP A 78 -2.87 -6.29 -4.93
N PHE A 79 -3.43 -5.13 -5.24
CA PHE A 79 -4.50 -4.56 -4.45
C PHE A 79 -5.61 -5.60 -4.21
N VAL A 80 -5.45 -6.34 -3.13
CA VAL A 80 -6.43 -7.37 -2.79
C VAL A 80 -7.73 -6.70 -2.33
N GLN A 81 -8.78 -7.50 -2.26
CA GLN A 81 -10.07 -7.00 -1.84
C GLN A 81 -10.75 -7.99 -0.89
N ASP A 82 -11.31 -7.46 0.18
CA ASP A 82 -11.99 -8.29 1.17
C ASP A 82 -13.46 -8.40 0.79
N ASN A 83 -14.08 -7.25 0.58
CA ASN A 83 -15.49 -7.21 0.22
C ASN A 83 -16.29 -8.06 1.21
N GLU A 84 -16.85 -7.39 2.21
CA GLU A 84 -17.62 -8.07 3.22
C GLU A 84 -19.06 -7.52 3.24
N SER A 85 -19.15 -6.20 3.21
CA SER A 85 -20.46 -5.55 3.22
C SER A 85 -20.29 -4.07 2.85
N ARG A 86 -21.40 -3.36 2.89
CA ARG A 86 -21.41 -1.95 2.55
C ARG A 86 -21.59 -1.11 3.82
N LEU A 87 -21.48 -1.78 4.96
CA LEU A 87 -21.63 -1.10 6.24
C LEU A 87 -22.74 -0.06 6.13
N ALA A 88 -22.69 0.91 7.04
CA ALA A 88 -23.69 1.97 7.06
C ALA A 88 -22.98 3.32 6.90
N SER A 89 -23.79 4.37 6.84
CA SER A 89 -23.26 5.72 6.70
C SER A 89 -24.40 6.72 6.54
N THR A 90 -24.04 7.98 6.51
CA THR A 90 -25.02 9.05 6.36
C THR A 90 -24.35 10.33 5.84
N SER A 91 -25.08 11.01 4.96
CA SER A 91 -24.58 12.25 4.38
C SER A 91 -23.88 13.09 5.46
N GLY A 92 -22.70 13.58 5.12
CA GLY A 92 -21.92 14.39 6.04
C GLY A 92 -21.10 15.44 5.29
N PRO A 93 -20.46 16.34 6.08
CA PRO A 93 -19.63 17.39 5.50
C PRO A 93 -18.31 16.83 4.99
N SER A 94 -17.47 17.73 4.48
CA SER A 94 -16.17 17.34 3.96
C SER A 94 -15.36 18.58 3.63
N SER A 95 -14.08 18.36 3.37
CA SER A 95 -13.17 19.45 3.03
C SER A 95 -12.14 18.98 2.01
N GLY A 96 -11.39 19.94 1.49
CA GLY A 96 -10.37 19.63 0.50
C GLY A 96 -9.43 20.83 0.30
N GLY A 1 -11.97 12.04 29.09
CA GLY A 1 -11.23 10.96 29.72
C GLY A 1 -9.94 10.64 28.95
N SER A 2 -9.10 9.85 29.58
CA SER A 2 -7.84 9.46 28.96
C SER A 2 -7.12 8.43 29.85
N SER A 3 -6.61 7.40 29.19
CA SER A 3 -5.89 6.35 29.90
C SER A 3 -4.78 5.79 29.01
N GLY A 4 -5.17 5.28 27.86
CA GLY A 4 -4.22 4.72 26.91
C GLY A 4 -4.75 4.81 25.48
N SER A 5 -5.38 3.72 25.05
CA SER A 5 -5.94 3.66 23.72
C SER A 5 -6.59 4.99 23.36
N SER A 6 -6.32 5.45 22.14
CA SER A 6 -6.89 6.71 21.66
C SER A 6 -6.77 6.79 20.14
N GLY A 7 -7.67 7.56 19.56
CA GLY A 7 -7.68 7.73 18.11
C GLY A 7 -7.21 9.14 17.73
N THR A 8 -6.95 9.32 16.44
CA THR A 8 -6.51 10.60 15.94
C THR A 8 -7.11 10.86 14.55
N SER A 9 -6.62 11.92 13.92
CA SER A 9 -7.10 12.30 12.60
C SER A 9 -6.14 13.31 11.98
N LYS A 10 -6.53 13.79 10.80
CA LYS A 10 -5.72 14.77 10.09
C LYS A 10 -4.24 14.47 10.32
N GLN A 11 -3.77 13.43 9.65
CA GLN A 11 -2.38 13.03 9.78
C GLN A 11 -1.84 12.55 8.43
N ARG A 12 -0.56 12.78 8.22
CA ARG A 12 0.09 12.37 7.00
C ARG A 12 0.62 10.95 7.12
N TYR A 13 -0.20 10.09 7.71
CA TYR A 13 0.17 8.70 7.89
C TYR A 13 -0.94 7.93 8.63
N SER A 14 -2.17 8.30 8.31
CA SER A 14 -3.32 7.65 8.93
C SER A 14 -4.57 7.87 8.07
N GLY A 15 -4.33 8.07 6.79
CA GLY A 15 -5.42 8.30 5.86
C GLY A 15 -6.05 6.97 5.41
N LYS A 16 -6.49 6.95 4.16
CA LYS A 16 -7.11 5.75 3.61
C LYS A 16 -6.05 4.65 3.47
N VAL A 17 -6.54 3.42 3.41
CA VAL A 17 -5.65 2.28 3.28
C VAL A 17 -5.98 1.51 1.99
N HIS A 18 -4.95 0.94 1.39
CA HIS A 18 -5.13 0.18 0.17
C HIS A 18 -4.56 -1.22 0.35
N LEU A 19 -5.31 -2.06 1.04
CA LEU A 19 -4.89 -3.43 1.29
C LEU A 19 -4.34 -4.02 -0.01
N CYS A 20 -3.08 -4.44 0.06
CA CYS A 20 -2.42 -5.03 -1.09
C CYS A 20 -2.05 -6.47 -0.74
N VAL A 21 -1.69 -7.22 -1.78
CA VAL A 21 -1.31 -8.61 -1.59
C VAL A 21 -0.02 -8.89 -2.37
N ALA A 22 1.08 -8.91 -1.64
CA ALA A 22 2.38 -9.16 -2.25
C ALA A 22 2.23 -10.24 -3.32
N ARG A 23 2.73 -9.93 -4.51
CA ARG A 23 2.65 -10.85 -5.63
C ARG A 23 3.90 -11.74 -5.66
N TYR A 24 5.01 -11.15 -5.23
CA TYR A 24 6.27 -11.88 -5.21
C TYR A 24 7.04 -11.58 -3.93
N SER A 25 7.49 -12.64 -3.28
CA SER A 25 8.24 -12.51 -2.05
C SER A 25 9.42 -11.55 -2.25
N TYR A 26 9.26 -10.35 -1.71
CA TYR A 26 10.29 -9.33 -1.82
C TYR A 26 11.03 -9.15 -0.50
N ASN A 27 12.34 -9.01 -0.60
CA ASN A 27 13.17 -8.84 0.58
C ASN A 27 14.21 -7.74 0.30
N PRO A 28 14.01 -6.58 0.96
CA PRO A 28 14.91 -5.45 0.80
C PRO A 28 16.23 -5.70 1.55
N PHE A 29 16.12 -6.39 2.67
CA PHE A 29 17.27 -6.70 3.49
C PHE A 29 17.99 -7.95 2.97
N ASP A 30 17.86 -8.17 1.68
CA ASP A 30 18.49 -9.33 1.05
C ASP A 30 19.60 -8.85 0.11
N GLY A 31 19.40 -7.65 -0.42
CA GLY A 31 20.36 -7.08 -1.33
C GLY A 31 21.31 -6.12 -0.60
N PRO A 32 22.28 -5.56 -1.37
CA PRO A 32 23.24 -4.63 -0.80
C PRO A 32 22.60 -3.26 -0.56
N ASN A 33 21.32 -3.17 -0.88
CA ASN A 33 20.59 -1.94 -0.69
C ASN A 33 21.11 -1.22 0.56
N GLU A 34 21.06 0.11 0.50
CA GLU A 34 21.52 0.91 1.62
C GLU A 34 20.33 1.42 2.44
N ASN A 35 19.14 1.25 1.86
CA ASN A 35 17.93 1.68 2.52
C ASN A 35 16.87 0.58 2.41
N PRO A 36 17.22 -0.62 2.97
CA PRO A 36 16.31 -1.75 2.94
C PRO A 36 15.17 -1.57 3.94
N GLU A 37 15.49 -0.95 5.06
CA GLU A 37 14.51 -0.71 6.10
C GLU A 37 13.38 0.18 5.56
N ALA A 38 13.73 1.00 4.58
CA ALA A 38 12.76 1.90 3.97
C ALA A 38 11.64 1.07 3.33
N GLU A 39 12.05 0.06 2.59
CA GLU A 39 11.09 -0.80 1.91
C GLU A 39 10.50 -1.81 2.90
N LEU A 40 9.72 -2.74 2.37
CA LEU A 40 9.08 -3.75 3.18
C LEU A 40 9.24 -5.12 2.52
N PRO A 41 9.53 -6.14 3.36
CA PRO A 41 9.71 -7.50 2.85
C PRO A 41 8.36 -8.13 2.49
N LEU A 42 7.98 -7.94 1.24
CA LEU A 42 6.73 -8.48 0.76
C LEU A 42 6.81 -10.01 0.71
N THR A 43 5.65 -10.64 0.80
CA THR A 43 5.59 -12.10 0.77
C THR A 43 4.44 -12.56 -0.12
N ALA A 44 4.80 -12.93 -1.35
CA ALA A 44 3.82 -13.40 -2.30
C ALA A 44 2.64 -14.02 -1.55
N GLY A 45 1.48 -13.40 -1.72
CA GLY A 45 0.28 -13.88 -1.06
C GLY A 45 -0.08 -13.01 0.14
N LYS A 46 0.92 -12.73 0.96
CA LYS A 46 0.72 -11.92 2.14
C LYS A 46 0.03 -10.60 1.74
N TYR A 47 -0.51 -9.94 2.74
CA TYR A 47 -1.19 -8.67 2.51
C TYR A 47 -0.52 -7.54 3.28
N LEU A 48 -0.78 -6.32 2.83
CA LEU A 48 -0.20 -5.14 3.45
C LEU A 48 -1.10 -3.93 3.18
N TYR A 49 -1.03 -2.97 4.08
CA TYR A 49 -1.82 -1.75 3.95
C TYR A 49 -0.95 -0.57 3.53
N VAL A 50 -1.19 -0.11 2.31
CA VAL A 50 -0.45 1.01 1.77
C VAL A 50 -1.33 2.26 1.76
N TYR A 51 -0.92 3.25 2.53
CA TYR A 51 -1.66 4.49 2.61
C TYR A 51 -1.24 5.46 1.49
N GLY A 52 -2.24 6.08 0.88
CA GLY A 52 -1.99 7.02 -0.19
C GLY A 52 -1.65 6.30 -1.50
N ASP A 53 -1.17 7.07 -2.46
CA ASP A 53 -0.81 6.52 -3.75
C ASP A 53 0.72 6.48 -3.87
N MET A 54 1.19 6.13 -5.06
CA MET A 54 2.61 6.05 -5.31
C MET A 54 3.34 7.28 -4.77
N ASP A 55 4.55 7.06 -4.29
CA ASP A 55 5.36 8.13 -3.75
C ASP A 55 6.12 8.82 -4.89
N GLU A 56 6.91 9.81 -4.50
CA GLU A 56 7.70 10.54 -5.47
C GLU A 56 8.72 9.63 -6.15
N ASP A 57 9.05 8.54 -5.45
CA ASP A 57 10.00 7.58 -5.97
C ASP A 57 9.26 6.52 -6.79
N GLY A 58 8.00 6.32 -6.43
CA GLY A 58 7.18 5.34 -7.13
C GLY A 58 6.98 4.09 -6.27
N PHE A 59 6.84 4.31 -4.97
CA PHE A 59 6.64 3.21 -4.04
C PHE A 59 5.36 3.41 -3.24
N TYR A 60 4.92 2.33 -2.60
CA TYR A 60 3.72 2.37 -1.79
C TYR A 60 4.05 2.21 -0.30
N GLU A 61 3.53 3.13 0.49
CA GLU A 61 3.76 3.11 1.92
C GLU A 61 2.98 1.96 2.57
N GLY A 62 3.32 0.75 2.14
CA GLY A 62 2.65 -0.43 2.67
C GLY A 62 2.95 -0.61 4.16
N GLU A 63 2.01 -1.26 4.84
CA GLU A 63 2.16 -1.50 6.26
C GLU A 63 1.91 -2.98 6.58
N LEU A 64 2.99 -3.75 6.52
CA LEU A 64 2.90 -5.17 6.80
C LEU A 64 1.92 -5.41 7.95
N LEU A 65 1.30 -6.58 7.92
CA LEU A 65 0.33 -6.94 8.94
C LEU A 65 1.02 -6.97 10.30
N ASP A 66 2.35 -7.00 10.25
CA ASP A 66 3.15 -7.03 11.47
C ASP A 66 3.30 -5.60 12.02
N GLY A 67 2.96 -4.64 11.16
CA GLY A 67 3.06 -3.24 11.55
C GLY A 67 4.25 -2.57 10.86
N GLN A 68 4.99 -3.37 10.11
CA GLN A 68 6.15 -2.87 9.40
C GLN A 68 5.73 -1.78 8.39
N ARG A 69 6.27 -0.59 8.60
CA ARG A 69 5.96 0.52 7.73
C ARG A 69 7.17 0.88 6.86
N GLY A 70 6.93 0.98 5.57
CA GLY A 70 7.99 1.32 4.64
C GLY A 70 7.45 1.44 3.21
N LEU A 71 8.37 1.41 2.25
CA LEU A 71 8.00 1.51 0.85
C LEU A 71 7.55 0.13 0.34
N VAL A 72 6.87 0.16 -0.79
CA VAL A 72 6.39 -1.08 -1.39
C VAL A 72 6.22 -0.87 -2.90
N PRO A 73 6.89 -1.75 -3.68
CA PRO A 73 6.82 -1.68 -5.13
C PRO A 73 5.48 -2.20 -5.64
N SER A 74 4.83 -1.39 -6.46
CA SER A 74 3.54 -1.76 -7.03
C SER A 74 3.72 -2.92 -8.01
N ASN A 75 4.97 -3.23 -8.28
CA ASN A 75 5.28 -4.32 -9.21
C ASN A 75 5.37 -5.63 -8.43
N PHE A 76 5.15 -5.53 -7.12
CA PHE A 76 5.20 -6.70 -6.26
C PHE A 76 3.99 -6.74 -5.32
N VAL A 77 3.02 -5.87 -5.62
CA VAL A 77 1.82 -5.80 -4.81
C VAL A 77 0.60 -5.86 -5.73
N ASP A 78 -0.45 -6.48 -5.22
CA ASP A 78 -1.69 -6.62 -5.98
C ASP A 78 -2.87 -6.15 -5.12
N PHE A 79 -3.38 -4.98 -5.46
CA PHE A 79 -4.51 -4.41 -4.73
C PHE A 79 -5.60 -5.45 -4.53
N VAL A 80 -5.54 -6.13 -3.39
CA VAL A 80 -6.52 -7.15 -3.07
C VAL A 80 -7.82 -6.47 -2.66
N GLN A 81 -8.88 -7.28 -2.58
CA GLN A 81 -10.18 -6.79 -2.20
C GLN A 81 -10.91 -7.80 -1.32
N ASP A 82 -11.48 -7.29 -0.24
CA ASP A 82 -12.20 -8.15 0.69
C ASP A 82 -13.16 -9.04 -0.08
N ASN A 83 -14.04 -8.41 -0.86
CA ASN A 83 -15.01 -9.13 -1.66
C ASN A 83 -15.17 -8.43 -3.00
N GLU A 84 -14.35 -8.87 -3.96
CA GLU A 84 -14.39 -8.30 -5.30
C GLU A 84 -15.84 -8.02 -5.71
N SER A 85 -16.59 -9.10 -5.88
CA SER A 85 -17.98 -8.97 -6.27
C SER A 85 -18.08 -8.33 -7.66
N ARG A 86 -18.59 -9.11 -8.60
CA ARG A 86 -18.74 -8.63 -9.96
C ARG A 86 -19.44 -7.27 -9.97
N LEU A 87 -20.51 -7.18 -9.20
CA LEU A 87 -21.27 -5.94 -9.11
C LEU A 87 -21.33 -5.28 -10.49
N ALA A 88 -21.53 -3.98 -10.48
CA ALA A 88 -21.61 -3.23 -11.72
C ALA A 88 -20.49 -3.66 -12.65
N SER A 89 -20.60 -3.24 -13.91
CA SER A 89 -19.59 -3.57 -14.90
C SER A 89 -18.20 -3.46 -14.29
N THR A 90 -17.34 -4.38 -14.71
CA THR A 90 -15.96 -4.40 -14.22
C THR A 90 -15.13 -5.41 -15.01
N SER A 91 -13.89 -5.02 -15.28
CA SER A 91 -12.98 -5.86 -16.02
C SER A 91 -11.53 -5.39 -15.81
N GLY A 92 -10.61 -6.23 -16.26
CA GLY A 92 -9.19 -5.91 -16.14
C GLY A 92 -8.52 -5.89 -17.50
N PRO A 93 -8.40 -4.65 -18.06
CA PRO A 93 -7.77 -4.48 -19.36
C PRO A 93 -6.25 -4.61 -19.26
N SER A 94 -5.69 -5.37 -20.20
CA SER A 94 -4.26 -5.59 -20.22
C SER A 94 -3.83 -6.07 -21.61
N SER A 95 -2.96 -5.29 -22.23
CA SER A 95 -2.46 -5.63 -23.56
C SER A 95 -1.11 -4.96 -23.80
N GLY A 96 -0.06 -5.69 -23.48
CA GLY A 96 1.29 -5.18 -23.65
C GLY A 96 1.54 -4.78 -25.10
N GLY A 1 -23.08 16.51 -5.86
CA GLY A 1 -22.10 15.78 -5.07
C GLY A 1 -21.24 14.89 -5.96
N SER A 2 -19.96 14.83 -5.63
CA SER A 2 -19.02 14.01 -6.39
C SER A 2 -17.68 13.95 -5.66
N SER A 3 -17.19 15.13 -5.29
CA SER A 3 -15.91 15.22 -4.60
C SER A 3 -14.81 14.57 -5.43
N GLY A 4 -13.57 14.87 -5.06
CA GLY A 4 -12.42 14.32 -5.76
C GLY A 4 -12.10 12.91 -5.26
N SER A 5 -10.84 12.54 -5.40
CA SER A 5 -10.38 11.23 -4.98
C SER A 5 -9.03 11.35 -4.26
N SER A 6 -8.05 11.86 -4.99
CA SER A 6 -6.72 12.03 -4.44
C SER A 6 -5.79 12.65 -5.49
N GLY A 7 -4.60 13.01 -5.04
CA GLY A 7 -3.62 13.61 -5.93
C GLY A 7 -2.30 12.84 -5.89
N THR A 8 -1.21 13.59 -5.96
CA THR A 8 0.12 12.99 -5.94
C THR A 8 0.80 13.28 -4.59
N SER A 9 0.51 12.43 -3.62
CA SER A 9 1.08 12.58 -2.30
C SER A 9 0.70 13.94 -1.71
N LYS A 10 -0.02 13.89 -0.60
CA LYS A 10 -0.45 15.10 0.06
C LYS A 10 0.21 15.19 1.43
N GLN A 11 -0.15 14.24 2.30
CA GLN A 11 0.40 14.21 3.64
C GLN A 11 0.96 12.82 3.95
N ARG A 12 1.45 12.66 5.16
CA ARG A 12 2.01 11.39 5.59
C ARG A 12 1.00 10.27 5.40
N TYR A 13 1.30 9.13 6.01
CA TYR A 13 0.41 7.98 5.91
C TYR A 13 -0.92 8.24 6.61
N SER A 14 -1.59 9.30 6.16
CA SER A 14 -2.86 9.68 6.73
C SER A 14 -3.98 9.37 5.74
N GLY A 15 -3.60 9.20 4.49
CA GLY A 15 -4.56 8.90 3.44
C GLY A 15 -5.21 7.54 3.66
N LYS A 16 -6.33 7.33 2.99
CA LYS A 16 -7.05 6.08 3.09
C LYS A 16 -6.07 4.91 2.97
N VAL A 17 -6.53 3.75 3.40
CA VAL A 17 -5.69 2.55 3.34
C VAL A 17 -6.10 1.71 2.13
N HIS A 18 -5.18 0.85 1.71
CA HIS A 18 -5.43 -0.01 0.56
C HIS A 18 -4.82 -1.39 0.81
N LEU A 19 -5.69 -2.38 0.92
CA LEU A 19 -5.24 -3.74 1.15
C LEU A 19 -4.64 -4.31 -0.14
N CYS A 20 -3.35 -4.59 -0.07
CA CYS A 20 -2.65 -5.14 -1.22
C CYS A 20 -2.05 -6.49 -0.82
N VAL A 21 -1.81 -7.32 -1.83
CA VAL A 21 -1.24 -8.64 -1.60
C VAL A 21 0.07 -8.76 -2.38
N ALA A 22 1.16 -8.92 -1.64
CA ALA A 22 2.47 -9.05 -2.25
C ALA A 22 2.36 -9.94 -3.49
N ARG A 23 2.70 -9.36 -4.63
CA ARG A 23 2.65 -10.07 -5.89
C ARG A 23 3.72 -11.16 -5.93
N TYR A 24 4.95 -10.74 -5.67
CA TYR A 24 6.07 -11.65 -5.66
C TYR A 24 6.98 -11.43 -4.45
N SER A 25 7.34 -12.53 -3.81
CA SER A 25 8.18 -12.47 -2.62
C SER A 25 9.32 -11.47 -2.85
N TYR A 26 9.61 -10.70 -1.81
CA TYR A 26 10.66 -9.71 -1.88
C TYR A 26 11.45 -9.65 -0.57
N ASN A 27 12.72 -9.33 -0.70
CA ASN A 27 13.60 -9.24 0.47
C ASN A 27 14.66 -8.16 0.21
N PRO A 28 14.35 -6.92 0.65
CA PRO A 28 15.26 -5.81 0.48
C PRO A 28 16.43 -5.90 1.47
N PHE A 29 16.16 -6.57 2.58
CA PHE A 29 17.18 -6.74 3.60
C PHE A 29 18.07 -7.96 3.31
N ASP A 30 18.05 -8.37 2.05
CA ASP A 30 18.84 -9.51 1.63
C ASP A 30 19.97 -9.02 0.72
N GLY A 31 19.78 -7.84 0.16
CA GLY A 31 20.77 -7.25 -0.73
C GLY A 31 21.63 -6.23 0.02
N PRO A 32 22.59 -5.64 -0.74
CA PRO A 32 23.48 -4.64 -0.17
C PRO A 32 22.76 -3.31 0.03
N ASN A 33 21.50 -3.30 -0.33
CA ASN A 33 20.69 -2.10 -0.19
C ASN A 33 21.05 -1.39 1.11
N GLU A 34 21.39 -0.12 0.98
CA GLU A 34 21.76 0.68 2.14
C GLU A 34 20.51 1.23 2.84
N ASN A 35 19.38 1.08 2.14
CA ASN A 35 18.12 1.56 2.68
C ASN A 35 17.05 0.49 2.45
N PRO A 36 17.29 -0.70 3.06
CA PRO A 36 16.36 -1.81 2.94
C PRO A 36 15.12 -1.58 3.81
N GLU A 37 15.34 -0.94 4.95
CA GLU A 37 14.26 -0.65 5.86
C GLU A 37 13.21 0.25 5.20
N ALA A 38 13.68 1.03 4.23
CA ALA A 38 12.81 1.93 3.51
C ALA A 38 11.82 1.12 2.67
N GLU A 39 12.06 -0.18 2.63
CA GLU A 39 11.20 -1.07 1.86
C GLU A 39 10.65 -2.18 2.77
N LEU A 40 9.75 -2.97 2.21
CA LEU A 40 9.15 -4.07 2.95
C LEU A 40 9.37 -5.38 2.18
N PRO A 41 9.77 -6.43 2.94
CA PRO A 41 10.01 -7.72 2.35
C PRO A 41 8.70 -8.43 2.00
N LEU A 42 8.18 -8.10 0.83
CA LEU A 42 6.94 -8.69 0.37
C LEU A 42 7.03 -10.21 0.48
N THR A 43 5.87 -10.84 0.41
CA THR A 43 5.80 -12.30 0.50
C THR A 43 4.61 -12.83 -0.30
N ALA A 44 4.85 -13.04 -1.58
CA ALA A 44 3.81 -13.54 -2.46
C ALA A 44 2.69 -14.15 -1.62
N GLY A 45 1.54 -13.49 -1.65
CA GLY A 45 0.38 -13.97 -0.89
C GLY A 45 0.10 -13.05 0.30
N LYS A 46 1.18 -12.65 0.97
CA LYS A 46 1.05 -11.78 2.13
C LYS A 46 0.21 -10.56 1.75
N TYR A 47 -0.32 -9.90 2.77
CA TYR A 47 -1.14 -8.73 2.57
C TYR A 47 -0.61 -7.55 3.38
N LEU A 48 -0.73 -6.36 2.80
CA LEU A 48 -0.28 -5.15 3.45
C LEU A 48 -1.32 -4.04 3.24
N TYR A 49 -0.95 -2.85 3.68
CA TYR A 49 -1.83 -1.70 3.54
C TYR A 49 -1.06 -0.46 3.11
N VAL A 50 -1.46 0.06 1.94
CA VAL A 50 -0.81 1.24 1.40
C VAL A 50 -1.59 2.48 1.81
N TYR A 51 -1.03 3.22 2.76
CA TYR A 51 -1.66 4.43 3.25
C TYR A 51 -1.40 5.61 2.31
N GLY A 52 -2.48 6.12 1.75
CA GLY A 52 -2.38 7.25 0.83
C GLY A 52 -2.34 6.76 -0.62
N ASP A 53 -1.32 7.20 -1.33
CA ASP A 53 -1.15 6.82 -2.73
C ASP A 53 0.33 6.85 -3.08
N MET A 54 0.61 6.68 -4.37
CA MET A 54 1.98 6.68 -4.85
C MET A 54 2.84 7.68 -4.06
N ASP A 55 3.96 7.18 -3.58
CA ASP A 55 4.89 8.01 -2.81
C ASP A 55 5.64 8.93 -3.77
N GLU A 56 6.57 9.69 -3.19
CA GLU A 56 7.38 10.61 -3.97
C GLU A 56 7.95 9.90 -5.21
N ASP A 57 8.49 8.71 -4.97
CA ASP A 57 9.07 7.93 -6.04
C ASP A 57 7.98 7.09 -6.70
N GLY A 58 6.90 6.89 -5.97
CA GLY A 58 5.77 6.11 -6.46
C GLY A 58 5.54 4.88 -5.59
N PHE A 59 6.61 4.39 -5.00
CA PHE A 59 6.52 3.22 -4.14
C PHE A 59 5.33 3.31 -3.20
N TYR A 60 4.87 2.16 -2.76
CA TYR A 60 3.73 2.10 -1.85
C TYR A 60 4.19 1.89 -0.41
N GLU A 61 3.79 2.81 0.45
CA GLU A 61 4.15 2.73 1.86
C GLU A 61 3.31 1.68 2.57
N GLY A 62 3.37 0.47 2.03
CA GLY A 62 2.63 -0.64 2.61
C GLY A 62 2.94 -0.80 4.09
N GLU A 63 1.89 -1.05 4.86
CA GLU A 63 2.04 -1.23 6.30
C GLU A 63 1.89 -2.70 6.67
N LEU A 64 3.02 -3.37 6.77
CA LEU A 64 3.03 -4.78 7.11
C LEU A 64 2.00 -5.05 8.20
N LEU A 65 1.51 -6.28 8.23
CA LEU A 65 0.51 -6.67 9.20
C LEU A 65 1.06 -6.44 10.61
N ASP A 66 2.38 -6.38 10.69
CA ASP A 66 3.04 -6.16 11.97
C ASP A 66 3.06 -4.67 12.28
N GLY A 67 2.87 -3.87 11.23
CA GLY A 67 2.87 -2.42 11.37
C GLY A 67 4.06 -1.80 10.66
N GLN A 68 4.92 -2.66 10.14
CA GLN A 68 6.11 -2.21 9.44
C GLN A 68 5.72 -1.25 8.30
N ARG A 69 6.30 -0.07 8.36
CA ARG A 69 6.04 0.95 7.34
C ARG A 69 7.25 1.12 6.43
N GLY A 70 7.15 0.53 5.25
CA GLY A 70 8.22 0.60 4.28
C GLY A 70 7.67 0.73 2.86
N LEU A 71 8.55 1.11 1.95
CA LEU A 71 8.17 1.27 0.56
C LEU A 71 7.81 -0.10 -0.03
N VAL A 72 7.01 -0.06 -1.09
CA VAL A 72 6.59 -1.28 -1.75
C VAL A 72 6.29 -0.99 -3.22
N PRO A 73 6.95 -1.77 -4.11
CA PRO A 73 6.78 -1.60 -5.55
C PRO A 73 5.42 -2.17 -6.00
N SER A 74 4.69 -1.34 -6.72
CA SER A 74 3.39 -1.74 -7.22
C SER A 74 3.53 -2.98 -8.12
N ASN A 75 4.76 -3.24 -8.52
CA ASN A 75 5.03 -4.38 -9.38
C ASN A 75 5.21 -5.63 -8.51
N PHE A 76 5.10 -5.43 -7.21
CA PHE A 76 5.24 -6.53 -6.27
C PHE A 76 4.09 -6.54 -5.27
N VAL A 77 2.91 -6.20 -5.77
CA VAL A 77 1.73 -6.16 -4.93
C VAL A 77 0.48 -6.33 -5.81
N ASP A 78 -0.63 -6.62 -5.15
CA ASP A 78 -1.89 -6.81 -5.85
C ASP A 78 -3.04 -6.36 -4.95
N PHE A 79 -3.59 -5.21 -5.28
CA PHE A 79 -4.70 -4.66 -4.51
C PHE A 79 -5.81 -5.71 -4.33
N VAL A 80 -5.68 -6.48 -3.26
CA VAL A 80 -6.66 -7.52 -2.96
C VAL A 80 -7.97 -6.86 -2.53
N GLN A 81 -9.02 -7.66 -2.54
CA GLN A 81 -10.34 -7.17 -2.16
C GLN A 81 -10.34 -6.74 -0.69
N ASP A 82 -11.48 -6.95 -0.05
CA ASP A 82 -11.61 -6.59 1.36
C ASP A 82 -13.00 -7.03 1.85
N ASN A 83 -14.02 -6.55 1.15
CA ASN A 83 -15.39 -6.86 1.51
C ASN A 83 -16.32 -6.40 0.40
N GLU A 84 -16.85 -7.37 -0.34
CA GLU A 84 -17.76 -7.07 -1.43
C GLU A 84 -18.76 -5.99 -1.01
N SER A 85 -19.34 -6.19 0.17
CA SER A 85 -20.31 -5.25 0.70
C SER A 85 -19.66 -3.88 0.88
N ARG A 86 -19.99 -2.98 -0.05
CA ARG A 86 -19.44 -1.63 0.00
C ARG A 86 -20.57 -0.60 -0.09
N LEU A 87 -21.36 -0.73 -1.15
CA LEU A 87 -22.47 0.18 -1.37
C LEU A 87 -23.78 -0.55 -1.08
N ALA A 88 -24.86 0.22 -1.02
CA ALA A 88 -26.17 -0.33 -0.75
C ALA A 88 -26.52 -1.36 -1.83
N SER A 89 -26.42 -2.62 -1.45
CA SER A 89 -26.71 -3.71 -2.38
C SER A 89 -26.53 -5.06 -1.68
N THR A 90 -27.61 -5.54 -1.09
CA THR A 90 -27.58 -6.81 -0.40
C THR A 90 -28.99 -7.37 -0.24
N SER A 91 -29.08 -8.69 -0.27
CA SER A 91 -30.36 -9.37 -0.14
C SER A 91 -30.60 -9.75 1.32
N GLY A 92 -31.72 -9.30 1.85
CA GLY A 92 -32.08 -9.60 3.23
C GLY A 92 -32.46 -8.33 3.98
N PRO A 93 -32.53 -8.46 5.34
CA PRO A 93 -32.88 -7.33 6.18
C PRO A 93 -31.70 -6.36 6.31
N SER A 94 -32.01 -5.18 6.81
CA SER A 94 -31.00 -4.15 6.99
C SER A 94 -30.48 -4.17 8.43
N SER A 95 -29.33 -3.56 8.63
CA SER A 95 -28.73 -3.49 9.95
C SER A 95 -29.77 -3.05 10.98
N GLY A 96 -30.32 -1.87 10.74
CA GLY A 96 -31.33 -1.33 11.64
C GLY A 96 -31.29 0.20 11.64
N GLY A 1 -14.67 15.82 12.67
CA GLY A 1 -13.64 15.08 11.97
C GLY A 1 -12.90 15.97 10.98
N SER A 2 -12.94 15.55 9.72
CA SER A 2 -12.27 16.31 8.66
C SER A 2 -13.32 16.98 7.77
N SER A 3 -12.98 18.17 7.31
CA SER A 3 -13.88 18.93 6.45
C SER A 3 -13.23 20.27 6.08
N GLY A 4 -13.68 20.81 4.96
CA GLY A 4 -13.17 22.08 4.48
C GLY A 4 -12.86 22.02 2.98
N SER A 5 -13.46 22.94 2.24
CA SER A 5 -13.26 23.00 0.80
C SER A 5 -11.77 23.24 0.50
N SER A 6 -11.42 23.02 -0.76
CA SER A 6 -10.05 23.21 -1.20
C SER A 6 -9.12 22.29 -0.41
N GLY A 7 -8.97 21.07 -0.90
CA GLY A 7 -8.12 20.09 -0.26
C GLY A 7 -6.69 20.15 -0.82
N THR A 8 -5.75 19.81 0.03
CA THR A 8 -4.34 19.82 -0.36
C THR A 8 -3.56 18.76 0.42
N SER A 9 -2.25 18.80 0.24
CA SER A 9 -1.38 17.85 0.93
C SER A 9 -1.32 18.17 2.42
N LYS A 10 -2.28 17.62 3.15
CA LYS A 10 -2.35 17.83 4.58
C LYS A 10 -1.29 16.97 5.28
N GLN A 11 -1.50 15.67 5.21
CA GLN A 11 -0.58 14.72 5.82
C GLN A 11 -0.26 13.57 4.86
N ARG A 12 1.00 13.19 4.85
CA ARG A 12 1.44 12.10 3.98
C ARG A 12 1.63 10.82 4.80
N TYR A 13 0.52 10.27 5.24
CA TYR A 13 0.55 9.04 6.02
C TYR A 13 -0.84 8.69 6.54
N SER A 14 -1.62 9.72 6.83
CA SER A 14 -2.97 9.52 7.32
C SER A 14 -3.95 9.42 6.16
N GLY A 15 -3.40 9.14 4.98
CA GLY A 15 -4.20 9.01 3.78
C GLY A 15 -5.00 7.71 3.80
N LYS A 16 -5.76 7.50 2.73
CA LYS A 16 -6.58 6.31 2.61
C LYS A 16 -5.68 5.07 2.71
N VAL A 17 -6.32 3.92 2.89
CA VAL A 17 -5.60 2.67 3.00
C VAL A 17 -5.84 1.83 1.75
N HIS A 18 -4.94 0.89 1.52
CA HIS A 18 -5.04 0.01 0.37
C HIS A 18 -4.40 -1.34 0.68
N LEU A 19 -5.25 -2.33 0.90
CA LEU A 19 -4.78 -3.66 1.21
C LEU A 19 -4.21 -4.32 -0.06
N CYS A 20 -2.95 -4.68 0.02
CA CYS A 20 -2.28 -5.31 -1.10
C CYS A 20 -1.88 -6.73 -0.70
N VAL A 21 -1.51 -7.51 -1.70
CA VAL A 21 -1.11 -8.89 -1.46
C VAL A 21 0.11 -9.21 -2.32
N ALA A 22 1.28 -9.19 -1.68
CA ALA A 22 2.52 -9.48 -2.36
C ALA A 22 2.26 -10.51 -3.47
N ARG A 23 2.63 -10.15 -4.68
CA ARG A 23 2.45 -11.03 -5.83
C ARG A 23 3.60 -12.03 -5.90
N TYR A 24 4.82 -11.51 -5.85
CA TYR A 24 6.00 -12.35 -5.92
C TYR A 24 6.92 -12.09 -4.72
N SER A 25 6.51 -11.14 -3.89
CA SER A 25 7.29 -10.79 -2.72
C SER A 25 8.40 -9.80 -3.10
N TYR A 26 9.18 -9.43 -2.10
CA TYR A 26 10.27 -8.50 -2.31
C TYR A 26 11.01 -8.20 -1.01
N ASN A 27 12.19 -8.77 -0.89
CA ASN A 27 13.00 -8.58 0.31
C ASN A 27 14.05 -7.48 0.03
N PRO A 28 13.89 -6.35 0.77
CA PRO A 28 14.81 -5.23 0.62
C PRO A 28 16.15 -5.53 1.29
N PHE A 29 16.08 -6.29 2.37
CA PHE A 29 17.27 -6.65 3.11
C PHE A 29 17.93 -7.91 2.53
N ASP A 30 17.81 -8.03 1.21
CA ASP A 30 18.39 -9.17 0.52
C ASP A 30 19.54 -8.69 -0.37
N GLY A 31 19.43 -7.45 -0.82
CA GLY A 31 20.45 -6.86 -1.66
C GLY A 31 21.41 -5.99 -0.86
N PRO A 32 22.37 -5.35 -1.59
CA PRO A 32 23.35 -4.48 -0.95
C PRO A 32 22.71 -3.14 -0.56
N ASN A 33 21.42 -3.03 -0.84
CA ASN A 33 20.69 -1.82 -0.52
C ASN A 33 21.21 -1.24 0.79
N GLU A 34 21.10 0.07 0.92
CA GLU A 34 21.55 0.75 2.11
C GLU A 34 20.35 1.25 2.93
N ASN A 35 19.18 1.16 2.32
CA ASN A 35 17.96 1.59 2.97
C ASN A 35 16.87 0.55 2.74
N PRO A 36 17.14 -0.69 3.21
CA PRO A 36 16.18 -1.78 3.07
C PRO A 36 15.01 -1.63 4.04
N GLU A 37 15.32 -1.07 5.20
CA GLU A 37 14.31 -0.87 6.22
C GLU A 37 13.21 0.07 5.70
N ALA A 38 13.60 0.92 4.76
CA ALA A 38 12.68 1.87 4.18
C ALA A 38 11.54 1.09 3.50
N GLU A 39 11.92 0.01 2.84
CA GLU A 39 10.95 -0.82 2.13
C GLU A 39 10.40 -1.89 3.07
N LEU A 40 9.56 -2.76 2.51
CA LEU A 40 8.97 -3.83 3.28
C LEU A 40 9.20 -5.17 2.56
N PRO A 41 9.54 -6.20 3.37
CA PRO A 41 9.78 -7.52 2.82
C PRO A 41 8.48 -8.22 2.43
N LEU A 42 8.04 -7.94 1.21
CA LEU A 42 6.81 -8.51 0.70
C LEU A 42 6.92 -10.04 0.75
N THR A 43 5.77 -10.68 0.95
CA THR A 43 5.72 -12.13 1.02
C THR A 43 4.56 -12.66 0.16
N ALA A 44 4.89 -13.01 -1.08
CA ALA A 44 3.90 -13.53 -1.99
C ALA A 44 2.78 -14.19 -1.20
N GLY A 45 1.61 -13.57 -1.29
CA GLY A 45 0.44 -14.08 -0.58
C GLY A 45 0.06 -13.18 0.59
N LYS A 46 1.07 -12.81 1.36
CA LYS A 46 0.87 -11.96 2.51
C LYS A 46 0.02 -10.74 2.09
N TYR A 47 -0.30 -9.93 3.08
CA TYR A 47 -1.10 -8.74 2.84
C TYR A 47 -0.51 -7.51 3.54
N LEU A 48 -0.70 -6.36 2.93
CA LEU A 48 -0.20 -5.12 3.48
C LEU A 48 -1.11 -3.97 3.06
N TYR A 49 -1.06 -2.89 3.85
CA TYR A 49 -1.87 -1.73 3.57
C TYR A 49 -1.00 -0.53 3.17
N VAL A 50 -1.39 0.11 2.08
CA VAL A 50 -0.66 1.25 1.58
C VAL A 50 -1.41 2.54 1.96
N TYR A 51 -0.75 3.34 2.78
CA TYR A 51 -1.35 4.59 3.22
C TYR A 51 -0.86 5.76 2.38
N GLY A 52 -1.54 5.98 1.26
CA GLY A 52 -1.18 7.06 0.36
C GLY A 52 -0.92 6.53 -1.06
N ASP A 53 -0.77 7.46 -1.98
CA ASP A 53 -0.52 7.11 -3.37
C ASP A 53 0.95 6.75 -3.54
N MET A 54 1.39 6.78 -4.80
CA MET A 54 2.77 6.47 -5.12
C MET A 54 3.73 7.39 -4.36
N ASP A 55 4.94 6.89 -4.16
CA ASP A 55 5.96 7.66 -3.45
C ASP A 55 6.78 8.46 -4.46
N GLU A 56 7.70 9.24 -3.92
CA GLU A 56 8.56 10.06 -4.77
C GLU A 56 9.28 9.20 -5.80
N ASP A 57 9.69 8.02 -5.36
CA ASP A 57 10.38 7.09 -6.23
C ASP A 57 9.35 6.22 -6.97
N GLY A 58 8.13 6.22 -6.43
CA GLY A 58 7.06 5.43 -7.03
C GLY A 58 6.83 4.14 -6.24
N PHE A 59 6.83 4.28 -4.92
CA PHE A 59 6.62 3.14 -4.05
C PHE A 59 5.36 3.31 -3.21
N TYR A 60 4.94 2.22 -2.59
CA TYR A 60 3.74 2.23 -1.76
C TYR A 60 4.11 2.07 -0.28
N GLU A 61 3.59 2.99 0.53
CA GLU A 61 3.85 2.95 1.95
C GLU A 61 3.06 1.82 2.61
N GLY A 62 3.33 0.60 2.14
CA GLY A 62 2.66 -0.56 2.67
C GLY A 62 2.83 -0.66 4.19
N GLU A 63 1.90 -1.36 4.82
CA GLU A 63 1.93 -1.53 6.26
C GLU A 63 1.74 -3.00 6.62
N LEU A 64 2.84 -3.74 6.59
CA LEU A 64 2.80 -5.15 6.92
C LEU A 64 1.80 -5.38 8.05
N LEU A 65 1.25 -6.59 8.07
CA LEU A 65 0.28 -6.96 9.08
C LEU A 65 0.93 -6.86 10.46
N ASP A 66 2.26 -6.87 10.46
CA ASP A 66 3.00 -6.79 11.69
C ASP A 66 3.14 -5.32 12.11
N GLY A 67 2.61 -4.45 11.26
CA GLY A 67 2.66 -3.02 11.53
C GLY A 67 3.87 -2.38 10.86
N GLN A 68 4.64 -3.22 10.16
CA GLN A 68 5.83 -2.75 9.48
C GLN A 68 5.46 -1.72 8.41
N ARG A 69 5.98 -0.51 8.60
CA ARG A 69 5.71 0.57 7.66
C ARG A 69 6.95 0.85 6.81
N GLY A 70 6.83 0.57 5.52
CA GLY A 70 7.91 0.78 4.59
C GLY A 70 7.41 0.87 3.15
N LEU A 71 8.32 1.23 2.25
CA LEU A 71 7.97 1.35 0.84
C LEU A 71 7.52 -0.02 0.33
N VAL A 72 6.87 0.02 -0.83
CA VAL A 72 6.38 -1.20 -1.45
C VAL A 72 6.19 -0.96 -2.95
N PRO A 73 6.83 -1.84 -3.76
CA PRO A 73 6.74 -1.74 -5.20
C PRO A 73 5.37 -2.23 -5.70
N SER A 74 4.79 -1.45 -6.60
CA SER A 74 3.49 -1.80 -7.16
C SER A 74 3.65 -2.89 -8.21
N ASN A 75 4.85 -3.44 -8.27
CA ASN A 75 5.15 -4.50 -9.22
C ASN A 75 5.22 -5.85 -8.48
N PHE A 76 5.23 -5.76 -7.17
CA PHE A 76 5.30 -6.95 -6.34
C PHE A 76 4.13 -7.00 -5.34
N VAL A 77 3.12 -6.18 -5.63
CA VAL A 77 1.95 -6.12 -4.77
C VAL A 77 0.69 -6.18 -5.64
N ASP A 78 -0.31 -6.87 -5.13
CA ASP A 78 -1.57 -7.01 -5.84
C ASP A 78 -2.71 -6.51 -4.95
N PHE A 79 -3.22 -5.33 -5.30
CA PHE A 79 -4.31 -4.73 -4.54
C PHE A 79 -5.44 -5.74 -4.34
N VAL A 80 -5.35 -6.46 -3.22
CA VAL A 80 -6.36 -7.45 -2.90
C VAL A 80 -7.66 -6.74 -2.51
N GLN A 81 -8.75 -7.49 -2.59
CA GLN A 81 -10.06 -6.95 -2.25
C GLN A 81 -10.09 -6.50 -0.79
N ASP A 82 -11.23 -6.72 -0.17
CA ASP A 82 -11.40 -6.35 1.23
C ASP A 82 -11.83 -4.88 1.31
N ASN A 83 -11.14 -4.06 0.55
CA ASN A 83 -11.44 -2.64 0.52
C ASN A 83 -11.30 -2.12 -0.92
N GLU A 84 -12.41 -2.18 -1.64
CA GLU A 84 -12.43 -1.73 -3.02
C GLU A 84 -11.69 -0.39 -3.14
N SER A 85 -12.26 0.62 -2.50
CA SER A 85 -11.67 1.95 -2.53
C SER A 85 -12.04 2.65 -3.84
N ARG A 86 -12.81 3.72 -3.70
CA ARG A 86 -13.24 4.48 -4.87
C ARG A 86 -12.07 4.69 -5.82
N LEU A 87 -10.88 4.75 -5.24
CA LEU A 87 -9.68 4.95 -6.03
C LEU A 87 -9.55 3.82 -7.06
N ALA A 88 -8.87 4.12 -8.16
CA ALA A 88 -8.68 3.15 -9.21
C ALA A 88 -7.86 3.78 -10.34
N SER A 89 -7.75 3.05 -11.44
CA SER A 89 -7.00 3.52 -12.59
C SER A 89 -5.56 3.81 -12.19
N THR A 90 -4.67 2.95 -12.66
CA THR A 90 -3.25 3.09 -12.36
C THR A 90 -2.41 2.17 -13.25
N SER A 91 -1.27 2.68 -13.67
CA SER A 91 -0.38 1.92 -14.52
C SER A 91 -0.32 0.47 -14.05
N GLY A 92 -0.59 -0.43 -14.99
CA GLY A 92 -0.58 -1.86 -14.69
C GLY A 92 -1.75 -2.57 -15.36
N PRO A 93 -1.41 -3.62 -16.15
CA PRO A 93 -2.43 -4.39 -16.84
C PRO A 93 -3.17 -5.32 -15.88
N SER A 94 -4.16 -6.02 -16.42
CA SER A 94 -4.95 -6.94 -15.61
C SER A 94 -5.85 -7.78 -16.53
N SER A 95 -5.88 -9.07 -16.24
CA SER A 95 -6.69 -9.99 -17.02
C SER A 95 -6.17 -10.05 -18.46
N GLY A 96 -5.25 -10.97 -18.68
CA GLY A 96 -4.66 -11.14 -20.00
C GLY A 96 -3.88 -12.45 -20.09
N GLY A 1 -17.26 9.34 15.10
CA GLY A 1 -17.71 9.49 13.72
C GLY A 1 -17.37 10.88 13.20
N SER A 2 -17.73 11.10 11.93
CA SER A 2 -17.47 12.38 11.30
C SER A 2 -17.95 12.35 9.84
N SER A 3 -17.41 11.40 9.10
CA SER A 3 -17.78 11.26 7.70
C SER A 3 -17.40 12.52 6.92
N GLY A 4 -16.24 12.44 6.27
CA GLY A 4 -15.75 13.56 5.48
C GLY A 4 -14.27 13.84 5.80
N SER A 5 -13.55 14.22 4.76
CA SER A 5 -12.13 14.52 4.91
C SER A 5 -11.81 15.88 4.29
N SER A 6 -12.09 15.99 3.00
CA SER A 6 -11.85 17.23 2.27
C SER A 6 -10.44 17.74 2.60
N GLY A 7 -9.49 17.33 1.76
CA GLY A 7 -8.11 17.74 1.94
C GLY A 7 -7.24 17.29 0.77
N THR A 8 -6.18 18.05 0.53
CA THR A 8 -5.27 17.74 -0.56
C THR A 8 -3.97 17.14 -0.01
N SER A 9 -3.77 17.33 1.28
CA SER A 9 -2.57 16.83 1.93
C SER A 9 -2.52 17.33 3.38
N LYS A 10 -2.77 16.40 4.30
CA LYS A 10 -2.74 16.73 5.71
C LYS A 10 -1.50 16.11 6.36
N GLN A 11 -1.41 14.79 6.24
CA GLN A 11 -0.28 14.08 6.81
C GLN A 11 0.25 13.06 5.80
N ARG A 12 1.57 12.91 5.79
CA ARG A 12 2.22 11.98 4.89
C ARG A 12 2.33 10.60 5.54
N TYR A 13 1.29 10.24 6.27
CA TYR A 13 1.25 8.96 6.95
C TYR A 13 -0.08 8.75 7.67
N SER A 14 -1.13 9.27 7.06
CA SER A 14 -2.46 9.14 7.63
C SER A 14 -3.52 9.23 6.52
N GLY A 15 -3.09 8.88 5.32
CA GLY A 15 -3.98 8.91 4.17
C GLY A 15 -4.78 7.62 4.08
N LYS A 16 -5.64 7.55 3.06
CA LYS A 16 -6.47 6.38 2.85
C LYS A 16 -5.60 5.13 2.88
N VAL A 17 -6.25 4.00 3.12
CA VAL A 17 -5.54 2.74 3.18
C VAL A 17 -5.84 1.94 1.90
N HIS A 18 -4.96 0.98 1.62
CA HIS A 18 -5.11 0.15 0.45
C HIS A 18 -4.52 -1.24 0.72
N LEU A 19 -5.40 -2.20 0.94
CA LEU A 19 -4.98 -3.56 1.22
C LEU A 19 -4.40 -4.17 -0.06
N CYS A 20 -3.13 -4.55 0.02
CA CYS A 20 -2.45 -5.15 -1.11
C CYS A 20 -2.09 -6.59 -0.76
N VAL A 21 -1.74 -7.35 -1.78
CA VAL A 21 -1.37 -8.75 -1.59
C VAL A 21 -0.12 -9.06 -2.39
N ALA A 22 1.01 -9.06 -1.70
CA ALA A 22 2.29 -9.35 -2.33
C ALA A 22 2.10 -10.45 -3.38
N ARG A 23 2.57 -10.16 -4.59
CA ARG A 23 2.47 -11.11 -5.67
C ARG A 23 3.65 -12.07 -5.65
N TYR A 24 4.81 -11.53 -5.31
CA TYR A 24 6.02 -12.32 -5.26
C TYR A 24 6.89 -11.92 -4.06
N SER A 25 7.28 -12.93 -3.30
CA SER A 25 8.12 -12.70 -2.13
C SER A 25 9.22 -11.69 -2.46
N TYR A 26 9.32 -10.68 -1.59
CA TYR A 26 10.33 -9.65 -1.78
C TYR A 26 11.23 -9.53 -0.55
N ASN A 27 12.46 -9.09 -0.79
CA ASN A 27 13.41 -8.93 0.29
C ASN A 27 14.35 -7.76 -0.04
N PRO A 28 14.03 -6.58 0.52
CA PRO A 28 14.82 -5.39 0.28
C PRO A 28 16.13 -5.44 1.09
N PHE A 29 16.14 -6.32 2.08
CA PHE A 29 17.30 -6.48 2.92
C PHE A 29 18.20 -7.62 2.41
N ASP A 30 18.13 -7.84 1.12
CA ASP A 30 18.93 -8.89 0.49
C ASP A 30 20.05 -8.26 -0.32
N GLY A 31 19.82 -7.02 -0.74
CA GLY A 31 20.79 -6.30 -1.53
C GLY A 31 21.62 -5.35 -0.65
N PRO A 32 22.54 -4.62 -1.32
CA PRO A 32 23.40 -3.68 -0.61
C PRO A 32 22.63 -2.41 -0.23
N ASN A 33 21.36 -2.40 -0.61
CA ASN A 33 20.50 -1.26 -0.32
C ASN A 33 20.82 -0.73 1.08
N GLU A 34 21.25 0.53 1.12
CA GLU A 34 21.60 1.16 2.37
C GLU A 34 20.33 1.61 3.10
N ASN A 35 19.21 1.40 2.45
CA ASN A 35 17.93 1.77 3.03
C ASN A 35 16.90 0.67 2.75
N PRO A 36 17.22 -0.56 3.27
CA PRO A 36 16.33 -1.70 3.08
C PRO A 36 15.10 -1.59 3.98
N GLU A 37 15.32 -1.04 5.16
CA GLU A 37 14.24 -0.88 6.12
C GLU A 37 13.17 0.05 5.56
N ALA A 38 13.57 0.86 4.59
CA ALA A 38 12.66 1.80 3.97
C ALA A 38 11.52 1.02 3.31
N GLU A 39 11.89 -0.03 2.60
CA GLU A 39 10.91 -0.85 1.92
C GLU A 39 10.36 -1.93 2.87
N LEU A 40 9.49 -2.76 2.33
CA LEU A 40 8.89 -3.84 3.11
C LEU A 40 9.07 -5.17 2.38
N PRO A 41 9.49 -6.20 3.15
CA PRO A 41 9.69 -7.52 2.59
C PRO A 41 8.36 -8.22 2.30
N LEU A 42 7.86 -7.99 1.10
CA LEU A 42 6.59 -8.58 0.69
C LEU A 42 6.70 -10.11 0.78
N THR A 43 5.55 -10.76 0.68
CA THR A 43 5.50 -12.21 0.75
C THR A 43 4.33 -12.74 -0.07
N ALA A 44 4.63 -13.11 -1.31
CA ALA A 44 3.60 -13.65 -2.20
C ALA A 44 2.43 -14.18 -1.37
N GLY A 45 1.29 -13.52 -1.52
CA GLY A 45 0.10 -13.92 -0.79
C GLY A 45 -0.18 -12.97 0.39
N LYS A 46 0.87 -12.72 1.16
CA LYS A 46 0.76 -11.84 2.31
C LYS A 46 0.02 -10.56 1.89
N TYR A 47 -0.54 -9.90 2.89
CA TYR A 47 -1.28 -8.67 2.64
C TYR A 47 -0.62 -7.48 3.36
N LEU A 48 -0.89 -6.30 2.84
CA LEU A 48 -0.33 -5.08 3.41
C LEU A 48 -1.20 -3.89 3.00
N TYR A 49 -1.17 -2.86 3.84
CA TYR A 49 -1.94 -1.66 3.58
C TYR A 49 -1.03 -0.50 3.19
N VAL A 50 -1.40 0.16 2.11
CA VAL A 50 -0.63 1.30 1.61
C VAL A 50 -1.32 2.60 2.03
N TYR A 51 -0.67 3.32 2.92
CA TYR A 51 -1.21 4.58 3.40
C TYR A 51 -0.66 5.75 2.59
N GLY A 52 -1.41 6.14 1.58
CA GLY A 52 -1.02 7.25 0.72
C GLY A 52 -1.08 6.85 -0.75
N ASP A 53 -0.03 7.21 -1.47
CA ASP A 53 0.05 6.90 -2.89
C ASP A 53 1.52 6.78 -3.30
N MET A 54 1.73 6.63 -4.60
CA MET A 54 3.07 6.49 -5.14
C MET A 54 3.99 7.59 -4.60
N ASP A 55 5.05 7.17 -3.93
CA ASP A 55 6.01 8.11 -3.36
C ASP A 55 6.75 8.80 -4.50
N GLU A 56 7.89 9.40 -4.15
CA GLU A 56 8.70 10.10 -5.11
C GLU A 56 9.47 9.11 -5.99
N ASP A 57 9.72 7.93 -5.42
CA ASP A 57 10.44 6.89 -6.13
C ASP A 57 9.44 6.03 -6.91
N GLY A 58 8.18 6.15 -6.52
CA GLY A 58 7.12 5.39 -7.17
C GLY A 58 6.85 4.08 -6.42
N PHE A 59 6.81 4.18 -5.10
CA PHE A 59 6.57 3.02 -4.26
C PHE A 59 5.31 3.21 -3.41
N TYR A 60 4.91 2.13 -2.75
CA TYR A 60 3.74 2.17 -1.91
C TYR A 60 4.11 2.00 -0.43
N GLU A 61 3.60 2.91 0.37
CA GLU A 61 3.88 2.88 1.81
C GLU A 61 3.07 1.76 2.47
N GLY A 62 3.32 0.54 2.04
CA GLY A 62 2.64 -0.61 2.59
C GLY A 62 2.83 -0.70 4.10
N GLU A 63 1.90 -1.40 4.74
CA GLU A 63 1.96 -1.56 6.19
C GLU A 63 1.76 -3.03 6.56
N LEU A 64 2.85 -3.78 6.49
CA LEU A 64 2.81 -5.20 6.81
C LEU A 64 1.83 -5.42 7.96
N LEU A 65 1.18 -6.57 7.91
CA LEU A 65 0.22 -6.93 8.94
C LEU A 65 0.89 -6.90 10.32
N ASP A 66 2.22 -6.95 10.28
CA ASP A 66 3.00 -6.94 11.50
C ASP A 66 3.16 -5.50 11.98
N GLY A 67 2.69 -4.57 11.14
CA GLY A 67 2.77 -3.16 11.47
C GLY A 67 3.97 -2.52 10.78
N GLN A 68 4.74 -3.35 10.08
CA GLN A 68 5.92 -2.88 9.37
C GLN A 68 5.52 -1.82 8.35
N ARG A 69 6.11 -0.64 8.50
CA ARG A 69 5.82 0.46 7.59
C ARG A 69 7.05 0.75 6.73
N GLY A 70 6.84 0.74 5.42
CA GLY A 70 7.92 1.01 4.47
C GLY A 70 7.39 1.05 3.04
N LEU A 71 8.31 1.28 2.12
CA LEU A 71 7.95 1.35 0.71
C LEU A 71 7.52 -0.04 0.23
N VAL A 72 6.87 -0.05 -0.92
CA VAL A 72 6.41 -1.30 -1.50
C VAL A 72 6.21 -1.12 -3.00
N PRO A 73 6.87 -2.00 -3.79
CA PRO A 73 6.77 -1.95 -5.23
C PRO A 73 5.43 -2.50 -5.71
N SER A 74 4.75 -1.69 -6.52
CA SER A 74 3.45 -2.08 -7.05
C SER A 74 3.61 -3.24 -8.03
N ASN A 75 4.87 -3.54 -8.34
CA ASN A 75 5.17 -4.63 -9.26
C ASN A 75 5.26 -5.93 -8.48
N PHE A 76 5.10 -5.82 -7.17
CA PHE A 76 5.16 -6.99 -6.31
C PHE A 76 3.95 -7.04 -5.37
N VAL A 77 3.01 -6.14 -5.61
CA VAL A 77 1.81 -6.07 -4.79
C VAL A 77 0.58 -6.09 -5.70
N ASP A 78 -0.52 -6.59 -5.15
CA ASP A 78 -1.76 -6.67 -5.90
C ASP A 78 -2.91 -6.19 -5.01
N PHE A 79 -3.40 -5.00 -5.31
CA PHE A 79 -4.50 -4.42 -4.55
C PHE A 79 -5.62 -5.44 -4.36
N VAL A 80 -5.55 -6.15 -3.24
CA VAL A 80 -6.56 -7.15 -2.92
C VAL A 80 -7.82 -6.46 -2.43
N GLN A 81 -8.89 -7.25 -2.31
CA GLN A 81 -10.15 -6.73 -1.85
C GLN A 81 -10.49 -7.28 -0.47
N ASP A 82 -10.68 -6.37 0.47
CA ASP A 82 -11.01 -6.75 1.83
C ASP A 82 -12.17 -7.76 1.82
N ASN A 83 -13.18 -7.42 1.04
CA ASN A 83 -14.35 -8.29 0.93
C ASN A 83 -15.48 -7.51 0.24
N GLU A 84 -15.56 -7.70 -1.07
CA GLU A 84 -16.59 -7.03 -1.86
C GLU A 84 -17.93 -7.06 -1.11
N SER A 85 -18.54 -8.24 -1.12
CA SER A 85 -19.82 -8.42 -0.46
C SER A 85 -20.03 -9.90 -0.11
N ARG A 86 -20.94 -10.13 0.82
CA ARG A 86 -21.24 -11.49 1.25
C ARG A 86 -22.52 -11.98 0.58
N LEU A 87 -23.57 -11.19 0.71
CA LEU A 87 -24.84 -11.54 0.11
C LEU A 87 -25.01 -10.80 -1.21
N ALA A 88 -25.73 -11.43 -2.13
CA ALA A 88 -25.97 -10.83 -3.43
C ALA A 88 -26.90 -11.74 -4.24
N SER A 89 -27.32 -11.23 -5.38
CA SER A 89 -28.21 -11.99 -6.25
C SER A 89 -27.39 -12.82 -7.24
N THR A 90 -27.02 -14.02 -6.79
CA THR A 90 -26.24 -14.91 -7.63
C THR A 90 -26.05 -16.26 -6.92
N SER A 91 -26.02 -17.31 -7.72
CA SER A 91 -25.84 -18.65 -7.19
C SER A 91 -24.62 -18.70 -6.28
N GLY A 92 -24.87 -18.58 -4.99
CA GLY A 92 -23.81 -18.60 -4.01
C GLY A 92 -24.34 -18.28 -2.61
N PRO A 93 -24.46 -19.36 -1.78
CA PRO A 93 -24.95 -19.19 -0.42
C PRO A 93 -23.88 -18.58 0.48
N SER A 94 -23.78 -17.26 0.42
CA SER A 94 -22.82 -16.54 1.23
C SER A 94 -21.43 -17.15 1.05
N SER A 95 -20.80 -16.83 -0.08
CA SER A 95 -19.48 -17.34 -0.38
C SER A 95 -18.49 -16.18 -0.55
N GLY A 96 -18.79 -15.33 -1.53
CA GLY A 96 -17.95 -14.18 -1.81
C GLY A 96 -18.48 -13.39 -3.00
N GLY A 1 -22.44 13.95 -5.37
CA GLY A 1 -21.25 14.55 -4.78
C GLY A 1 -20.16 14.77 -5.84
N SER A 2 -19.07 14.06 -5.67
CA SER A 2 -17.96 14.17 -6.59
C SER A 2 -16.80 13.28 -6.14
N SER A 3 -16.52 12.27 -6.95
CA SER A 3 -15.45 11.33 -6.64
C SER A 3 -14.75 10.89 -7.92
N GLY A 4 -13.43 10.82 -7.85
CA GLY A 4 -12.64 10.42 -9.00
C GLY A 4 -11.15 10.47 -8.68
N SER A 5 -10.34 10.21 -9.70
CA SER A 5 -8.90 10.22 -9.55
C SER A 5 -8.46 9.05 -8.66
N SER A 6 -8.80 9.16 -7.38
CA SER A 6 -8.45 8.12 -6.43
C SER A 6 -6.93 7.92 -6.41
N GLY A 7 -6.30 8.51 -5.41
CA GLY A 7 -4.86 8.41 -5.27
C GLY A 7 -4.19 9.78 -5.42
N THR A 8 -4.83 10.78 -4.85
CA THR A 8 -4.32 12.14 -4.93
C THR A 8 -3.43 12.43 -3.71
N SER A 9 -2.13 12.32 -3.93
CA SER A 9 -1.16 12.56 -2.87
C SER A 9 -1.18 14.04 -2.48
N LYS A 10 -1.80 14.31 -1.34
CA LYS A 10 -1.90 15.68 -0.85
C LYS A 10 -0.98 15.85 0.36
N GLN A 11 -1.16 14.96 1.32
CA GLN A 11 -0.34 15.00 2.53
C GLN A 11 0.26 13.62 2.81
N ARG A 12 1.00 13.55 3.91
CA ARG A 12 1.64 12.30 4.29
C ARG A 12 0.89 11.66 5.45
N TYR A 13 0.67 10.36 5.32
CA TYR A 13 -0.05 9.61 6.36
C TYR A 13 -1.38 10.27 6.69
N SER A 14 -2.17 10.49 5.66
CA SER A 14 -3.48 11.11 5.82
C SER A 14 -4.40 10.71 4.67
N GLY A 15 -4.11 9.55 4.09
CA GLY A 15 -4.90 9.06 2.98
C GLY A 15 -5.29 7.59 3.19
N LYS A 16 -6.53 7.28 2.84
CA LYS A 16 -7.03 5.93 2.98
C LYS A 16 -5.93 4.94 2.60
N VAL A 17 -6.06 3.73 3.12
CA VAL A 17 -5.09 2.69 2.83
C VAL A 17 -5.55 1.88 1.62
N HIS A 18 -4.86 0.77 1.38
CA HIS A 18 -5.19 -0.09 0.26
C HIS A 18 -4.60 -1.48 0.49
N LEU A 19 -5.45 -2.39 0.94
CA LEU A 19 -5.04 -3.75 1.21
C LEU A 19 -4.46 -4.36 -0.07
N CYS A 20 -3.17 -4.64 -0.03
CA CYS A 20 -2.49 -5.22 -1.17
C CYS A 20 -1.94 -6.59 -0.76
N VAL A 21 -1.62 -7.39 -1.77
CA VAL A 21 -1.08 -8.72 -1.53
C VAL A 21 0.23 -8.88 -2.32
N ALA A 22 1.32 -9.00 -1.57
CA ALA A 22 2.63 -9.16 -2.17
C ALA A 22 2.49 -10.03 -3.43
N ARG A 23 2.86 -9.43 -4.57
CA ARG A 23 2.78 -10.12 -5.83
C ARG A 23 3.80 -11.27 -5.88
N TYR A 24 5.04 -10.92 -5.55
CA TYR A 24 6.11 -11.90 -5.55
C TYR A 24 7.05 -11.69 -4.35
N SER A 25 7.26 -12.76 -3.61
CA SER A 25 8.12 -12.70 -2.45
C SER A 25 9.33 -11.82 -2.73
N TYR A 26 9.47 -10.78 -1.92
CA TYR A 26 10.57 -9.85 -2.08
C TYR A 26 11.19 -9.50 -0.73
N ASN A 27 12.50 -9.26 -0.75
CA ASN A 27 13.22 -8.92 0.46
C ASN A 27 14.25 -7.82 0.15
N PRO A 28 14.06 -6.65 0.82
CA PRO A 28 14.97 -5.53 0.62
C PRO A 28 16.30 -5.77 1.32
N PHE A 29 16.22 -6.50 2.43
CA PHE A 29 17.42 -6.80 3.21
C PHE A 29 18.11 -8.06 2.66
N ASP A 30 18.02 -8.23 1.36
CA ASP A 30 18.63 -9.37 0.71
C ASP A 30 19.79 -8.90 -0.18
N GLY A 31 19.70 -7.63 -0.58
CA GLY A 31 20.73 -7.04 -1.43
C GLY A 31 21.58 -6.06 -0.63
N PRO A 32 22.48 -5.35 -1.38
CA PRO A 32 23.36 -4.37 -0.76
C PRO A 32 22.59 -3.09 -0.41
N ASN A 33 21.30 -3.11 -0.72
CA ASN A 33 20.46 -1.96 -0.44
C ASN A 33 20.85 -1.34 0.90
N GLU A 34 21.28 -0.09 0.84
CA GLU A 34 21.68 0.63 2.04
C GLU A 34 20.46 1.14 2.80
N ASN A 35 19.30 0.96 2.18
CA ASN A 35 18.05 1.40 2.78
C ASN A 35 16.98 0.32 2.58
N PRO A 36 17.28 -0.88 3.12
CA PRO A 36 16.35 -2.00 3.02
C PRO A 36 15.17 -1.83 3.96
N GLU A 37 15.44 -1.23 5.11
CA GLU A 37 14.40 -1.00 6.11
C GLU A 37 13.32 -0.09 5.53
N ALA A 38 13.73 0.75 4.59
CA ALA A 38 12.79 1.66 3.95
C ALA A 38 11.67 0.88 3.28
N GLU A 39 12.07 -0.16 2.56
CA GLU A 39 11.11 -1.01 1.87
C GLU A 39 10.54 -2.05 2.83
N LEU A 40 9.71 -2.93 2.27
CA LEU A 40 9.10 -3.98 3.07
C LEU A 40 9.31 -5.32 2.38
N PRO A 41 9.57 -6.37 3.21
CA PRO A 41 9.79 -7.71 2.69
C PRO A 41 8.48 -8.35 2.25
N LEU A 42 8.16 -8.15 0.98
CA LEU A 42 6.94 -8.70 0.43
C LEU A 42 7.01 -10.23 0.47
N THR A 43 5.84 -10.83 0.60
CA THR A 43 5.75 -12.29 0.65
C THR A 43 4.54 -12.78 -0.15
N ALA A 44 4.82 -13.17 -1.38
CA ALA A 44 3.77 -13.67 -2.26
C ALA A 44 2.65 -14.27 -1.42
N GLY A 45 1.53 -13.56 -1.40
CA GLY A 45 0.38 -14.01 -0.63
C GLY A 45 0.08 -13.06 0.53
N LYS A 46 1.14 -12.69 1.24
CA LYS A 46 1.01 -11.79 2.37
C LYS A 46 0.11 -10.62 1.97
N TYR A 47 -0.23 -9.81 2.98
CA TYR A 47 -1.08 -8.65 2.75
C TYR A 47 -0.50 -7.41 3.43
N LEU A 48 -0.67 -6.28 2.77
CA LEU A 48 -0.18 -5.02 3.30
C LEU A 48 -1.15 -3.90 2.92
N TYR A 49 -1.05 -2.80 3.67
CA TYR A 49 -1.90 -1.65 3.42
C TYR A 49 -1.07 -0.44 2.99
N VAL A 50 -1.47 0.14 1.86
CA VAL A 50 -0.77 1.31 1.34
C VAL A 50 -1.54 2.57 1.72
N TYR A 51 -1.02 3.27 2.72
CA TYR A 51 -1.65 4.49 3.19
C TYR A 51 -1.52 5.60 2.15
N GLY A 52 -2.68 6.09 1.73
CA GLY A 52 -2.72 7.16 0.74
C GLY A 52 -2.55 6.60 -0.67
N ASP A 53 -1.49 7.03 -1.33
CA ASP A 53 -1.21 6.58 -2.68
C ASP A 53 0.30 6.62 -2.93
N MET A 54 0.67 6.53 -4.20
CA MET A 54 2.06 6.56 -4.58
C MET A 54 2.86 7.52 -3.70
N ASP A 55 4.10 7.15 -3.44
CA ASP A 55 4.96 7.98 -2.62
C ASP A 55 5.73 8.96 -3.51
N GLU A 56 6.54 9.79 -2.87
CA GLU A 56 7.32 10.77 -3.59
C GLU A 56 8.31 10.08 -4.53
N ASP A 57 8.66 8.85 -4.18
CA ASP A 57 9.59 8.07 -4.97
C ASP A 57 8.80 7.22 -5.98
N GLY A 58 7.53 7.02 -5.67
CA GLY A 58 6.66 6.24 -6.53
C GLY A 58 6.26 4.93 -5.86
N PHE A 59 7.03 4.55 -4.84
CA PHE A 59 6.77 3.33 -4.12
C PHE A 59 5.49 3.44 -3.29
N TYR A 60 5.02 2.30 -2.82
CA TYR A 60 3.81 2.25 -2.02
C TYR A 60 4.14 2.07 -0.54
N GLU A 61 3.72 3.05 0.26
CA GLU A 61 3.96 3.00 1.70
C GLU A 61 3.11 1.90 2.34
N GLY A 62 3.31 0.68 1.87
CA GLY A 62 2.58 -0.45 2.39
C GLY A 62 2.81 -0.61 3.89
N GLU A 63 1.82 -1.20 4.55
CA GLU A 63 1.91 -1.42 5.98
C GLU A 63 1.77 -2.91 6.30
N LEU A 64 2.85 -3.47 6.84
CA LEU A 64 2.87 -4.87 7.20
C LEU A 64 1.68 -5.18 8.13
N LEU A 65 1.69 -6.40 8.65
CA LEU A 65 0.62 -6.81 9.54
C LEU A 65 0.96 -6.38 10.97
N ASP A 66 2.23 -6.53 11.31
CA ASP A 66 2.69 -6.16 12.64
C ASP A 66 2.71 -4.64 12.76
N GLY A 67 2.45 -3.98 11.64
CA GLY A 67 2.43 -2.53 11.61
C GLY A 67 3.68 -1.97 10.92
N GLN A 68 4.54 -2.89 10.48
CA GLN A 68 5.77 -2.52 9.81
C GLN A 68 5.45 -1.66 8.57
N ARG A 69 5.99 -0.46 8.57
CA ARG A 69 5.78 0.46 7.46
C ARG A 69 7.06 0.60 6.63
N GLY A 70 6.87 0.86 5.35
CA GLY A 70 7.99 1.02 4.44
C GLY A 70 7.51 1.18 2.99
N LEU A 71 8.48 1.25 2.09
CA LEU A 71 8.17 1.39 0.69
C LEU A 71 7.86 0.03 0.07
N VAL A 72 7.10 0.06 -1.00
CA VAL A 72 6.73 -1.18 -1.68
C VAL A 72 6.49 -0.89 -3.17
N PRO A 73 7.11 -1.74 -4.02
CA PRO A 73 6.96 -1.58 -5.46
C PRO A 73 5.59 -2.04 -5.94
N SER A 74 4.98 -1.21 -6.77
CA SER A 74 3.66 -1.51 -7.31
C SER A 74 3.75 -2.68 -8.30
N ASN A 75 4.97 -3.12 -8.52
CA ASN A 75 5.21 -4.22 -9.44
C ASN A 75 5.32 -5.53 -8.65
N PHE A 76 5.15 -5.41 -7.34
CA PHE A 76 5.23 -6.56 -6.46
C PHE A 76 4.12 -6.53 -5.41
N VAL A 77 2.94 -6.10 -5.85
CA VAL A 77 1.80 -6.02 -4.96
C VAL A 77 0.51 -6.13 -5.78
N ASP A 78 -0.52 -6.65 -5.13
CA ASP A 78 -1.81 -6.82 -5.79
C ASP A 78 -2.93 -6.36 -4.85
N PHE A 79 -3.50 -5.21 -5.18
CA PHE A 79 -4.57 -4.66 -4.37
C PHE A 79 -5.67 -5.69 -4.14
N VAL A 80 -5.50 -6.49 -3.10
CA VAL A 80 -6.47 -7.51 -2.76
C VAL A 80 -7.76 -6.85 -2.28
N GLN A 81 -8.80 -7.67 -2.15
CA GLN A 81 -10.08 -7.18 -1.68
C GLN A 81 -10.42 -7.76 -0.32
N ASP A 82 -10.77 -6.85 0.60
CA ASP A 82 -11.12 -7.27 1.95
C ASP A 82 -12.47 -7.97 1.94
N ASN A 83 -13.45 -7.29 1.35
CA ASN A 83 -14.79 -7.83 1.26
C ASN A 83 -15.25 -8.27 2.65
N GLU A 84 -16.03 -7.41 3.29
CA GLU A 84 -16.55 -7.71 4.62
C GLU A 84 -18.05 -7.93 4.57
N SER A 85 -18.75 -6.97 3.95
CA SER A 85 -20.19 -7.05 3.83
C SER A 85 -20.83 -7.20 5.22
N ARG A 86 -21.16 -6.05 5.79
CA ARG A 86 -21.77 -6.03 7.11
C ARG A 86 -22.99 -5.11 7.11
N LEU A 87 -22.76 -3.88 6.68
CA LEU A 87 -23.84 -2.90 6.62
C LEU A 87 -24.41 -2.85 5.20
N ALA A 88 -25.45 -2.04 5.05
CA ALA A 88 -26.10 -1.89 3.75
C ALA A 88 -26.41 -0.42 3.52
N SER A 89 -26.84 -0.13 2.29
CA SER A 89 -27.18 1.23 1.92
C SER A 89 -25.93 2.11 1.94
N THR A 90 -25.68 2.77 0.81
CA THR A 90 -24.53 3.64 0.68
C THR A 90 -24.56 4.38 -0.65
N SER A 91 -24.10 5.62 -0.61
CA SER A 91 -24.08 6.45 -1.81
C SER A 91 -23.66 5.60 -3.02
N GLY A 92 -24.05 6.08 -4.19
CA GLY A 92 -23.73 5.38 -5.43
C GLY A 92 -24.99 4.83 -6.09
N PRO A 93 -25.26 5.34 -7.32
CA PRO A 93 -26.43 4.92 -8.07
C PRO A 93 -26.21 3.52 -8.67
N SER A 94 -27.33 2.86 -8.96
CA SER A 94 -27.28 1.52 -9.54
C SER A 94 -26.56 0.57 -8.59
N SER A 95 -27.36 -0.08 -7.75
CA SER A 95 -26.82 -1.02 -6.78
C SER A 95 -27.92 -1.95 -6.28
N GLY A 96 -27.64 -3.25 -6.38
CA GLY A 96 -28.60 -4.24 -5.94
C GLY A 96 -30.03 -3.88 -6.37
N GLY A 1 -19.82 8.95 13.43
CA GLY A 1 -18.52 8.84 12.79
C GLY A 1 -17.45 8.46 13.81
N SER A 2 -16.20 8.66 13.40
CA SER A 2 -15.07 8.33 14.26
C SER A 2 -13.81 9.03 13.74
N SER A 3 -13.47 8.71 12.51
CA SER A 3 -12.28 9.29 11.89
C SER A 3 -12.63 9.79 10.48
N GLY A 4 -11.78 10.68 9.97
CA GLY A 4 -11.98 11.24 8.65
C GLY A 4 -11.28 10.38 7.59
N SER A 5 -10.28 10.99 6.95
CA SER A 5 -9.53 10.30 5.92
C SER A 5 -8.29 11.11 5.55
N SER A 6 -8.52 12.34 5.13
CA SER A 6 -7.44 13.22 4.74
C SER A 6 -6.61 12.58 3.63
N GLY A 7 -5.69 13.36 3.10
CA GLY A 7 -4.82 12.89 2.04
C GLY A 7 -3.46 12.45 2.58
N THR A 8 -2.63 13.45 2.87
CA THR A 8 -1.31 13.19 3.41
C THR A 8 -0.85 14.34 4.30
N SER A 9 0.40 14.25 4.74
CA SER A 9 0.96 15.28 5.59
C SER A 9 0.19 15.37 6.90
N LYS A 10 0.71 16.18 7.82
CA LYS A 10 0.08 16.35 9.11
C LYS A 10 0.20 15.06 9.91
N GLN A 11 -0.39 14.00 9.36
CA GLN A 11 -0.35 12.70 10.01
C GLN A 11 0.00 11.61 9.00
N ARG A 12 0.83 10.67 9.44
CA ARG A 12 1.26 9.58 8.60
C ARG A 12 0.17 8.50 8.55
N TYR A 13 0.26 7.65 7.53
CA TYR A 13 -0.70 6.59 7.35
C TYR A 13 -2.10 7.04 7.73
N SER A 14 -2.41 8.27 7.33
CA SER A 14 -3.72 8.84 7.63
C SER A 14 -4.69 8.54 6.47
N GLY A 15 -4.27 8.91 5.28
CA GLY A 15 -5.09 8.69 4.10
C GLY A 15 -5.68 7.28 4.10
N LYS A 16 -6.67 7.10 3.23
CA LYS A 16 -7.33 5.81 3.12
C LYS A 16 -6.27 4.70 3.00
N VAL A 17 -6.72 3.48 3.25
CA VAL A 17 -5.82 2.34 3.17
C VAL A 17 -6.15 1.53 1.91
N HIS A 18 -5.11 0.93 1.34
CA HIS A 18 -5.28 0.13 0.14
C HIS A 18 -4.61 -1.23 0.33
N LEU A 19 -5.34 -2.12 0.97
CA LEU A 19 -4.83 -3.46 1.23
C LEU A 19 -4.34 -4.08 -0.08
N CYS A 20 -3.07 -4.46 -0.08
CA CYS A 20 -2.47 -5.06 -1.25
C CYS A 20 -1.94 -6.45 -0.87
N VAL A 21 -1.74 -7.27 -1.89
CA VAL A 21 -1.24 -8.61 -1.67
C VAL A 21 -0.01 -8.86 -2.56
N ALA A 22 1.14 -8.93 -1.91
CA ALA A 22 2.38 -9.15 -2.64
C ALA A 22 2.14 -10.16 -3.76
N ARG A 23 2.67 -9.83 -4.93
CA ARG A 23 2.52 -10.70 -6.09
C ARG A 23 3.72 -11.66 -6.19
N TYR A 24 4.85 -11.17 -5.70
CA TYR A 24 6.07 -11.98 -5.74
C TYR A 24 6.95 -11.68 -4.52
N SER A 25 7.36 -12.76 -3.86
CA SER A 25 8.20 -12.64 -2.68
C SER A 25 9.32 -11.63 -2.93
N TYR A 26 9.55 -10.79 -1.93
CA TYR A 26 10.59 -9.77 -2.03
C TYR A 26 11.44 -9.74 -0.77
N ASN A 27 12.68 -9.29 -0.94
CA ASN A 27 13.60 -9.20 0.19
C ASN A 27 14.58 -8.05 -0.06
N PRO A 28 14.24 -6.87 0.53
CA PRO A 28 15.08 -5.69 0.38
C PRO A 28 16.33 -5.80 1.24
N PHE A 29 16.22 -6.61 2.29
CA PHE A 29 17.34 -6.81 3.20
C PHE A 29 18.20 -7.99 2.76
N ASP A 30 18.17 -8.26 1.46
CA ASP A 30 18.94 -9.35 0.90
C ASP A 30 20.08 -8.79 0.05
N GLY A 31 19.98 -7.51 -0.24
CA GLY A 31 20.99 -6.83 -1.03
C GLY A 31 21.81 -5.87 -0.17
N PRO A 32 22.77 -5.16 -0.84
CA PRO A 32 23.61 -4.20 -0.16
C PRO A 32 22.85 -2.92 0.16
N ASN A 33 21.60 -2.89 -0.27
CA ASN A 33 20.75 -1.73 -0.05
C ASN A 33 21.00 -1.20 1.37
N GLU A 34 21.47 0.04 1.42
CA GLU A 34 21.76 0.68 2.69
C GLU A 34 20.47 1.18 3.34
N ASN A 35 19.38 1.00 2.62
CA ASN A 35 18.07 1.43 3.11
C ASN A 35 17.03 0.36 2.77
N PRO A 36 17.27 -0.87 3.32
CA PRO A 36 16.36 -1.98 3.09
C PRO A 36 15.09 -1.82 3.91
N GLU A 37 15.24 -1.22 5.08
CA GLU A 37 14.11 -1.01 5.98
C GLU A 37 13.10 -0.06 5.32
N ALA A 38 13.61 0.79 4.45
CA ALA A 38 12.77 1.75 3.75
C ALA A 38 11.71 0.99 2.94
N GLU A 39 11.95 -0.29 2.77
CA GLU A 39 11.04 -1.13 2.01
C GLU A 39 10.51 -2.27 2.90
N LEU A 40 9.59 -3.04 2.34
CA LEU A 40 8.99 -4.15 3.05
C LEU A 40 9.21 -5.44 2.26
N PRO A 41 9.59 -6.52 3.01
CA PRO A 41 9.83 -7.81 2.39
C PRO A 41 8.51 -8.48 2.01
N LEU A 42 8.05 -8.18 0.81
CA LEU A 42 6.80 -8.75 0.31
C LEU A 42 6.90 -10.27 0.38
N THR A 43 5.74 -10.91 0.24
CA THR A 43 5.67 -12.36 0.27
C THR A 43 4.45 -12.86 -0.51
N ALA A 44 4.65 -13.07 -1.80
CA ALA A 44 3.58 -13.54 -2.65
C ALA A 44 2.46 -14.13 -1.79
N GLY A 45 1.35 -13.40 -1.73
CA GLY A 45 0.21 -13.85 -0.94
C GLY A 45 0.02 -12.94 0.28
N LYS A 46 1.12 -12.63 0.94
CA LYS A 46 1.08 -11.79 2.12
C LYS A 46 0.20 -10.57 1.85
N TYR A 47 -0.22 -9.93 2.93
CA TYR A 47 -1.06 -8.75 2.80
C TYR A 47 -0.45 -7.56 3.56
N LEU A 48 -0.69 -6.38 3.01
CA LEU A 48 -0.18 -5.16 3.61
C LEU A 48 -1.13 -4.01 3.33
N TYR A 49 -0.97 -2.94 4.09
CA TYR A 49 -1.81 -1.76 3.93
C TYR A 49 -0.98 -0.56 3.48
N VAL A 50 -1.26 -0.11 2.27
CA VAL A 50 -0.54 1.04 1.71
C VAL A 50 -1.46 2.27 1.76
N TYR A 51 -0.98 3.29 2.45
CA TYR A 51 -1.74 4.53 2.57
C TYR A 51 -1.32 5.54 1.50
N GLY A 52 -2.31 6.31 1.05
CA GLY A 52 -2.06 7.31 0.03
C GLY A 52 -1.72 6.66 -1.31
N ASP A 53 -1.45 7.50 -2.30
CA ASP A 53 -1.10 7.01 -3.62
C ASP A 53 0.37 6.61 -3.65
N MET A 54 0.95 6.66 -4.84
CA MET A 54 2.34 6.30 -5.02
C MET A 54 3.26 7.31 -4.34
N ASP A 55 4.42 6.82 -3.90
CA ASP A 55 5.39 7.67 -3.23
C ASP A 55 6.09 8.54 -4.27
N GLU A 56 6.91 9.46 -3.77
CA GLU A 56 7.65 10.35 -4.64
C GLU A 56 8.34 9.57 -5.76
N ASP A 57 8.75 8.36 -5.41
CA ASP A 57 9.43 7.50 -6.37
C ASP A 57 8.39 6.58 -7.04
N GLY A 58 7.28 6.40 -6.35
CA GLY A 58 6.21 5.55 -6.85
C GLY A 58 5.86 4.45 -5.86
N PHE A 59 6.85 4.11 -5.03
CA PHE A 59 6.65 3.07 -4.03
C PHE A 59 5.39 3.34 -3.20
N TYR A 60 4.85 2.26 -2.65
CA TYR A 60 3.66 2.37 -1.83
C TYR A 60 3.98 2.21 -0.35
N GLU A 61 3.55 3.18 0.43
CA GLU A 61 3.78 3.15 1.87
C GLU A 61 2.99 2.02 2.52
N GLY A 62 3.32 0.81 2.12
CA GLY A 62 2.64 -0.37 2.66
C GLY A 62 2.93 -0.53 4.15
N GLU A 63 2.00 -1.17 4.84
CA GLU A 63 2.16 -1.40 6.27
C GLU A 63 2.01 -2.89 6.59
N LEU A 64 3.09 -3.47 7.08
CA LEU A 64 3.10 -4.88 7.41
C LEU A 64 1.96 -5.18 8.39
N LEU A 65 1.96 -6.39 8.91
CA LEU A 65 0.93 -6.81 9.85
C LEU A 65 1.43 -6.57 11.28
N ASP A 66 2.70 -6.20 11.37
CA ASP A 66 3.31 -5.94 12.67
C ASP A 66 3.39 -4.43 12.90
N GLY A 67 3.02 -3.69 11.87
CA GLY A 67 3.04 -2.23 11.96
C GLY A 67 4.23 -1.67 11.18
N GLN A 68 4.96 -2.55 10.51
CA GLN A 68 6.12 -2.15 9.74
C GLN A 68 5.69 -1.24 8.58
N ARG A 69 6.23 -0.04 8.59
CA ARG A 69 5.92 0.93 7.56
C ARG A 69 7.12 1.10 6.61
N GLY A 70 7.04 0.41 5.48
CA GLY A 70 8.11 0.47 4.50
C GLY A 70 7.53 0.62 3.09
N LEU A 71 8.41 0.98 2.15
CA LEU A 71 8.00 1.16 0.78
C LEU A 71 7.53 -0.18 0.21
N VAL A 72 6.81 -0.11 -0.91
CA VAL A 72 6.29 -1.29 -1.55
C VAL A 72 6.06 -1.00 -3.03
N PRO A 73 6.72 -1.82 -3.89
CA PRO A 73 6.58 -1.66 -5.33
C PRO A 73 5.24 -2.19 -5.82
N SER A 74 4.56 -1.35 -6.59
CA SER A 74 3.26 -1.73 -7.13
C SER A 74 3.41 -2.83 -8.17
N ASN A 75 4.66 -3.12 -8.49
CA ASN A 75 4.97 -4.15 -9.48
C ASN A 75 5.11 -5.50 -8.77
N PHE A 76 4.98 -5.45 -7.44
CA PHE A 76 5.09 -6.66 -6.64
C PHE A 76 3.92 -6.77 -5.66
N VAL A 77 2.93 -5.92 -5.87
CA VAL A 77 1.76 -5.91 -5.01
C VAL A 77 0.50 -6.01 -5.86
N ASP A 78 -0.55 -6.56 -5.26
CA ASP A 78 -1.82 -6.71 -5.96
C ASP A 78 -2.96 -6.27 -5.04
N PHE A 79 -3.52 -5.12 -5.36
CA PHE A 79 -4.62 -4.58 -4.59
C PHE A 79 -5.68 -5.65 -4.31
N VAL A 80 -5.76 -6.05 -3.05
CA VAL A 80 -6.72 -7.07 -2.65
C VAL A 80 -7.96 -6.38 -2.06
N GLN A 81 -9.02 -7.16 -1.93
CA GLN A 81 -10.26 -6.65 -1.39
C GLN A 81 -10.57 -7.31 -0.04
N ASP A 82 -11.81 -7.78 0.09
CA ASP A 82 -12.24 -8.44 1.31
C ASP A 82 -12.36 -7.39 2.42
N ASN A 83 -11.22 -6.86 2.82
CA ASN A 83 -11.19 -5.85 3.88
C ASN A 83 -10.31 -4.69 3.44
N GLU A 84 -10.93 -3.74 2.74
CA GLU A 84 -10.21 -2.58 2.25
C GLU A 84 -9.80 -1.69 3.43
N SER A 85 -10.78 -1.23 4.17
CA SER A 85 -10.53 -0.38 5.32
C SER A 85 -11.85 0.01 5.98
N ARG A 86 -12.00 -0.40 7.23
CA ARG A 86 -13.20 -0.11 7.99
C ARG A 86 -13.55 1.38 7.86
N LEU A 87 -12.52 2.18 7.59
CA LEU A 87 -12.71 3.62 7.44
C LEU A 87 -13.72 3.88 6.32
N ALA A 88 -14.13 5.13 6.24
CA ALA A 88 -15.09 5.54 5.23
C ALA A 88 -14.59 6.80 4.53
N SER A 89 -15.32 7.21 3.50
CA SER A 89 -14.95 8.39 2.74
C SER A 89 -15.45 9.64 3.46
N THR A 90 -15.02 10.79 2.96
CA THR A 90 -15.40 12.06 3.54
C THR A 90 -14.89 13.22 2.69
N SER A 91 -15.74 14.23 2.54
CA SER A 91 -15.39 15.40 1.75
C SER A 91 -14.27 16.18 2.46
N GLY A 92 -13.62 17.04 1.68
CA GLY A 92 -12.55 17.85 2.22
C GLY A 92 -11.99 18.78 1.14
N PRO A 93 -12.49 20.05 1.14
CA PRO A 93 -12.05 21.04 0.18
C PRO A 93 -10.66 21.57 0.53
N SER A 94 -10.16 22.45 -0.31
CA SER A 94 -8.86 23.04 -0.09
C SER A 94 -8.66 24.24 -1.04
N SER A 95 -7.68 25.07 -0.69
CA SER A 95 -7.38 26.25 -1.49
C SER A 95 -8.61 27.15 -1.57
N GLY A 96 -8.49 28.31 -0.95
CA GLY A 96 -9.58 29.27 -0.95
C GLY A 96 -10.06 29.56 0.49
#